data_4LOM
# 
_entry.id   4LOM 
# 
_audit_conform.dict_name       mmcif_pdbx.dic 
_audit_conform.dict_version    5.381 
_audit_conform.dict_location   http://mmcif.pdb.org/dictionaries/ascii/mmcif_pdbx.dic 
# 
loop_
_database_2.database_id 
_database_2.database_code 
_database_2.pdbx_database_accession 
_database_2.pdbx_DOI 
PDB   4LOM         pdb_00004lom 10.2210/pdb4lom/pdb 
RCSB  RCSB080891   ?            ?                   
WWPDB D_1000080891 ?            ?                   
# 
loop_
_pdbx_database_related.db_name 
_pdbx_database_related.db_id 
_pdbx_database_related.details 
_pdbx_database_related.content_type 
PDB 4GQU . unspecified 
PDB 4LPF . unspecified 
# 
_pdbx_database_status.status_code                     REL 
_pdbx_database_status.entry_id                        4LOM 
_pdbx_database_status.recvd_initial_deposition_date   2013-07-13 
_pdbx_database_status.deposit_site                    RCSB 
_pdbx_database_status.process_site                    PDBJ 
_pdbx_database_status.methods_development_category    ? 
_pdbx_database_status.status_code_sf                  REL 
_pdbx_database_status.status_code_mr                  ? 
_pdbx_database_status.SG_entry                        ? 
_pdbx_database_status.status_code_cs                  ? 
_pdbx_database_status.pdb_format_compatible           Y 
_pdbx_database_status.status_code_nmr_data            ? 
# 
loop_
_audit_author.name 
_audit_author.pdbx_ordinal 
'Ahangar, M.S.' 1 
'Vyas, R.'      2 
'Nasir, N.'     3 
'Biswal, B.K.'  4 
# 
_citation.id                        primary 
_citation.title                     
;Crystal structures of the native, substrate- 
bound and inhibited forms of  Mycobacterium tuberculosis  imidazole glycerol phosphate dehydratase
;
_citation.journal_abbrev            'Acta Crystallogr.,Sect.D' 
_citation.journal_volume            ? 
_citation.page_first                ? 
_citation.page_last                 ? 
_citation.year                      2013 
_citation.journal_id_ASTM           ABCRE6 
_citation.country                   DK 
_citation.journal_id_ISSN           0907-4449 
_citation.journal_id_CSD            0766 
_citation.book_publisher            ? 
_citation.pdbx_database_id_PubMed   ? 
_citation.pdbx_database_id_DOI      ? 
# 
loop_
_citation_author.citation_id 
_citation_author.name 
_citation_author.ordinal 
_citation_author.identifier_ORCID 
primary 'Ahangar, M.S.' 1 ? 
primary 'Vyas, R.'      2 ? 
primary 'Nasir, N.'     3 ? 
primary 'Biswal, B.K.'  4 ? 
# 
_cell.entry_id           4LOM 
_cell.length_a           112.514 
_cell.length_b           112.514 
_cell.length_c           112.514 
_cell.angle_alpha        90.00 
_cell.angle_beta         90.00 
_cell.angle_gamma        90.00 
_cell.Z_PDB              24 
_cell.pdbx_unique_axis   ? 
_cell.length_a_esd       ? 
_cell.length_b_esd       ? 
_cell.length_c_esd       ? 
_cell.angle_alpha_esd    ? 
_cell.angle_beta_esd     ? 
_cell.angle_gamma_esd    ? 
# 
_symmetry.entry_id                         4LOM 
_symmetry.space_group_name_H-M             'P 4 3 2' 
_symmetry.pdbx_full_space_group_name_H-M   ? 
_symmetry.cell_setting                     ? 
_symmetry.Int_Tables_number                207 
_symmetry.space_group_name_Hall            ? 
# 
loop_
_entity.id 
_entity.type 
_entity.src_method 
_entity.pdbx_description 
_entity.formula_weight 
_entity.pdbx_number_of_molecules 
_entity.pdbx_ec 
_entity.pdbx_mutation 
_entity.pdbx_fragment 
_entity.details 
1 polymer     man 'Imidazoleglycerol-phosphate dehydratase'                               23633.516 1  4.2.1.19 ? 
'UNP residues 2-210' ? 
2 non-polymer syn '(2R,3S)-2,3-dihydroxy-3-(1H-imidazol-5-yl)propyl dihydrogen phosphate' 238.135   1  ?        ? ? ? 
3 non-polymer syn 'MANGANESE (II) ION'                                                    54.938    3  ?        ? ? ? 
4 water       nat water                                                                   18.015    73 ?        ? ? ? 
# 
_entity_name_com.entity_id   1 
_entity_name_com.name        IGPD 
# 
_entity_poly.entity_id                      1 
_entity_poly.type                           'polypeptide(L)' 
_entity_poly.nstd_linkage                   no 
_entity_poly.nstd_monomer                   no 
_entity_poly.pdbx_seq_one_letter_code       
;MHHHHHHTTTQTAKASRRARIERRTRESDIVIELDLDGTGQVAVDTGVPFYDHMLTALGSHASFDLTVRATGDVEIEAHH
TIEDTAIALGTALGQALGDKRGIRRFGDAFIPMDETLAHAAVDLSGRPYCVHTGEPDHLQHTTIAGSSVPYHTVINRHVF
ESLAANARIALHVRVLYGRDPHHITEAQYKAVARALRQAVEPDPRVSGVPSTKGAL
;
_entity_poly.pdbx_seq_one_letter_code_can   
;MHHHHHHTTTQTAKASRRARIERRTRESDIVIELDLDGTGQVAVDTGVPFYDHMLTALGSHASFDLTVRATGDVEIEAHH
TIEDTAIALGTALGQALGDKRGIRRFGDAFIPMDETLAHAAVDLSGRPYCVHTGEPDHLQHTTIAGSSVPYHTVINRHVF
ESLAANARIALHVRVLYGRDPHHITEAQYKAVARALRQAVEPDPRVSGVPSTKGAL
;
_entity_poly.pdbx_strand_id                 A 
_entity_poly.pdbx_target_identifier         ? 
# 
loop_
_entity_poly_seq.entity_id 
_entity_poly_seq.num 
_entity_poly_seq.mon_id 
_entity_poly_seq.hetero 
1 1   MET n 
1 2   HIS n 
1 3   HIS n 
1 4   HIS n 
1 5   HIS n 
1 6   HIS n 
1 7   HIS n 
1 8   THR n 
1 9   THR n 
1 10  THR n 
1 11  GLN n 
1 12  THR n 
1 13  ALA n 
1 14  LYS n 
1 15  ALA n 
1 16  SER n 
1 17  ARG n 
1 18  ARG n 
1 19  ALA n 
1 20  ARG n 
1 21  ILE n 
1 22  GLU n 
1 23  ARG n 
1 24  ARG n 
1 25  THR n 
1 26  ARG n 
1 27  GLU n 
1 28  SER n 
1 29  ASP n 
1 30  ILE n 
1 31  VAL n 
1 32  ILE n 
1 33  GLU n 
1 34  LEU n 
1 35  ASP n 
1 36  LEU n 
1 37  ASP n 
1 38  GLY n 
1 39  THR n 
1 40  GLY n 
1 41  GLN n 
1 42  VAL n 
1 43  ALA n 
1 44  VAL n 
1 45  ASP n 
1 46  THR n 
1 47  GLY n 
1 48  VAL n 
1 49  PRO n 
1 50  PHE n 
1 51  TYR n 
1 52  ASP n 
1 53  HIS n 
1 54  MET n 
1 55  LEU n 
1 56  THR n 
1 57  ALA n 
1 58  LEU n 
1 59  GLY n 
1 60  SER n 
1 61  HIS n 
1 62  ALA n 
1 63  SER n 
1 64  PHE n 
1 65  ASP n 
1 66  LEU n 
1 67  THR n 
1 68  VAL n 
1 69  ARG n 
1 70  ALA n 
1 71  THR n 
1 72  GLY n 
1 73  ASP n 
1 74  VAL n 
1 75  GLU n 
1 76  ILE n 
1 77  GLU n 
1 78  ALA n 
1 79  HIS n 
1 80  HIS n 
1 81  THR n 
1 82  ILE n 
1 83  GLU n 
1 84  ASP n 
1 85  THR n 
1 86  ALA n 
1 87  ILE n 
1 88  ALA n 
1 89  LEU n 
1 90  GLY n 
1 91  THR n 
1 92  ALA n 
1 93  LEU n 
1 94  GLY n 
1 95  GLN n 
1 96  ALA n 
1 97  LEU n 
1 98  GLY n 
1 99  ASP n 
1 100 LYS n 
1 101 ARG n 
1 102 GLY n 
1 103 ILE n 
1 104 ARG n 
1 105 ARG n 
1 106 PHE n 
1 107 GLY n 
1 108 ASP n 
1 109 ALA n 
1 110 PHE n 
1 111 ILE n 
1 112 PRO n 
1 113 MET n 
1 114 ASP n 
1 115 GLU n 
1 116 THR n 
1 117 LEU n 
1 118 ALA n 
1 119 HIS n 
1 120 ALA n 
1 121 ALA n 
1 122 VAL n 
1 123 ASP n 
1 124 LEU n 
1 125 SER n 
1 126 GLY n 
1 127 ARG n 
1 128 PRO n 
1 129 TYR n 
1 130 CYS n 
1 131 VAL n 
1 132 HIS n 
1 133 THR n 
1 134 GLY n 
1 135 GLU n 
1 136 PRO n 
1 137 ASP n 
1 138 HIS n 
1 139 LEU n 
1 140 GLN n 
1 141 HIS n 
1 142 THR n 
1 143 THR n 
1 144 ILE n 
1 145 ALA n 
1 146 GLY n 
1 147 SER n 
1 148 SER n 
1 149 VAL n 
1 150 PRO n 
1 151 TYR n 
1 152 HIS n 
1 153 THR n 
1 154 VAL n 
1 155 ILE n 
1 156 ASN n 
1 157 ARG n 
1 158 HIS n 
1 159 VAL n 
1 160 PHE n 
1 161 GLU n 
1 162 SER n 
1 163 LEU n 
1 164 ALA n 
1 165 ALA n 
1 166 ASN n 
1 167 ALA n 
1 168 ARG n 
1 169 ILE n 
1 170 ALA n 
1 171 LEU n 
1 172 HIS n 
1 173 VAL n 
1 174 ARG n 
1 175 VAL n 
1 176 LEU n 
1 177 TYR n 
1 178 GLY n 
1 179 ARG n 
1 180 ASP n 
1 181 PRO n 
1 182 HIS n 
1 183 HIS n 
1 184 ILE n 
1 185 THR n 
1 186 GLU n 
1 187 ALA n 
1 188 GLN n 
1 189 TYR n 
1 190 LYS n 
1 191 ALA n 
1 192 VAL n 
1 193 ALA n 
1 194 ARG n 
1 195 ALA n 
1 196 LEU n 
1 197 ARG n 
1 198 GLN n 
1 199 ALA n 
1 200 VAL n 
1 201 GLU n 
1 202 PRO n 
1 203 ASP n 
1 204 PRO n 
1 205 ARG n 
1 206 VAL n 
1 207 SER n 
1 208 GLY n 
1 209 VAL n 
1 210 PRO n 
1 211 SER n 
1 212 THR n 
1 213 LYS n 
1 214 GLY n 
1 215 ALA n 
1 216 LEU n 
# 
_entity_src_gen.entity_id                          1 
_entity_src_gen.pdbx_src_id                        1 
_entity_src_gen.pdbx_alt_source_flag               sample 
_entity_src_gen.pdbx_seq_type                      ? 
_entity_src_gen.pdbx_beg_seq_num                   ? 
_entity_src_gen.pdbx_end_seq_num                   ? 
_entity_src_gen.gene_src_common_name               ? 
_entity_src_gen.gene_src_genus                     ? 
_entity_src_gen.pdbx_gene_src_gene                 'hisB, RVBD_1601' 
_entity_src_gen.gene_src_species                   ? 
_entity_src_gen.gene_src_strain                    H37Rv 
_entity_src_gen.gene_src_tissue                    ? 
_entity_src_gen.gene_src_tissue_fraction           ? 
_entity_src_gen.gene_src_details                   ? 
_entity_src_gen.pdbx_gene_src_fragment             ? 
_entity_src_gen.pdbx_gene_src_scientific_name      'Mycobacterium tuberculosis' 
_entity_src_gen.pdbx_gene_src_ncbi_taxonomy_id     83332 
_entity_src_gen.pdbx_gene_src_variant              ? 
_entity_src_gen.pdbx_gene_src_cell_line            ? 
_entity_src_gen.pdbx_gene_src_atcc                 ? 
_entity_src_gen.pdbx_gene_src_organ                ? 
_entity_src_gen.pdbx_gene_src_organelle            ? 
_entity_src_gen.pdbx_gene_src_cell                 ? 
_entity_src_gen.pdbx_gene_src_cellular_location    ? 
_entity_src_gen.host_org_common_name               ? 
_entity_src_gen.pdbx_host_org_scientific_name      'Mycobacterium smegmatis' 
_entity_src_gen.pdbx_host_org_ncbi_taxonomy_id     1772 
_entity_src_gen.host_org_genus                     ? 
_entity_src_gen.pdbx_host_org_gene                 ? 
_entity_src_gen.pdbx_host_org_organ                ? 
_entity_src_gen.host_org_species                   ? 
_entity_src_gen.pdbx_host_org_tissue               ? 
_entity_src_gen.pdbx_host_org_tissue_fraction      ? 
_entity_src_gen.pdbx_host_org_strain               'mc2(4517)' 
_entity_src_gen.pdbx_host_org_variant              ? 
_entity_src_gen.pdbx_host_org_cell_line            ? 
_entity_src_gen.pdbx_host_org_atcc                 ? 
_entity_src_gen.pdbx_host_org_culture_collection   ? 
_entity_src_gen.pdbx_host_org_cell                 ? 
_entity_src_gen.pdbx_host_org_organelle            ? 
_entity_src_gen.pdbx_host_org_cellular_location    ? 
_entity_src_gen.pdbx_host_org_vector_type          ? 
_entity_src_gen.pdbx_host_org_vector               ? 
_entity_src_gen.host_org_details                   ? 
_entity_src_gen.expression_system_id               ? 
_entity_src_gen.plasmid_name                       pYUB1062 
_entity_src_gen.plasmid_details                    ? 
_entity_src_gen.pdbx_description                   ? 
# 
_struct_ref.id                         1 
_struct_ref.db_name                    UNP 
_struct_ref.db_code                    I6XBW5_MYCTU 
_struct_ref.pdbx_db_accession          I6XBW5 
_struct_ref.entity_id                  1 
_struct_ref.pdbx_seq_one_letter_code   
;TTTQTAKASRRARIERRTRESDIVIELDLDGTGQVAVDTGVPFYDHMLTALGSHASFDLTVRATGDVEIEAHHTIEDTAI
ALGTALGQALGDKRGIRRFGDAFIPMDETLAHAAVDLSGRPYCVHTGEPDHLQHTTIAGSSVPYHTVINRHVFESLAANA
RIALHVRVLYGRDPHHITEAQYKAVARALRQAVEPDPRVSGVPSTKGAL
;
_struct_ref.pdbx_align_begin           2 
_struct_ref.pdbx_db_isoform            ? 
# 
_struct_ref_seq.align_id                      1 
_struct_ref_seq.ref_id                        1 
_struct_ref_seq.pdbx_PDB_id_code              4LOM 
_struct_ref_seq.pdbx_strand_id                A 
_struct_ref_seq.seq_align_beg                 8 
_struct_ref_seq.pdbx_seq_align_beg_ins_code   ? 
_struct_ref_seq.seq_align_end                 216 
_struct_ref_seq.pdbx_seq_align_end_ins_code   ? 
_struct_ref_seq.pdbx_db_accession             I6XBW5 
_struct_ref_seq.db_align_beg                  2 
_struct_ref_seq.pdbx_db_align_beg_ins_code    ? 
_struct_ref_seq.db_align_end                  210 
_struct_ref_seq.pdbx_db_align_end_ins_code    ? 
_struct_ref_seq.pdbx_auth_seq_align_beg       2 
_struct_ref_seq.pdbx_auth_seq_align_end       210 
# 
loop_
_struct_ref_seq_dif.align_id 
_struct_ref_seq_dif.pdbx_pdb_id_code 
_struct_ref_seq_dif.mon_id 
_struct_ref_seq_dif.pdbx_pdb_strand_id 
_struct_ref_seq_dif.seq_num 
_struct_ref_seq_dif.pdbx_pdb_ins_code 
_struct_ref_seq_dif.pdbx_seq_db_name 
_struct_ref_seq_dif.pdbx_seq_db_accession_code 
_struct_ref_seq_dif.db_mon_id 
_struct_ref_seq_dif.pdbx_seq_db_seq_num 
_struct_ref_seq_dif.details 
_struct_ref_seq_dif.pdbx_auth_seq_num 
_struct_ref_seq_dif.pdbx_ordinal 
1 4LOM MET A 1 ? UNP I6XBW5 ? ? 'expression tag' -5 1 
1 4LOM HIS A 2 ? UNP I6XBW5 ? ? 'expression tag' -4 2 
1 4LOM HIS A 3 ? UNP I6XBW5 ? ? 'expression tag' -3 3 
1 4LOM HIS A 4 ? UNP I6XBW5 ? ? 'expression tag' -2 4 
1 4LOM HIS A 5 ? UNP I6XBW5 ? ? 'expression tag' -1 5 
1 4LOM HIS A 6 ? UNP I6XBW5 ? ? 'expression tag' 0  6 
1 4LOM HIS A 7 ? UNP I6XBW5 ? ? 'expression tag' 1  7 
# 
loop_
_chem_comp.id 
_chem_comp.type 
_chem_comp.mon_nstd_flag 
_chem_comp.name 
_chem_comp.pdbx_synonyms 
_chem_comp.formula 
_chem_comp.formula_weight 
ALA 'L-peptide linking' y ALANINE                                                                 ? 'C3 H7 N O2'     89.093  
ARG 'L-peptide linking' y ARGININE                                                                ? 'C6 H15 N4 O2 1' 175.209 
ASN 'L-peptide linking' y ASPARAGINE                                                              ? 'C4 H8 N2 O3'    132.118 
ASP 'L-peptide linking' y 'ASPARTIC ACID'                                                         ? 'C4 H7 N O4'     133.103 
CYS 'L-peptide linking' y CYSTEINE                                                                ? 'C3 H7 N O2 S'   121.158 
GLN 'L-peptide linking' y GLUTAMINE                                                               ? 'C5 H10 N2 O3'   146.144 
GLU 'L-peptide linking' y 'GLUTAMIC ACID'                                                         ? 'C5 H9 N O4'     147.129 
GLY 'peptide linking'   y GLYCINE                                                                 ? 'C2 H5 N O2'     75.067  
HIS 'L-peptide linking' y HISTIDINE                                                               ? 'C6 H10 N3 O2 1' 156.162 
HOH non-polymer         . WATER                                                                   ? 'H2 O'           18.015  
ILE 'L-peptide linking' y ISOLEUCINE                                                              ? 'C6 H13 N O2'    131.173 
IYP non-polymer         . '(2R,3S)-2,3-dihydroxy-3-(1H-imidazol-5-yl)propyl dihydrogen phosphate' ? 'C6 H11 N2 O6 P' 238.135 
LEU 'L-peptide linking' y LEUCINE                                                                 ? 'C6 H13 N O2'    131.173 
LYS 'L-peptide linking' y LYSINE                                                                  ? 'C6 H15 N2 O2 1' 147.195 
MET 'L-peptide linking' y METHIONINE                                                              ? 'C5 H11 N O2 S'  149.211 
MN  non-polymer         . 'MANGANESE (II) ION'                                                    ? 'Mn 2'           54.938  
PHE 'L-peptide linking' y PHENYLALANINE                                                           ? 'C9 H11 N O2'    165.189 
PRO 'L-peptide linking' y PROLINE                                                                 ? 'C5 H9 N O2'     115.130 
SER 'L-peptide linking' y SERINE                                                                  ? 'C3 H7 N O3'     105.093 
THR 'L-peptide linking' y THREONINE                                                               ? 'C4 H9 N O3'     119.119 
TYR 'L-peptide linking' y TYROSINE                                                                ? 'C9 H11 N O3'    181.189 
VAL 'L-peptide linking' y VALINE                                                                  ? 'C5 H11 N O2'    117.146 
# 
_exptl.entry_id          4LOM 
_exptl.method            'X-RAY DIFFRACTION' 
_exptl.crystals_number   1 
# 
_exptl_crystal.id                    1 
_exptl_crystal.density_meas          ? 
_exptl_crystal.density_Matthews      2.51 
_exptl_crystal.density_percent_sol   51.02 
_exptl_crystal.description           ? 
_exptl_crystal.F_000                 ? 
_exptl_crystal.preparation           ? 
# 
_exptl_crystal_grow.crystal_id      1 
_exptl_crystal_grow.method          'VAPOR DIFFUSION, HANGING DROP' 
_exptl_crystal_grow.temp            298 
_exptl_crystal_grow.temp_details    ? 
_exptl_crystal_grow.pH              8.5 
_exptl_crystal_grow.pdbx_details    
;20% PEG1500, 0.2M Sodium Citrate, 0.1M Tris HCl, 4mM Imidazole Glycerol Phosphate, pH 8.5, VAPOR DIFFUSION, HANGING DROP, temperature 298K
;
_exptl_crystal_grow.pdbx_pH_range   . 
# 
_diffrn.id                     1 
_diffrn.ambient_temp           100 
_diffrn.ambient_temp_details   ? 
_diffrn.crystal_id             1 
# 
_diffrn_detector.diffrn_id              1 
_diffrn_detector.detector               CCD 
_diffrn_detector.type                   'MARMOSAIC 225 mm CCD' 
_diffrn_detector.pdbx_collection_date   2011-11-26 
_diffrn_detector.details                ? 
# 
_diffrn_radiation.diffrn_id                        1 
_diffrn_radiation.wavelength_id                    1 
_diffrn_radiation.pdbx_monochromatic_or_laue_m_l   M 
_diffrn_radiation.monochromator                    ? 
_diffrn_radiation.pdbx_diffrn_protocol             'SINGLE WAVELENGTH' 
_diffrn_radiation.pdbx_scattering_type             x-ray 
# 
_diffrn_radiation_wavelength.id           1 
_diffrn_radiation_wavelength.wavelength   0.95372 
_diffrn_radiation_wavelength.wt           1.0 
# 
_diffrn_source.diffrn_id                   1 
_diffrn_source.source                      SYNCHROTRON 
_diffrn_source.type                        'ESRF BEAMLINE BM14' 
_diffrn_source.pdbx_synchrotron_site       ESRF 
_diffrn_source.pdbx_synchrotron_beamline   BM14 
_diffrn_source.pdbx_wavelength             ? 
_diffrn_source.pdbx_wavelength_list        0.95372 
# 
_reflns.entry_id                     4LOM 
_reflns.observed_criterion_sigma_I   0.00 
_reflns.observed_criterion_sigma_F   0.00 
_reflns.d_resolution_low             37.51 
_reflns.d_resolution_high            2.10 
_reflns.number_obs                   14776 
_reflns.number_all                   ? 
_reflns.percent_possible_obs         99.7 
_reflns.pdbx_Rmerge_I_obs            ? 
_reflns.pdbx_Rsym_value              ? 
_reflns.pdbx_netI_over_sigmaI        ? 
_reflns.B_iso_Wilson_estimate        ? 
_reflns.pdbx_redundancy              ? 
_reflns.R_free_details               ? 
_reflns.limit_h_max                  ? 
_reflns.limit_h_min                  ? 
_reflns.limit_k_max                  ? 
_reflns.limit_k_min                  ? 
_reflns.limit_l_max                  ? 
_reflns.limit_l_min                  ? 
_reflns.observed_criterion_F_max     ? 
_reflns.observed_criterion_F_min     ? 
_reflns.pdbx_chi_squared             ? 
_reflns.pdbx_scaling_rejects         ? 
_reflns.pdbx_ordinal                 1 
_reflns.pdbx_diffrn_id               1 
# 
_refine.entry_id                                 4LOM 
_refine.ls_number_reflns_obs                     14028 
_refine.ls_number_reflns_all                     ? 
_refine.pdbx_ls_sigma_I                          ? 
_refine.pdbx_ls_sigma_F                          ? 
_refine.pdbx_data_cutoff_high_absF               ? 
_refine.pdbx_data_cutoff_low_absF                ? 
_refine.pdbx_data_cutoff_high_rms_absF           ? 
_refine.ls_d_res_low                             37.50 
_refine.ls_d_res_high                            2.10 
_refine.ls_percent_reflns_obs                    99.63 
_refine.ls_R_factor_obs                          0.19863 
_refine.ls_R_factor_all                          ? 
_refine.ls_R_factor_R_work                       0.19604 
_refine.ls_R_factor_R_free                       0.24909 
_refine.ls_R_factor_R_free_error                 ? 
_refine.ls_R_factor_R_free_error_details         ? 
_refine.ls_percent_reflns_R_free                 5.0 
_refine.ls_number_reflns_R_free                  746 
_refine.ls_number_parameters                     ? 
_refine.ls_number_restraints                     ? 
_refine.occupancy_min                            ? 
_refine.occupancy_max                            ? 
_refine.correlation_coeff_Fo_to_Fc               0.950 
_refine.correlation_coeff_Fo_to_Fc_free          0.909 
_refine.B_iso_mean                               27.815 
_refine.aniso_B[1][1]                            0.00 
_refine.aniso_B[2][2]                            0.00 
_refine.aniso_B[3][3]                            0.00 
_refine.aniso_B[1][2]                            0.00 
_refine.aniso_B[1][3]                            0.00 
_refine.aniso_B[2][3]                            0.00 
_refine.solvent_model_details                    MASK 
_refine.solvent_model_param_ksol                 ? 
_refine.solvent_model_param_bsol                 ? 
_refine.pdbx_solvent_vdw_probe_radii             1.20 
_refine.pdbx_solvent_ion_probe_radii             0.80 
_refine.pdbx_solvent_shrinkage_radii             0.80 
_refine.pdbx_ls_cross_valid_method               THROUGHOUT 
_refine.details                                  ? 
_refine.pdbx_starting_model                      4GQU 
_refine.pdbx_method_to_determine_struct          'MOLECULAR REPLACEMENT' 
_refine.pdbx_isotropic_thermal_model             ? 
_refine.pdbx_stereochemistry_target_values       'MAXIMUM LIKELIHOOD' 
_refine.pdbx_stereochem_target_val_spec_case     ? 
_refine.pdbx_R_Free_selection_details            RANDOM 
_refine.pdbx_overall_ESU_R                       0.189 
_refine.pdbx_overall_ESU_R_Free                  0.178 
_refine.overall_SU_ML                            0.133 
_refine.pdbx_overall_phase_error                 ? 
_refine.overall_SU_B                             5.359 
_refine.overall_SU_R_Cruickshank_DPI             ? 
_refine.ls_redundancy_reflns_obs                 ? 
_refine.B_iso_min                                ? 
_refine.B_iso_max                                ? 
_refine.overall_SU_R_free                        ? 
_refine.ls_wR_factor_R_free                      ? 
_refine.ls_wR_factor_R_work                      ? 
_refine.overall_FOM_free_R_set                   ? 
_refine.overall_FOM_work_R_set                   ? 
_refine.pdbx_diffrn_id                           1 
_refine.pdbx_refine_id                           'X-RAY DIFFRACTION' 
_refine.pdbx_TLS_residual_ADP_flag               ? 
_refine.pdbx_overall_SU_R_free_Cruickshank_DPI   ? 
_refine.pdbx_overall_SU_R_Blow_DPI               ? 
_refine.pdbx_overall_SU_R_free_Blow_DPI          ? 
# 
_refine_hist.pdbx_refine_id                   'X-RAY DIFFRACTION' 
_refine_hist.cycle_id                         LAST 
_refine_hist.pdbx_number_atoms_protein        1476 
_refine_hist.pdbx_number_atoms_nucleic_acid   0 
_refine_hist.pdbx_number_atoms_ligand         18 
_refine_hist.number_atoms_solvent             73 
_refine_hist.number_atoms_total               1567 
_refine_hist.d_res_high                       2.10 
_refine_hist.d_res_low                        37.50 
# 
loop_
_refine_ls_restr.type 
_refine_ls_restr.dev_ideal 
_refine_ls_restr.dev_ideal_target 
_refine_ls_restr.weight 
_refine_ls_restr.number 
_refine_ls_restr.pdbx_restraint_function 
_refine_ls_restr.pdbx_refine_id 
r_bond_refined_d             0.006  0.019  ? 1526 ? 'X-RAY DIFFRACTION' 
r_bond_other_d               0.002  0.020  ? 1443 ? 'X-RAY DIFFRACTION' 
r_angle_refined_deg          1.192  1.948  ? 2078 ? 'X-RAY DIFFRACTION' 
r_angle_other_deg            0.727  3.000  ? 3296 ? 'X-RAY DIFFRACTION' 
r_dihedral_angle_1_deg       5.660  5.000  ? 192  ? 'X-RAY DIFFRACTION' 
r_dihedral_angle_2_deg       37.643 22.027 ? 74   ? 'X-RAY DIFFRACTION' 
r_dihedral_angle_3_deg       16.573 15.000 ? 235  ? 'X-RAY DIFFRACTION' 
r_dihedral_angle_4_deg       13.721 15.000 ? 18   ? 'X-RAY DIFFRACTION' 
r_chiral_restr               0.062  0.200  ? 239  ? 'X-RAY DIFFRACTION' 
r_gen_planes_refined         0.004  0.021  ? 1740 ? 'X-RAY DIFFRACTION' 
r_gen_planes_other           0.001  0.020  ? 368  ? 'X-RAY DIFFRACTION' 
r_nbd_refined                ?      ?      ? ?    ? 'X-RAY DIFFRACTION' 
r_nbd_other                  ?      ?      ? ?    ? 'X-RAY DIFFRACTION' 
r_nbtor_refined              ?      ?      ? ?    ? 'X-RAY DIFFRACTION' 
r_nbtor_other                ?      ?      ? ?    ? 'X-RAY DIFFRACTION' 
r_xyhbond_nbd_refined        ?      ?      ? ?    ? 'X-RAY DIFFRACTION' 
r_xyhbond_nbd_other          ?      ?      ? ?    ? 'X-RAY DIFFRACTION' 
r_metal_ion_refined          ?      ?      ? ?    ? 'X-RAY DIFFRACTION' 
r_metal_ion_other            ?      ?      ? ?    ? 'X-RAY DIFFRACTION' 
r_symmetry_vdw_refined       ?      ?      ? ?    ? 'X-RAY DIFFRACTION' 
r_symmetry_vdw_other         ?      ?      ? ?    ? 'X-RAY DIFFRACTION' 
r_symmetry_hbond_refined     ?      ?      ? ?    ? 'X-RAY DIFFRACTION' 
r_symmetry_hbond_other       ?      ?      ? ?    ? 'X-RAY DIFFRACTION' 
r_symmetry_metal_ion_refined ?      ?      ? ?    ? 'X-RAY DIFFRACTION' 
r_symmetry_metal_ion_other   ?      ?      ? ?    ? 'X-RAY DIFFRACTION' 
r_mcbond_it                  ?      ?      ? ?    ? 'X-RAY DIFFRACTION' 
r_mcbond_other               ?      ?      ? ?    ? 'X-RAY DIFFRACTION' 
r_mcangle_it                 ?      ?      ? ?    ? 'X-RAY DIFFRACTION' 
r_mcangle_other              ?      ?      ? ?    ? 'X-RAY DIFFRACTION' 
r_scbond_it                  ?      ?      ? ?    ? 'X-RAY DIFFRACTION' 
r_scbond_other               ?      ?      ? ?    ? 'X-RAY DIFFRACTION' 
r_scangle_it                 ?      ?      ? ?    ? 'X-RAY DIFFRACTION' 
r_scangle_other              ?      ?      ? ?    ? 'X-RAY DIFFRACTION' 
r_long_range_B_refined       ?      ?      ? ?    ? 'X-RAY DIFFRACTION' 
r_long_range_B_other         ?      ?      ? ?    ? 'X-RAY DIFFRACTION' 
r_rigid_bond_restr           ?      ?      ? ?    ? 'X-RAY DIFFRACTION' 
r_sphericity_free            ?      ?      ? ?    ? 'X-RAY DIFFRACTION' 
r_sphericity_bonded          ?      ?      ? ?    ? 'X-RAY DIFFRACTION' 
# 
_refine_ls_shell.pdbx_refine_id                   'X-RAY DIFFRACTION' 
_refine_ls_shell.pdbx_total_number_of_bins_used   20 
_refine_ls_shell.d_res_high                       2.100 
_refine_ls_shell.d_res_low                        2.155 
_refine_ls_shell.number_reflns_R_work             978 
_refine_ls_shell.R_factor_R_work                  0.332 
_refine_ls_shell.percent_reflns_obs               96.92 
_refine_ls_shell.R_factor_R_free                  0.373 
_refine_ls_shell.R_factor_R_free_error            ? 
_refine_ls_shell.percent_reflns_R_free            ? 
_refine_ls_shell.number_reflns_R_free             59 
_refine_ls_shell.number_reflns_all                ? 
_refine_ls_shell.R_factor_all                     ? 
_refine_ls_shell.number_reflns_obs                ? 
_refine_ls_shell.redundancy_reflns_obs            ? 
# 
_struct.entry_id                  4LOM 
_struct.title                     'Crystal Structure of Mycobacterium tuberculosis HisB in complex with its substrate' 
_struct.pdbx_model_details        ? 
_struct.pdbx_CASP_flag            ? 
_struct.pdbx_model_type_details   ? 
# 
_struct_keywords.entry_id        4LOM 
_struct_keywords.pdbx_keywords   LYASE 
_struct_keywords.text            'ENZYME-SUBSTRATE COMPLEX, Dehydratase, LYASE' 
# 
loop_
_struct_asym.id 
_struct_asym.pdbx_blank_PDB_chainid_flag 
_struct_asym.pdbx_modified 
_struct_asym.entity_id 
_struct_asym.details 
A N N 1 ? 
B N N 2 ? 
C N N 3 ? 
D N N 3 ? 
E N N 3 ? 
F N N 4 ? 
# 
_struct_biol.id        1 
_struct_biol.details   ? 
# 
loop_
_struct_conf.conf_type_id 
_struct_conf.id 
_struct_conf.pdbx_PDB_helix_id 
_struct_conf.beg_label_comp_id 
_struct_conf.beg_label_asym_id 
_struct_conf.beg_label_seq_id 
_struct_conf.pdbx_beg_PDB_ins_code 
_struct_conf.end_label_comp_id 
_struct_conf.end_label_asym_id 
_struct_conf.end_label_seq_id 
_struct_conf.pdbx_end_PDB_ins_code 
_struct_conf.beg_auth_comp_id 
_struct_conf.beg_auth_asym_id 
_struct_conf.beg_auth_seq_id 
_struct_conf.end_auth_comp_id 
_struct_conf.end_auth_asym_id 
_struct_conf.end_auth_seq_id 
_struct_conf.pdbx_PDB_helix_class 
_struct_conf.details 
_struct_conf.pdbx_PDB_helix_length 
HELX_P HELX_P1 1 VAL A 48  ? ALA A 62  ? VAL A 42  ALA A 56  1 ? 15 
HELX_P HELX_P2 2 ALA A 78  ? GLY A 98  ? ALA A 72  GLY A 92  1 ? 21 
HELX_P HELX_P3 3 PRO A 136 ? HIS A 141 ? PRO A 130 HIS A 135 5 ? 6  
HELX_P HELX_P4 4 VAL A 154 ? ARG A 168 ? VAL A 148 ARG A 162 1 ? 15 
HELX_P HELX_P5 5 ASP A 180 ? GLU A 201 ? ASP A 174 GLU A 195 1 ? 22 
# 
_struct_conf_type.id          HELX_P 
_struct_conf_type.criteria    ? 
_struct_conf_type.reference   ? 
# 
loop_
_struct_conn.id 
_struct_conn.conn_type_id 
_struct_conn.pdbx_leaving_atom_flag 
_struct_conn.pdbx_PDB_id 
_struct_conn.ptnr1_label_asym_id 
_struct_conn.ptnr1_label_comp_id 
_struct_conn.ptnr1_label_seq_id 
_struct_conn.ptnr1_label_atom_id 
_struct_conn.pdbx_ptnr1_label_alt_id 
_struct_conn.pdbx_ptnr1_PDB_ins_code 
_struct_conn.pdbx_ptnr1_standard_comp_id 
_struct_conn.ptnr1_symmetry 
_struct_conn.ptnr2_label_asym_id 
_struct_conn.ptnr2_label_comp_id 
_struct_conn.ptnr2_label_seq_id 
_struct_conn.ptnr2_label_atom_id 
_struct_conn.pdbx_ptnr2_label_alt_id 
_struct_conn.pdbx_ptnr2_PDB_ins_code 
_struct_conn.ptnr1_auth_asym_id 
_struct_conn.ptnr1_auth_comp_id 
_struct_conn.ptnr1_auth_seq_id 
_struct_conn.ptnr2_auth_asym_id 
_struct_conn.ptnr2_auth_comp_id 
_struct_conn.ptnr2_auth_seq_id 
_struct_conn.ptnr2_symmetry 
_struct_conn.pdbx_ptnr3_label_atom_id 
_struct_conn.pdbx_ptnr3_label_seq_id 
_struct_conn.pdbx_ptnr3_label_comp_id 
_struct_conn.pdbx_ptnr3_label_asym_id 
_struct_conn.pdbx_ptnr3_label_alt_id 
_struct_conn.pdbx_ptnr3_PDB_ins_code 
_struct_conn.details 
_struct_conn.pdbx_dist_value 
_struct_conn.pdbx_value_order 
_struct_conn.pdbx_role 
metalc1 metalc ? ? A HIS 53  NE2 ? ? ? 1_555 D MN  . MN ? ? A HIS 47  A MN  303 1_555 ? ? ? ? ? ? ? 2.416 ? ? 
metalc2 metalc ? ? A HIS 79  NE2 ? ? ? 1_555 C MN  . MN ? ? A HIS 73  A MN  302 1_555 ? ? ? ? ? ? ? 2.263 ? ? 
metalc3 metalc ? ? A GLU 83  OE1 ? ? ? 1_555 C MN  . MN ? ? A GLU 77  A MN  302 1_555 ? ? ? ? ? ? ? 2.333 ? ? 
metalc4 metalc ? ? A HIS 158 NE2 ? ? ? 1_555 C MN  . MN ? ? A HIS 152 A MN  302 1_555 ? ? ? ? ? ? ? 2.254 ? ? 
metalc5 metalc ? ? A HIS 182 NE2 ? ? ? 1_555 D MN  . MN ? ? A HIS 176 A MN  303 1_555 ? ? ? ? ? ? ? 2.292 ? ? 
metalc6 metalc ? ? A GLU 186 OE1 ? ? ? 1_555 D MN  . MN ? ? A GLU 180 A MN  303 1_555 ? ? ? ? ? ? ? 2.158 ? ? 
metalc7 metalc ? ? B IYP .   N2  ? ? ? 1_555 D MN  . MN ? ? A IYP 301 A MN  303 1_555 ? ? ? ? ? ? ? 2.152 ? ? 
metalc8 metalc ? ? B IYP .   O3  ? ? ? 1_555 D MN  . MN ? ? A IYP 301 A MN  303 1_555 ? ? ? ? ? ? ? 2.480 ? ? 
metalc9 metalc ? ? C MN  .   MN  ? ? ? 1_555 F HOH . O  ? ? A MN  302 A HOH 460 1_555 ? ? ? ? ? ? ? 2.177 ? ? 
# 
_struct_conn_type.id          metalc 
_struct_conn_type.criteria    ? 
_struct_conn_type.reference   ? 
# 
loop_
_struct_sheet.id 
_struct_sheet.type 
_struct_sheet.number_strands 
_struct_sheet.details 
A ? 4 ? 
B ? 4 ? 
C ? 2 ? 
# 
loop_
_struct_sheet_order.sheet_id 
_struct_sheet_order.range_id_1 
_struct_sheet_order.range_id_2 
_struct_sheet_order.offset 
_struct_sheet_order.sense 
A 1 2 ? anti-parallel 
A 2 3 ? anti-parallel 
A 3 4 ? parallel      
B 1 2 ? anti-parallel 
B 2 3 ? anti-parallel 
B 3 4 ? parallel      
C 1 2 ? anti-parallel 
# 
loop_
_struct_sheet_range.sheet_id 
_struct_sheet_range.id 
_struct_sheet_range.beg_label_comp_id 
_struct_sheet_range.beg_label_asym_id 
_struct_sheet_range.beg_label_seq_id 
_struct_sheet_range.pdbx_beg_PDB_ins_code 
_struct_sheet_range.end_label_comp_id 
_struct_sheet_range.end_label_asym_id 
_struct_sheet_range.end_label_seq_id 
_struct_sheet_range.pdbx_end_PDB_ins_code 
_struct_sheet_range.beg_auth_comp_id 
_struct_sheet_range.beg_auth_asym_id 
_struct_sheet_range.beg_auth_seq_id 
_struct_sheet_range.end_auth_comp_id 
_struct_sheet_range.end_auth_asym_id 
_struct_sheet_range.end_auth_seq_id 
A 1 ARG A 18  ? ARG A 24  ? ARG A 12  ARG A 18  
A 2 SER A 28  ? ASP A 35  ? SER A 22  ASP A 29  
A 3 ASP A 65  ? GLY A 72  ? ASP A 59  GLY A 66  
A 4 VAL A 42  ? ASP A 45  ? VAL A 36  ASP A 39  
B 1 PHE A 106 ? MET A 113 ? PHE A 100 MET A 107 
B 2 THR A 116 ? ASP A 123 ? THR A 110 ASP A 117 
B 3 ALA A 170 ? TYR A 177 ? ALA A 164 TYR A 171 
B 4 TYR A 129 ? THR A 133 ? TYR A 123 THR A 127 
C 1 THR A 143 ? ILE A 144 ? THR A 137 ILE A 138 
C 2 TYR A 151 ? HIS A 152 ? TYR A 145 HIS A 146 
# 
loop_
_pdbx_struct_sheet_hbond.sheet_id 
_pdbx_struct_sheet_hbond.range_id_1 
_pdbx_struct_sheet_hbond.range_id_2 
_pdbx_struct_sheet_hbond.range_1_label_atom_id 
_pdbx_struct_sheet_hbond.range_1_label_comp_id 
_pdbx_struct_sheet_hbond.range_1_label_asym_id 
_pdbx_struct_sheet_hbond.range_1_label_seq_id 
_pdbx_struct_sheet_hbond.range_1_PDB_ins_code 
_pdbx_struct_sheet_hbond.range_1_auth_atom_id 
_pdbx_struct_sheet_hbond.range_1_auth_comp_id 
_pdbx_struct_sheet_hbond.range_1_auth_asym_id 
_pdbx_struct_sheet_hbond.range_1_auth_seq_id 
_pdbx_struct_sheet_hbond.range_2_label_atom_id 
_pdbx_struct_sheet_hbond.range_2_label_comp_id 
_pdbx_struct_sheet_hbond.range_2_label_asym_id 
_pdbx_struct_sheet_hbond.range_2_label_seq_id 
_pdbx_struct_sheet_hbond.range_2_PDB_ins_code 
_pdbx_struct_sheet_hbond.range_2_auth_atom_id 
_pdbx_struct_sheet_hbond.range_2_auth_comp_id 
_pdbx_struct_sheet_hbond.range_2_auth_asym_id 
_pdbx_struct_sheet_hbond.range_2_auth_seq_id 
A 1 2 N ILE A 21  ? N ILE A 15  O ILE A 32  ? O ILE A 26  
A 2 3 N VAL A 31  ? N VAL A 25  O ARG A 69  ? O ARG A 63  
A 3 4 O LEU A 66  ? O LEU A 60  N ALA A 43  ? N ALA A 37  
B 1 2 N GLY A 107 ? N GLY A 101 O VAL A 122 ? O VAL A 116 
B 2 3 N HIS A 119 ? N HIS A 113 O ARG A 174 ? O ARG A 168 
B 3 4 O LEU A 171 ? O LEU A 165 N TYR A 129 ? N TYR A 123 
C 1 2 N ILE A 144 ? N ILE A 138 O TYR A 151 ? O TYR A 145 
# 
loop_
_struct_site.id 
_struct_site.pdbx_evidence_code 
_struct_site.pdbx_auth_asym_id 
_struct_site.pdbx_auth_comp_id 
_struct_site.pdbx_auth_seq_id 
_struct_site.pdbx_auth_ins_code 
_struct_site.pdbx_num_residues 
_struct_site.details 
AC1 Software A IYP 301 ? 15 'BINDING SITE FOR RESIDUE IYP A 301' 
AC2 Software A MN  302 ? 6  'BINDING SITE FOR RESIDUE MN A 302'  
AC3 Software A MN  303 ? 5  'BINDING SITE FOR RESIDUE MN A 303'  
AC4 Software A MN  304 ? 3  'BINDING SITE FOR RESIDUE MN A 304'  
# 
loop_
_struct_site_gen.id 
_struct_site_gen.site_id 
_struct_site_gen.pdbx_num_res 
_struct_site_gen.label_comp_id 
_struct_site_gen.label_asym_id 
_struct_site_gen.label_seq_id 
_struct_site_gen.pdbx_auth_ins_code 
_struct_site_gen.auth_comp_id 
_struct_site_gen.auth_asym_id 
_struct_site_gen.auth_seq_id 
_struct_site_gen.label_atom_id 
_struct_site_gen.label_alt_id 
_struct_site_gen.symmetry 
_struct_site_gen.details 
1  AC1 15 GLU A 27  ? GLU A 21  . ? 15_555 ? 
2  AC1 15 HIS A 53  ? HIS A 47  . ? 1_555  ? 
3  AC1 15 HIS A 79  ? HIS A 73  . ? 15_555 ? 
4  AC1 15 HIS A 80  ? HIS A 74  . ? 15_555 ? 
5  AC1 15 GLU A 83  ? GLU A 77  . ? 15_555 ? 
6  AC1 15 ARG A 105 ? ARG A 99  . ? 10_555 ? 
7  AC1 15 MET A 113 ? MET A 107 . ? 1_555  ? 
8  AC1 15 ARG A 127 ? ARG A 121 . ? 10_555 ? 
9  AC1 15 HIS A 182 ? HIS A 176 . ? 1_555  ? 
10 AC1 15 HIS A 183 ? HIS A 177 . ? 1_555  ? 
11 AC1 15 GLU A 186 ? GLU A 180 . ? 1_555  ? 
12 AC1 15 LYS A 190 ? LYS A 184 . ? 1_555  ? 
13 AC1 15 MN  C .   ? MN  A 302 . ? 15_555 ? 
14 AC1 15 MN  D .   ? MN  A 303 . ? 1_555  ? 
15 AC1 15 HOH F .   ? HOH A 460 . ? 15_555 ? 
16 AC2 6  HIS A 79  ? HIS A 73  . ? 1_555  ? 
17 AC2 6  GLU A 83  ? GLU A 77  . ? 1_555  ? 
18 AC2 6  HIS A 158 ? HIS A 152 . ? 1_555  ? 
19 AC2 6  HIS A 183 ? HIS A 177 . ? 16_555 ? 
20 AC2 6  IYP B .   ? IYP A 301 . ? 16_555 ? 
21 AC2 6  HOH F .   ? HOH A 460 . ? 1_555  ? 
22 AC3 5  HIS A 53  ? HIS A 47  . ? 1_555  ? 
23 AC3 5  HIS A 80  ? HIS A 74  . ? 15_555 ? 
24 AC3 5  HIS A 182 ? HIS A 176 . ? 1_555  ? 
25 AC3 5  GLU A 186 ? GLU A 180 . ? 1_555  ? 
26 AC3 5  IYP B .   ? IYP A 301 . ? 1_555  ? 
27 AC4 3  ARG A 174 ? ARG A 168 . ? 1_555  ? 
28 AC4 3  ARG A 174 ? ARG A 168 . ? 7_555  ? 
29 AC4 3  ARG A 174 ? ARG A 168 . ? 10_555 ? 
# 
_atom_sites.entry_id                    4LOM 
_atom_sites.fract_transf_matrix[1][1]   -0.00527641 
_atom_sites.fract_transf_matrix[1][2]   -0.00373087 
_atom_sites.fract_transf_matrix[1][3]   0.00610218 
_atom_sites.fract_transf_matrix[2][1]   0.00608107 
_atom_sites.fract_transf_matrix[2][2]   0.00165179 
_atom_sites.fract_transf_matrix[2][3]   0.00626807 
_atom_sites.fract_transf_matrix[3][1]   -0.00376517 
_atom_sites.fract_transf_matrix[3][2]   0.00789612 
_atom_sites.fract_transf_matrix[3][3]   0.00157203 
_atom_sites.fract_transf_vector[1]      -0.196200 
_atom_sites.fract_transf_vector[2]      0.094383 
_atom_sites.fract_transf_vector[3]      0.340626 
# 
loop_
_atom_type.symbol 
C  
MN 
N  
O  
P  
S  
# 
loop_
_atom_site.group_PDB 
_atom_site.id 
_atom_site.type_symbol 
_atom_site.label_atom_id 
_atom_site.label_alt_id 
_atom_site.label_comp_id 
_atom_site.label_asym_id 
_atom_site.label_entity_id 
_atom_site.label_seq_id 
_atom_site.pdbx_PDB_ins_code 
_atom_site.Cartn_x 
_atom_site.Cartn_y 
_atom_site.Cartn_z 
_atom_site.occupancy 
_atom_site.B_iso_or_equiv 
_atom_site.pdbx_formal_charge 
_atom_site.auth_seq_id 
_atom_site.auth_comp_id 
_atom_site.auth_asym_id 
_atom_site.auth_atom_id 
_atom_site.pdbx_PDB_model_num 
ATOM   1    N  N   . SER A 1 16  ? 11.225  17.633  -4.378  1.00 43.82 ? 10  SER A N   1 
ATOM   2    C  CA  . SER A 1 16  ? 12.291  16.912  -5.126  1.00 44.23 ? 10  SER A CA  1 
ATOM   3    C  C   . SER A 1 16  ? 11.731  15.588  -5.658  1.00 42.74 ? 10  SER A C   1 
ATOM   4    O  O   . SER A 1 16  ? 11.634  15.394  -6.874  1.00 43.88 ? 10  SER A O   1 
ATOM   5    C  CB  . SER A 1 16  ? 13.522  16.699  -4.234  1.00 45.22 ? 10  SER A CB  1 
ATOM   6    O  OG  . SER A 1 16  ? 14.723  16.714  -4.998  1.00 46.45 ? 10  SER A OG  1 
ATOM   7    N  N   . ARG A 1 17  ? 11.339  14.696  -4.748  1.00 41.19 ? 11  ARG A N   1 
ATOM   8    C  CA  . ARG A 1 17  ? 10.678  13.436  -5.106  1.00 38.91 ? 11  ARG A CA  1 
ATOM   9    C  C   . ARG A 1 17  ? 9.248   13.442  -4.576  1.00 37.94 ? 11  ARG A C   1 
ATOM   10   O  O   . ARG A 1 17  ? 8.917   12.768  -3.595  1.00 35.88 ? 11  ARG A O   1 
ATOM   11   C  CB  . ARG A 1 17  ? 11.459  12.242  -4.560  1.00 38.66 ? 11  ARG A CB  1 
ATOM   12   C  CG  . ARG A 1 17  ? 12.891  12.180  -5.062  1.00 38.07 ? 11  ARG A CG  1 
ATOM   13   C  CD  . ARG A 1 17  ? 13.469  10.783  -4.949  1.00 36.87 ? 11  ARG A CD  1 
ATOM   14   N  NE  . ARG A 1 17  ? 13.623  10.350  -3.561  1.00 36.41 ? 11  ARG A NE  1 
ATOM   15   C  CZ  . ARG A 1 17  ? 13.977  9.118   -3.196  1.00 35.14 ? 11  ARG A CZ  1 
ATOM   16   N  NH1 . ARG A 1 17  ? 14.220  8.183   -4.108  1.00 34.51 ? 11  ARG A NH1 1 
ATOM   17   N  NH2 . ARG A 1 17  ? 14.099  8.819   -1.913  1.00 34.48 ? 11  ARG A NH2 1 
ATOM   18   N  N   . ARG A 1 18  ? 8.414   14.233  -5.245  1.00 38.26 ? 12  ARG A N   1 
ATOM   19   C  CA  . ARG A 1 18  ? 7.027   14.451  -4.857  1.00 37.63 ? 12  ARG A CA  1 
ATOM   20   C  C   . ARG A 1 18  ? 6.119   14.245  -6.049  1.00 35.54 ? 12  ARG A C   1 
ATOM   21   O  O   . ARG A 1 18  ? 6.564   14.291  -7.191  1.00 35.97 ? 12  ARG A O   1 
ATOM   22   C  CB  . ARG A 1 18  ? 6.820   15.877  -4.350  1.00 39.49 ? 12  ARG A CB  1 
ATOM   23   C  CG  . ARG A 1 18  ? 7.778   16.299  -3.261  1.00 42.21 ? 12  ARG A CG  1 
ATOM   24   C  CD  . ARG A 1 18  ? 7.406   17.664  -2.714  1.00 45.79 ? 12  ARG A CD  1 
ATOM   25   N  NE  . ARG A 1 18  ? 8.413   18.169  -1.783  1.00 50.43 ? 12  ARG A NE  1 
ATOM   26   C  CZ  . ARG A 1 18  ? 8.306   19.304  -1.098  1.00 54.01 ? 12  ARG A CZ  1 
ATOM   27   N  NH1 . ARG A 1 18  ? 7.231   20.075  -1.230  1.00 56.41 ? 12  ARG A NH1 1 
ATOM   28   N  NH2 . ARG A 1 18  ? 9.280   19.676  -0.275  1.00 55.24 ? 12  ARG A NH2 1 
ATOM   29   N  N   . ALA A 1 19  ? 4.838   14.033  -5.779  1.00 33.29 ? 13  ALA A N   1 
ATOM   30   C  CA  . ALA A 1 19  ? 3.858   13.896  -6.836  1.00 32.60 ? 13  ALA A CA  1 
ATOM   31   C  C   . ALA A 1 19  ? 2.453   14.135  -6.303  1.00 33.16 ? 13  ALA A C   1 
ATOM   32   O  O   . ALA A 1 19  ? 2.111   13.760  -5.174  1.00 33.23 ? 13  ALA A O   1 
ATOM   33   C  CB  . ALA A 1 19  ? 3.953   12.523  -7.492  1.00 32.84 ? 13  ALA A CB  1 
ATOM   34   N  N   . ARG A 1 20  ? 1.649   14.775  -7.139  1.00 32.60 ? 14  ARG A N   1 
ATOM   35   C  CA  . ARG A 1 20  ? 0.265   15.006  -6.839  1.00 32.86 ? 14  ARG A CA  1 
ATOM   36   C  C   . ARG A 1 20  ? -0.507  14.317  -7.937  1.00 31.83 ? 14  ARG A C   1 
ATOM   37   O  O   . ARG A 1 20  ? -0.284  14.599  -9.112  1.00 30.51 ? 14  ARG A O   1 
ATOM   38   C  CB  . ARG A 1 20  ? -0.026  16.503  -6.823  1.00 33.40 ? 14  ARG A CB  1 
ATOM   39   C  CG  . ARG A 1 20  ? -1.393  16.849  -6.271  1.00 34.85 ? 14  ARG A CG  1 
ATOM   40   C  CD  . ARG A 1 20  ? -1.855  18.228  -6.717  1.00 36.56 ? 14  ARG A CD  1 
ATOM   41   N  NE  . ARG A 1 20  ? -3.312  18.291  -6.797  1.00 37.03 ? 14  ARG A NE  1 
ATOM   42   C  CZ  . ARG A 1 20  ? -4.125  18.403  -5.752  1.00 38.46 ? 14  ARG A CZ  1 
ATOM   43   N  NH1 . ARG A 1 20  ? -3.633  18.477  -4.515  1.00 39.31 ? 14  ARG A NH1 1 
ATOM   44   N  NH2 . ARG A 1 20  ? -5.444  18.446  -5.942  1.00 40.03 ? 14  ARG A NH2 1 
ATOM   45   N  N   . ILE A 1 21  ? -1.391  13.400  -7.553  1.00 30.66 ? 15  ILE A N   1 
ATOM   46   C  CA  . ILE A 1 21  ? -2.196  12.650  -8.509  1.00 30.95 ? 15  ILE A CA  1 
ATOM   47   C  C   . ILE A 1 21  ? -3.682  12.842  -8.202  1.00 31.10 ? 15  ILE A C   1 
ATOM   48   O  O   . ILE A 1 21  ? -4.112  12.662  -7.063  1.00 28.70 ? 15  ILE A O   1 
ATOM   49   C  CB  . ILE A 1 21  ? -1.844  11.141  -8.476  1.00 31.66 ? 15  ILE A CB  1 
ATOM   50   C  CG1 . ILE A 1 21  ? -0.366  10.915  -8.841  1.00 32.14 ? 15  ILE A CG1 1 
ATOM   51   C  CG2 . ILE A 1 21  ? -2.752  10.343  -9.410  1.00 31.92 ? 15  ILE A CG2 1 
ATOM   52   C  CD1 . ILE A 1 21  ? 0.004   11.204  -10.285 1.00 32.00 ? 15  ILE A CD1 1 
ATOM   53   N  N   . GLU A 1 22  ? -4.439  13.230  -9.232  1.00 32.41 ? 16  GLU A N   1 
ATOM   54   C  CA  . GLU A 1 22  ? -5.896  13.333  -9.168  1.00 33.94 ? 16  GLU A CA  1 
ATOM   55   C  C   . GLU A 1 22  ? -6.495  12.310  -10.114 1.00 33.73 ? 16  GLU A C   1 
ATOM   56   O  O   . GLU A 1 22  ? -6.198  12.329  -11.297 1.00 33.11 ? 16  GLU A O   1 
ATOM   57   C  CB  . GLU A 1 22  ? -6.364  14.727  -9.579  1.00 35.18 ? 16  GLU A CB  1 
ATOM   58   C  CG  . GLU A 1 22  ? -5.841  15.827  -8.677  1.00 37.17 ? 16  GLU A CG  1 
ATOM   59   C  CD  . GLU A 1 22  ? -6.203  17.210  -9.168  1.00 38.93 ? 16  GLU A CD  1 
ATOM   60   O  OE1 . GLU A 1 22  ? -7.334  17.395  -9.656  1.00 40.48 ? 16  GLU A OE1 1 
ATOM   61   O  OE2 . GLU A 1 22  ? -5.355  18.118  -9.055  1.00 40.72 ? 16  GLU A OE2 1 
ATOM   62   N  N   . ARG A 1 23  ? -7.335  11.424  -9.588  1.00 34.60 ? 17  ARG A N   1 
ATOM   63   C  CA  . ARG A 1 23  ? -7.927  10.351  -10.377 1.00 35.77 ? 17  ARG A CA  1 
ATOM   64   C  C   . ARG A 1 23  ? -9.451  10.363  -10.222 1.00 36.14 ? 17  ARG A C   1 
ATOM   65   O  O   . ARG A 1 23  ? -9.986  9.991   -9.171  1.00 33.29 ? 17  ARG A O   1 
ATOM   66   C  CB  . ARG A 1 23  ? -7.340  9.004   -9.942  1.00 36.81 ? 17  ARG A CB  1 
ATOM   67   C  CG  . ARG A 1 23  ? -7.949  7.802   -10.645 1.00 38.06 ? 17  ARG A CG  1 
ATOM   68   C  CD  . ARG A 1 23  ? -7.380  6.482   -10.144 1.00 39.25 ? 17  ARG A CD  1 
ATOM   69   N  NE  . ARG A 1 23  ? -8.045  5.363   -10.802 1.00 39.44 ? 17  ARG A NE  1 
ATOM   70   C  CZ  . ARG A 1 23  ? -7.814  4.974   -12.053 1.00 39.21 ? 17  ARG A CZ  1 
ATOM   71   N  NH1 . ARG A 1 23  ? -8.497  3.958   -12.562 1.00 38.88 ? 17  ARG A NH1 1 
ATOM   72   N  NH2 . ARG A 1 23  ? -6.911  5.594   -12.804 1.00 39.69 ? 17  ARG A NH2 1 
ATOM   73   N  N   . ARG A 1 24  ? -10.140 10.783  -11.283 1.00 37.31 ? 18  ARG A N   1 
ATOM   74   C  CA  . ARG A 1 24  ? -11.590 10.977  -11.245 1.00 41.23 ? 18  ARG A CA  1 
ATOM   75   C  C   . ARG A 1 24  ? -12.298 9.980   -12.163 1.00 40.30 ? 18  ARG A C   1 
ATOM   76   O  O   . ARG A 1 24  ? -12.292 10.139  -13.375 1.00 39.53 ? 18  ARG A O   1 
ATOM   77   C  CB  . ARG A 1 24  ? -11.948 12.422  -11.639 1.00 42.60 ? 18  ARG A CB  1 
ATOM   78   C  CG  . ARG A 1 24  ? -13.144 12.974  -10.873 1.00 46.12 ? 18  ARG A CG  1 
ATOM   79   C  CD  . ARG A 1 24  ? -13.663 14.306  -11.405 1.00 47.13 ? 18  ARG A CD  1 
ATOM   80   N  NE  . ARG A 1 24  ? -12.734 15.424  -11.188 1.00 47.22 ? 18  ARG A NE  1 
ATOM   81   C  CZ  . ARG A 1 24  ? -12.608 16.137  -10.061 1.00 47.97 ? 18  ARG A CZ  1 
ATOM   82   N  NH1 . ARG A 1 24  ? -11.730 17.132  -10.013 1.00 49.20 ? 18  ARG A NH1 1 
ATOM   83   N  NH2 . ARG A 1 24  ? -13.347 15.879  -8.981  1.00 46.60 ? 18  ARG A NH2 1 
ATOM   84   N  N   . THR A 1 25  ? -12.899 8.949   -11.578 1.00 41.15 ? 19  THR A N   1 
ATOM   85   C  CA  . THR A 1 25  ? -13.609 7.935   -12.349 1.00 41.99 ? 19  THR A CA  1 
ATOM   86   C  C   . THR A 1 25  ? -15.107 8.062   -12.120 1.00 43.11 ? 19  THR A C   1 
ATOM   87   O  O   . THR A 1 25  ? -15.559 8.948   -11.400 1.00 42.80 ? 19  THR A O   1 
ATOM   88   C  CB  . THR A 1 25  ? -13.133 6.515   -11.976 1.00 42.16 ? 19  THR A CB  1 
ATOM   89   O  OG1 . THR A 1 25  ? -13.669 6.125   -10.704 1.00 41.47 ? 19  THR A OG1 1 
ATOM   90   C  CG2 . THR A 1 25  ? -11.616 6.464   -11.921 1.00 42.79 ? 19  THR A CG2 1 
ATOM   91   N  N   . ARG A 1 26  ? -15.875 7.180   -12.746 1.00 46.36 ? 20  ARG A N   1 
ATOM   92   C  CA  . ARG A 1 26  ? -17.312 7.123   -12.513 1.00 50.79 ? 20  ARG A CA  1 
ATOM   93   C  C   . ARG A 1 26  ? -17.590 6.752   -11.062 1.00 49.18 ? 20  ARG A C   1 
ATOM   94   O  O   . ARG A 1 26  ? -18.478 7.315   -10.422 1.00 48.42 ? 20  ARG A O   1 
ATOM   95   C  CB  . ARG A 1 26  ? -17.965 6.096   -13.446 1.00 56.39 ? 20  ARG A CB  1 
ATOM   96   C  CG  . ARG A 1 26  ? -19.487 6.006   -13.317 1.00 61.37 ? 20  ARG A CG  1 
ATOM   97   C  CD  . ARG A 1 26  ? -20.180 5.658   -14.635 1.00 65.35 ? 20  ARG A CD  1 
ATOM   98   N  NE  . ARG A 1 26  ? -19.988 6.697   -15.661 1.00 68.90 ? 20  ARG A NE  1 
ATOM   99   C  CZ  . ARG A 1 26  ? -19.092 6.663   -16.655 1.00 69.71 ? 20  ARG A CZ  1 
ATOM   100  N  NH1 . ARG A 1 26  ? -18.264 5.630   -16.812 1.00 69.58 ? 20  ARG A NH1 1 
ATOM   101  N  NH2 . ARG A 1 26  ? -19.024 7.681   -17.511 1.00 70.11 ? 20  ARG A NH2 1 
ATOM   102  N  N   . GLU A 1 27  ? -16.799 5.819   -10.547 1.00 47.95 ? 21  GLU A N   1 
ATOM   103  C  CA  . GLU A 1 27  ? -17.033 5.238   -9.232  1.00 47.33 ? 21  GLU A CA  1 
ATOM   104  C  C   . GLU A 1 27  ? -16.427 6.045   -8.081  1.00 43.41 ? 21  GLU A C   1 
ATOM   105  O  O   . GLU A 1 27  ? -16.868 5.900   -6.938  1.00 40.03 ? 21  GLU A O   1 
ATOM   106  C  CB  . GLU A 1 27  ? -16.477 3.806   -9.188  1.00 49.37 ? 21  GLU A CB  1 
ATOM   107  C  CG  . GLU A 1 27  ? -17.052 2.874   -10.247 1.00 51.79 ? 21  GLU A CG  1 
ATOM   108  C  CD  . GLU A 1 27  ? -16.162 2.742   -11.470 1.00 53.31 ? 21  GLU A CD  1 
ATOM   109  O  OE1 . GLU A 1 27  ? -15.778 1.603   -11.813 1.00 55.97 ? 21  GLU A OE1 1 
ATOM   110  O  OE2 . GLU A 1 27  ? -15.837 3.778   -12.081 1.00 55.03 ? 21  GLU A OE2 1 
ATOM   111  N  N   . SER A 1 28  ? -15.415 6.868   -8.360  1.00 39.25 ? 22  SER A N   1 
ATOM   112  C  CA  . SER A 1 28  ? -14.699 7.536   -7.281  1.00 38.23 ? 22  SER A CA  1 
ATOM   113  C  C   . SER A 1 28  ? -13.889 8.773   -7.671  1.00 37.35 ? 22  SER A C   1 
ATOM   114  O  O   . SER A 1 28  ? -13.632 9.036   -8.849  1.00 37.03 ? 22  SER A O   1 
ATOM   115  C  CB  . SER A 1 28  ? -13.761 6.539   -6.585  1.00 37.99 ? 22  SER A CB  1 
ATOM   116  O  OG  . SER A 1 28  ? -12.642 6.251   -7.397  1.00 37.97 ? 22  SER A OG  1 
ATOM   117  N  N   . ASP A 1 29  ? -13.484 9.500   -6.629  1.00 37.21 ? 23  ASP A N   1 
ATOM   118  C  CA  . ASP A 1 29  ? -12.647 10.692  -6.721  1.00 37.89 ? 23  ASP A CA  1 
ATOM   119  C  C   . ASP A 1 29  ? -11.471 10.609  -5.775  1.00 34.82 ? 23  ASP A C   1 
ATOM   120  O  O   . ASP A 1 29  ? -11.663 10.531  -4.561  1.00 33.80 ? 23  ASP A O   1 
ATOM   121  C  CB  . ASP A 1 29  ? -13.452 11.915  -6.332  1.00 41.00 ? 23  ASP A CB  1 
ATOM   122  C  CG  . ASP A 1 29  ? -13.746 12.775  -7.493  1.00 45.22 ? 23  ASP A CG  1 
ATOM   123  O  OD1 . ASP A 1 29  ? -13.159 13.880  -7.540  1.00 50.46 ? 23  ASP A OD1 1 
ATOM   124  O  OD2 . ASP A 1 29  ? -14.537 12.336  -8.360  1.00 47.24 ? 23  ASP A OD2 1 
ATOM   125  N  N   . ILE A 1 30  ? -10.260 10.665  -6.325  1.00 31.61 ? 24  ILE A N   1 
ATOM   126  C  CA  . ILE A 1 30  ? -9.057  10.466  -5.537  1.00 30.30 ? 24  ILE A CA  1 
ATOM   127  C  C   . ILE A 1 30  ? -8.075  11.612  -5.709  1.00 29.44 ? 24  ILE A C   1 
ATOM   128  O  O   . ILE A 1 30  ? -7.797  12.035  -6.832  1.00 29.67 ? 24  ILE A O   1 
ATOM   129  C  CB  . ILE A 1 30  ? -8.309  9.168   -5.929  1.00 29.14 ? 24  ILE A CB  1 
ATOM   130  C  CG1 . ILE A 1 30  ? -9.273  8.039   -6.329  1.00 29.48 ? 24  ILE A CG1 1 
ATOM   131  C  CG2 . ILE A 1 30  ? -7.402  8.724   -4.793  1.00 28.42 ? 24  ILE A CG2 1 
ATOM   132  C  CD1 . ILE A 1 30  ? -10.142 7.514   -5.204  1.00 29.03 ? 24  ILE A CD1 1 
ATOM   133  N  N   . VAL A 1 31  ? -7.539  12.094  -4.592  1.00 28.71 ? 25  VAL A N   1 
ATOM   134  C  CA  . VAL A 1 31  ? -6.377  12.975  -4.619  1.00 29.51 ? 25  VAL A CA  1 
ATOM   135  C  C   . VAL A 1 31  ? -5.289  12.405  -3.724  1.00 29.78 ? 25  VAL A C   1 
ATOM   136  O  O   . VAL A 1 31  ? -5.530  12.134  -2.544  1.00 29.62 ? 25  VAL A O   1 
ATOM   137  C  CB  . VAL A 1 31  ? -6.721  14.409  -4.174  1.00 29.40 ? 25  VAL A CB  1 
ATOM   138  C  CG1 . VAL A 1 31  ? -5.473  15.285  -4.168  1.00 29.16 ? 25  VAL A CG1 1 
ATOM   139  C  CG2 . VAL A 1 31  ? -7.787  14.984  -5.092  1.00 29.25 ? 25  VAL A CG2 1 
ATOM   140  N  N   . ILE A 1 32  ? -4.102  12.233  -4.308  1.00 30.99 ? 26  ILE A N   1 
ATOM   141  C  CA  . ILE A 1 32  ? -2.927  11.725  -3.611  1.00 30.69 ? 26  ILE A CA  1 
ATOM   142  C  C   . ILE A 1 32  ? -1.838  12.789  -3.627  1.00 31.67 ? 26  ILE A C   1 
ATOM   143  O  O   . ILE A 1 32  ? -1.545  13.348  -4.679  1.00 31.12 ? 26  ILE A O   1 
ATOM   144  C  CB  . ILE A 1 32  ? -2.346  10.478  -4.321  1.00 30.25 ? 26  ILE A CB  1 
ATOM   145  C  CG1 . ILE A 1 32  ? -3.407  9.379   -4.494  1.00 30.12 ? 26  ILE A CG1 1 
ATOM   146  C  CG2 . ILE A 1 32  ? -1.129  9.956   -3.575  1.00 29.98 ? 26  ILE A CG2 1 
ATOM   147  C  CD1 . ILE A 1 32  ? -4.048  8.900   -3.215  1.00 29.73 ? 26  ILE A CD1 1 
ATOM   148  N  N   . GLU A 1 33  ? -1.247  13.055  -2.465  1.00 33.53 ? 27  GLU A N   1 
ATOM   149  C  CA  . GLU A 1 33  ? -0.051  13.891  -2.365  1.00 35.11 ? 27  GLU A CA  1 
ATOM   150  C  C   . GLU A 1 33  ? 1.030   13.113  -1.646  1.00 33.46 ? 27  GLU A C   1 
ATOM   151  O  O   . GLU A 1 33  ? 0.852   12.716  -0.500  1.00 33.05 ? 27  GLU A O   1 
ATOM   152  C  CB  . GLU A 1 33  ? -0.341  15.199  -1.633  1.00 38.15 ? 27  GLU A CB  1 
ATOM   153  C  CG  . GLU A 1 33  ? -1.002  16.241  -2.521  1.00 40.77 ? 27  GLU A CG  1 
ATOM   154  C  CD  . GLU A 1 33  ? -1.187  17.580  -1.831  1.00 44.23 ? 27  GLU A CD  1 
ATOM   155  O  OE1 . GLU A 1 33  ? -1.755  17.612  -0.711  1.00 46.20 ? 27  GLU A OE1 1 
ATOM   156  O  OE2 . GLU A 1 33  ? -0.764  18.604  -2.412  1.00 45.22 ? 27  GLU A OE2 1 
ATOM   157  N  N   . LEU A 1 34  ? 2.156   12.922  -2.331  1.00 32.11 ? 28  LEU A N   1 
ATOM   158  C  CA  . LEU A 1 34  ? 3.183   11.983  -1.916  1.00 31.66 ? 28  LEU A CA  1 
ATOM   159  C  C   . LEU A 1 34  ? 4.544   12.652  -1.930  1.00 30.47 ? 28  LEU A C   1 
ATOM   160  O  O   . LEU A 1 34  ? 4.925   13.258  -2.925  1.00 30.53 ? 28  LEU A O   1 
ATOM   161  C  CB  . LEU A 1 34  ? 3.203   10.802  -2.895  1.00 32.05 ? 28  LEU A CB  1 
ATOM   162  C  CG  . LEU A 1 34  ? 3.756   9.428   -2.486  1.00 32.23 ? 28  LEU A CG  1 
ATOM   163  C  CD1 . LEU A 1 34  ? 4.371   8.755   -3.702  1.00 32.27 ? 28  LEU A CD1 1 
ATOM   164  C  CD2 . LEU A 1 34  ? 4.771   9.463   -1.356  1.00 32.26 ? 28  LEU A CD2 1 
ATOM   165  N  N   . ASP A 1 35  ? 5.262   12.550  -0.818  1.00 30.55 ? 29  ASP A N   1 
ATOM   166  C  CA  . ASP A 1 35  ? 6.676   12.908  -0.768  1.00 30.61 ? 29  ASP A CA  1 
ATOM   167  C  C   . ASP A 1 35  ? 7.431   11.704  -0.236  1.00 30.25 ? 29  ASP A C   1 
ATOM   168  O  O   . ASP A 1 35  ? 7.236   11.302  0.914   1.00 30.16 ? 29  ASP A O   1 
ATOM   169  C  CB  . ASP A 1 35  ? 6.903   14.115  0.143   1.00 31.80 ? 29  ASP A CB  1 
ATOM   170  C  CG  . ASP A 1 35  ? 8.343   14.626  0.108   1.00 32.53 ? 29  ASP A CG  1 
ATOM   171  O  OD1 . ASP A 1 35  ? 9.241   13.947  -0.442  1.00 33.43 ? 29  ASP A OD1 1 
ATOM   172  O  OD2 . ASP A 1 35  ? 8.575   15.729  0.636   1.00 33.35 ? 29  ASP A OD2 1 
ATOM   173  N  N   . LEU A 1 36  ? 8.284   11.131  -1.081  1.00 30.16 ? 30  LEU A N   1 
ATOM   174  C  CA  . LEU A 1 36  ? 9.101   9.972   -0.709  1.00 30.29 ? 30  LEU A CA  1 
ATOM   175  C  C   . LEU A 1 36  ? 10.042  10.263  0.454   1.00 30.66 ? 30  LEU A C   1 
ATOM   176  O  O   . LEU A 1 36  ? 10.293  9.396   1.291   1.00 30.96 ? 30  LEU A O   1 
ATOM   177  C  CB  . LEU A 1 36  ? 9.927   9.503   -1.916  1.00 30.52 ? 30  LEU A CB  1 
ATOM   178  C  CG  . LEU A 1 36  ? 9.337   8.460   -2.877  1.00 30.95 ? 30  LEU A CG  1 
ATOM   179  C  CD1 . LEU A 1 36  ? 7.815   8.394   -2.854  1.00 31.57 ? 30  LEU A CD1 1 
ATOM   180  C  CD2 . LEU A 1 36  ? 9.846   8.705   -4.286  1.00 30.74 ? 30  LEU A CD2 1 
ATOM   181  N  N   . ASP A 1 37  ? 10.562  11.484  0.500   1.00 30.68 ? 31  ASP A N   1 
ATOM   182  C  CA  . ASP A 1 37  ? 11.569  11.849  1.476   1.00 30.97 ? 31  ASP A CA  1 
ATOM   183  C  C   . ASP A 1 37  ? 10.927  12.600  2.629   1.00 30.90 ? 31  ASP A C   1 
ATOM   184  O  O   . ASP A 1 37  ? 11.290  13.739  2.914   1.00 31.74 ? 31  ASP A O   1 
ATOM   185  C  CB  . ASP A 1 37  ? 12.650  12.687  0.791   1.00 31.86 ? 31  ASP A CB  1 
ATOM   186  C  CG  . ASP A 1 37  ? 13.335  11.929  -0.330  1.00 32.43 ? 31  ASP A CG  1 
ATOM   187  O  OD1 . ASP A 1 37  ? 14.092  10.990  -0.025  1.00 32.84 ? 31  ASP A OD1 1 
ATOM   188  O  OD2 . ASP A 1 37  ? 13.107  12.249  -1.519  1.00 33.66 ? 31  ASP A OD2 1 
ATOM   189  N  N   . GLY A 1 38  ? 9.978   11.943  3.298   1.00 30.50 ? 32  GLY A N   1 
ATOM   190  C  CA  . GLY A 1 38  ? 9.162   12.572  4.336   1.00 30.05 ? 32  GLY A CA  1 
ATOM   191  C  C   . GLY A 1 38  ? 9.523   12.120  5.736   1.00 30.81 ? 32  GLY A C   1 
ATOM   192  O  O   . GLY A 1 38  ? 10.576  11.528  5.950   1.00 31.66 ? 32  GLY A O   1 
ATOM   193  N  N   . THR A 1 39  ? 8.630   12.389  6.684   1.00 30.57 ? 33  THR A N   1 
ATOM   194  C  CA  . THR A 1 39  ? 8.844   12.050  8.091   1.00 30.31 ? 33  THR A CA  1 
ATOM   195  C  C   . THR A 1 39  ? 7.630   11.368  8.713   1.00 29.63 ? 33  THR A C   1 
ATOM   196  O  O   . THR A 1 39  ? 7.461   11.406  9.923   1.00 30.09 ? 33  THR A O   1 
ATOM   197  C  CB  . THR A 1 39  ? 9.152   13.318  8.913   1.00 30.63 ? 33  THR A CB  1 
ATOM   198  O  OG1 . THR A 1 39  ? 8.045   14.231  8.832   1.00 29.33 ? 33  THR A OG1 1 
ATOM   199  C  CG2 . THR A 1 39  ? 10.424  13.994  8.396   1.00 30.59 ? 33  THR A CG2 1 
ATOM   200  N  N   . GLY A 1 40  ? 6.786   10.746  7.895   1.00 28.97 ? 34  GLY A N   1 
ATOM   201  C  CA  . GLY A 1 40  ? 5.575   10.112  8.394   1.00 28.89 ? 34  GLY A CA  1 
ATOM   202  C  C   . GLY A 1 40  ? 4.431   11.063  8.701   1.00 29.31 ? 34  GLY A C   1 
ATOM   203  O  O   . GLY A 1 40  ? 3.602   10.771  9.555   1.00 29.84 ? 34  GLY A O   1 
ATOM   204  N  N   . GLN A 1 41  ? 4.363   12.196  8.012   1.00 30.32 ? 35  GLN A N   1 
ATOM   205  C  CA  . GLN A 1 41  ? 3.200   13.089  8.121   1.00 30.66 ? 35  GLN A CA  1 
ATOM   206  C  C   . GLN A 1 41  ? 2.135   12.580  7.156   1.00 29.04 ? 35  GLN A C   1 
ATOM   207  O  O   . GLN A 1 41  ? 2.202   12.836  5.958   1.00 28.05 ? 35  GLN A O   1 
ATOM   208  C  CB  . GLN A 1 41  ? 3.573   14.540  7.784   1.00 32.31 ? 35  GLN A CB  1 
ATOM   209  C  CG  . GLN A 1 41  ? 4.741   15.103  8.582   1.00 33.89 ? 35  GLN A CG  1 
ATOM   210  C  CD  . GLN A 1 41  ? 4.663   14.755  10.051  1.00 35.75 ? 35  GLN A CD  1 
ATOM   211  O  OE1 . GLN A 1 41  ? 5.485   13.994  10.564  1.00 37.38 ? 35  GLN A OE1 1 
ATOM   212  N  NE2 . GLN A 1 41  ? 3.654   15.285  10.735  1.00 37.68 ? 35  GLN A NE2 1 
ATOM   213  N  N   . VAL A 1 42  ? 1.162   11.851  7.691   1.00 28.63 ? 36  VAL A N   1 
ATOM   214  C  CA  . VAL A 1 42  ? 0.223   11.080  6.885   1.00 28.22 ? 36  VAL A CA  1 
ATOM   215  C  C   . VAL A 1 42  ? -1.211  11.391  7.255   1.00 26.97 ? 36  VAL A C   1 
ATOM   216  O  O   . VAL A 1 42  ? -1.553  11.366  8.423   1.00 27.89 ? 36  VAL A O   1 
ATOM   217  C  CB  . VAL A 1 42  ? 0.416   9.578   7.136   1.00 28.74 ? 36  VAL A CB  1 
ATOM   218  C  CG1 . VAL A 1 42  ? -0.553  8.763   6.284   1.00 29.28 ? 36  VAL A CG1 1 
ATOM   219  C  CG2 . VAL A 1 42  ? 1.862   9.183   6.885   1.00 29.26 ? 36  VAL A CG2 1 
ATOM   220  N  N   . ALA A 1 43  ? -2.055  11.646  6.264   1.00 26.73 ? 37  ALA A N   1 
ATOM   221  C  CA  . ALA A 1 43  ? -3.479  11.871  6.499   1.00 26.63 ? 37  ALA A CA  1 
ATOM   222  C  C   . ALA A 1 43  ? -4.292  11.191  5.407   1.00 27.17 ? 37  ALA A C   1 
ATOM   223  O  O   . ALA A 1 43  ? -4.174  11.529  4.221   1.00 26.82 ? 37  ALA A O   1 
ATOM   224  C  CB  . ALA A 1 43  ? -3.786  13.357  6.544   1.00 26.93 ? 37  ALA A CB  1 
ATOM   225  N  N   . VAL A 1 44  ? -5.109  10.228  5.823   1.00 26.61 ? 38  VAL A N   1 
ATOM   226  C  CA  . VAL A 1 44  ? -5.834  9.372   4.906   1.00 26.72 ? 38  VAL A CA  1 
ATOM   227  C  C   . VAL A 1 44  ? -7.307  9.301   5.287   1.00 26.10 ? 38  VAL A C   1 
ATOM   228  O  O   . VAL A 1 44  ? -7.650  8.978   6.427   1.00 24.33 ? 38  VAL A O   1 
ATOM   229  C  CB  . VAL A 1 44  ? -5.249  7.946   4.881   1.00 26.34 ? 38  VAL A CB  1 
ATOM   230  C  CG1 . VAL A 1 44  ? -6.056  7.067   3.946   1.00 26.48 ? 38  VAL A CG1 1 
ATOM   231  C  CG2 . VAL A 1 44  ? -3.792  7.983   4.452   1.00 27.23 ? 38  VAL A CG2 1 
ATOM   232  N  N   . ASP A 1 45  ? -8.153  9.605   4.306   1.00 27.00 ? 39  ASP A N   1 
ATOM   233  C  CA  . ASP A 1 45  ? -9.601  9.592   4.444   1.00 27.96 ? 39  ASP A CA  1 
ATOM   234  C  C   . ASP A 1 45  ? -10.186 9.082   3.120   1.00 26.76 ? 39  ASP A C   1 
ATOM   235  O  O   . ASP A 1 45  ? -10.144 9.785   2.105   1.00 26.42 ? 39  ASP A O   1 
ATOM   236  C  CB  . ASP A 1 45  ? -10.081 11.010  4.747   1.00 30.37 ? 39  ASP A CB  1 
ATOM   237  C  CG  . ASP A 1 45  ? -11.591 11.117  4.896   1.00 32.92 ? 39  ASP A CG  1 
ATOM   238  O  OD1 . ASP A 1 45  ? -12.329 10.169  4.540   1.00 33.23 ? 39  ASP A OD1 1 
ATOM   239  O  OD2 . ASP A 1 45  ? -12.043 12.188  5.363   1.00 35.61 ? 39  ASP A OD2 1 
ATOM   240  N  N   . THR A 1 46  ? -10.705 7.855   3.136   1.00 24.97 ? 40  THR A N   1 
ATOM   241  C  CA  . THR A 1 46  ? -11.265 7.203   1.941   1.00 23.98 ? 40  THR A CA  1 
ATOM   242  C  C   . THR A 1 46  ? -12.747 6.819   2.078   1.00 23.68 ? 40  THR A C   1 
ATOM   243  O  O   . THR A 1 46  ? -13.340 6.321   1.132   1.00 23.23 ? 40  THR A O   1 
ATOM   244  C  CB  . THR A 1 46  ? -10.505 5.896   1.627   1.00 23.81 ? 40  THR A CB  1 
ATOM   245  O  OG1 . THR A 1 46  ? -10.723 4.947   2.679   1.00 22.83 ? 40  THR A OG1 1 
ATOM   246  C  CG2 . THR A 1 46  ? -9.007  6.148   1.480   1.00 23.76 ? 40  THR A CG2 1 
ATOM   247  N  N   . GLY A 1 47  ? -13.336 7.035   3.254   1.00 24.04 ? 41  GLY A N   1 
ATOM   248  C  CA  . GLY A 1 47  ? -14.668 6.508   3.565   1.00 23.28 ? 41  GLY A CA  1 
ATOM   249  C  C   . GLY A 1 47  ? -14.658 5.059   4.037   1.00 22.57 ? 41  GLY A C   1 
ATOM   250  O  O   . GLY A 1 47  ? -15.716 4.505   4.364   1.00 22.54 ? 41  GLY A O   1 
ATOM   251  N  N   . VAL A 1 48  ? -13.470 4.450   4.078   1.00 21.78 ? 42  VAL A N   1 
ATOM   252  C  CA  . VAL A 1 48  ? -13.291 3.042   4.459   1.00 21.20 ? 42  VAL A CA  1 
ATOM   253  C  C   . VAL A 1 48  ? -12.268 2.994   5.600   1.00 20.65 ? 42  VAL A C   1 
ATOM   254  O  O   . VAL A 1 48  ? -11.085 2.757   5.375   1.00 20.54 ? 42  VAL A O   1 
ATOM   255  C  CB  . VAL A 1 48  ? -12.814 2.171   3.270   1.00 21.33 ? 42  VAL A CB  1 
ATOM   256  C  CG1 . VAL A 1 48  ? -12.781 0.698   3.660   1.00 21.29 ? 42  VAL A CG1 1 
ATOM   257  C  CG2 . VAL A 1 48  ? -13.722 2.360   2.067   1.00 21.43 ? 42  VAL A CG2 1 
ATOM   258  N  N   . PRO A 1 49  ? -12.731 3.235   6.839   1.00 20.57 ? 43  PRO A N   1 
ATOM   259  C  CA  . PRO A 1 49  ? -11.841 3.444   7.986   1.00 20.04 ? 43  PRO A CA  1 
ATOM   260  C  C   . PRO A 1 49  ? -10.719 2.424   8.158   1.00 20.12 ? 43  PRO A C   1 
ATOM   261  O  O   . PRO A 1 49  ? -9.600  2.816   8.478   1.00 20.59 ? 43  PRO A O   1 
ATOM   262  C  CB  . PRO A 1 49  ? -12.799 3.396   9.178   1.00 20.28 ? 43  PRO A CB  1 
ATOM   263  C  CG  . PRO A 1 49  ? -14.087 3.895   8.617   1.00 20.42 ? 43  PRO A CG  1 
ATOM   264  C  CD  . PRO A 1 49  ? -14.153 3.340   7.227   1.00 20.26 ? 43  PRO A CD  1 
ATOM   265  N  N   . PHE A 1 50  ? -10.982 1.132   7.959   1.00 20.03 ? 44  PHE A N   1 
ATOM   266  C  CA  . PHE A 1 50  ? -9.887  0.165   8.092   1.00 19.54 ? 44  PHE A CA  1 
ATOM   267  C  C   . PHE A 1 50  ? -8.837  0.381   6.998   1.00 19.91 ? 44  PHE A C   1 
ATOM   268  O  O   . PHE A 1 50  ? -7.643  0.229   7.237   1.00 19.24 ? 44  PHE A O   1 
ATOM   269  C  CB  . PHE A 1 50  ? -10.382 -1.281  8.096   1.00 19.44 ? 44  PHE A CB  1 
ATOM   270  C  CG  . PHE A 1 50  ? -9.285  -2.286  8.316   1.00 19.20 ? 44  PHE A CG  1 
ATOM   271  C  CD1 . PHE A 1 50  ? -8.846  -2.591  9.598   1.00 19.49 ? 44  PHE A CD1 1 
ATOM   272  C  CD2 . PHE A 1 50  ? -8.666  -2.902  7.243   1.00 19.01 ? 44  PHE A CD2 1 
ATOM   273  C  CE1 . PHE A 1 50  ? -7.820  -3.510  9.801   1.00 19.48 ? 44  PHE A CE1 1 
ATOM   274  C  CE2 . PHE A 1 50  ? -7.643  -3.818  7.440   1.00 19.08 ? 44  PHE A CE2 1 
ATOM   275  C  CZ  . PHE A 1 50  ? -7.217  -4.122  8.720   1.00 19.02 ? 44  PHE A CZ  1 
ATOM   276  N  N   . TYR A 1 51  ? -9.285  0.728   5.793   1.00 20.77 ? 45  TYR A N   1 
ATOM   277  C  CA  . TYR A 1 51  ? -8.359  1.052   4.704   1.00 21.23 ? 45  TYR A CA  1 
ATOM   278  C  C   . TYR A 1 51  ? -7.542  2.263   5.090   1.00 21.64 ? 45  TYR A C   1 
ATOM   279  O  O   . TYR A 1 51  ? -6.334  2.291   4.875   1.00 22.25 ? 45  TYR A O   1 
ATOM   280  C  CB  . TYR A 1 51  ? -9.112  1.326   3.403   1.00 20.99 ? 45  TYR A CB  1 
ATOM   281  C  CG  . TYR A 1 51  ? -8.271  1.352   2.135   1.00 20.92 ? 45  TYR A CG  1 
ATOM   282  C  CD1 . TYR A 1 51  ? -7.313  0.367   1.872   1.00 21.01 ? 45  TYR A CD1 1 
ATOM   283  C  CD2 . TYR A 1 51  ? -8.493  2.319   1.164   1.00 20.97 ? 45  TYR A CD2 1 
ATOM   284  C  CE1 . TYR A 1 51  ? -6.570  0.383   0.698   1.00 20.66 ? 45  TYR A CE1 1 
ATOM   285  C  CE2 . TYR A 1 51  ? -7.764  2.340   -0.012  1.00 20.95 ? 45  TYR A CE2 1 
ATOM   286  C  CZ  . TYR A 1 51  ? -6.802  1.368   -0.249  1.00 20.73 ? 45  TYR A CZ  1 
ATOM   287  O  OH  . TYR A 1 51  ? -6.087  1.385   -1.428  1.00 18.92 ? 45  TYR A OH  1 
ATOM   288  N  N   . ASP A 1 52  ? -8.209  3.266   5.656   1.00 22.42 ? 46  ASP A N   1 
ATOM   289  C  CA  . ASP A 1 52  ? -7.516  4.449   6.169   1.00 22.88 ? 46  ASP A CA  1 
ATOM   290  C  C   . ASP A 1 52  ? -6.417  4.057   7.139   1.00 21.91 ? 46  ASP A C   1 
ATOM   291  O  O   . ASP A 1 52  ? -5.308  4.570   7.074   1.00 21.89 ? 46  ASP A O   1 
ATOM   292  C  CB  . ASP A 1 52  ? -8.486  5.396   6.882   1.00 23.57 ? 46  ASP A CB  1 
ATOM   293  C  CG  . ASP A 1 52  ? -9.510  5.999   5.953   1.00 24.09 ? 46  ASP A CG  1 
ATOM   294  O  OD1 . ASP A 1 52  ? -9.347  5.900   4.720   1.00 24.89 ? 46  ASP A OD1 1 
ATOM   295  O  OD2 . ASP A 1 52  ? -10.488 6.574   6.465   1.00 24.47 ? 46  ASP A OD2 1 
ATOM   296  N  N   . HIS A 1 53  ? -6.747  3.138   8.031   1.00 22.04 ? 47  HIS A N   1 
ATOM   297  C  CA  . HIS A 1 53  ? -5.807  2.638   9.015   1.00 22.48 ? 47  HIS A CA  1 
ATOM   298  C  C   . HIS A 1 53  ? -4.615  1.943   8.345   1.00 22.16 ? 47  HIS A C   1 
ATOM   299  O  O   . HIS A 1 53  ? -3.463  2.185   8.709   1.00 22.43 ? 47  HIS A O   1 
ATOM   300  C  CB  . HIS A 1 53  ? -6.551  1.716   9.985   1.00 23.24 ? 47  HIS A CB  1 
ATOM   301  C  CG  . HIS A 1 53  ? -5.685  1.103   11.040  1.00 24.42 ? 47  HIS A CG  1 
ATOM   302  N  ND1 . HIS A 1 53  ? -4.657  1.783   11.648  1.00 25.83 ? 47  HIS A ND1 1 
ATOM   303  C  CD2 . HIS A 1 53  ? -5.716  -0.122  11.613  1.00 24.95 ? 47  HIS A CD2 1 
ATOM   304  C  CE1 . HIS A 1 53  ? -4.076  0.999   12.539  1.00 25.72 ? 47  HIS A CE1 1 
ATOM   305  N  NE2 . HIS A 1 53  ? -4.697  -0.164  12.533  1.00 26.15 ? 47  HIS A NE2 1 
ATOM   306  N  N   . MET A 1 54  ? -4.881  1.114   7.346   1.00 21.68 ? 48  MET A N   1 
ATOM   307  C  CA  . MET A 1 54  ? -3.803  0.417   6.633   1.00 21.40 ? 48  MET A CA  1 
ATOM   308  C  C   . MET A 1 54  ? -2.889  1.383   5.855   1.00 21.03 ? 48  MET A C   1 
ATOM   309  O  O   . MET A 1 54  ? -1.674  1.228   5.859   1.00 20.85 ? 48  MET A O   1 
ATOM   310  C  CB  . MET A 1 54  ? -4.371  -0.643  5.676   1.00 20.86 ? 48  MET A CB  1 
ATOM   311  C  CG  . MET A 1 54  ? -4.991  -1.871  6.334   1.00 21.08 ? 48  MET A CG  1 
ATOM   312  S  SD  . MET A 1 54  ? -3.996  -2.670  7.619   1.00 20.67 ? 48  MET A SD  1 
ATOM   313  C  CE  . MET A 1 54  ? -4.494  -1.739  9.065   1.00 20.62 ? 48  MET A CE  1 
ATOM   314  N  N   . LEU A 1 55  ? -3.482  2.365   5.194   1.00 21.12 ? 49  LEU A N   1 
ATOM   315  C  CA  . LEU A 1 55  ? -2.719  3.318   4.384   1.00 21.88 ? 49  LEU A CA  1 
ATOM   316  C  C   . LEU A 1 55  ? -1.957  4.306   5.263   1.00 21.62 ? 49  LEU A C   1 
ATOM   317  O  O   . LEU A 1 55  ? -0.880  4.755   4.894   1.00 21.72 ? 49  LEU A O   1 
ATOM   318  C  CB  . LEU A 1 55  ? -3.634  4.059   3.403   1.00 22.15 ? 49  LEU A CB  1 
ATOM   319  C  CG  . LEU A 1 55  ? -3.845  3.498   1.986   1.00 22.66 ? 49  LEU A CG  1 
ATOM   320  C  CD1 . LEU A 1 55  ? -3.729  1.990   1.919   1.00 23.05 ? 49  LEU A CD1 1 
ATOM   321  C  CD2 . LEU A 1 55  ? -5.186  3.950   1.416   1.00 22.68 ? 49  LEU A CD2 1 
ATOM   322  N  N   . THR A 1 56  ? -2.517  4.645   6.421   1.00 21.69 ? 50  THR A N   1 
ATOM   323  C  CA  . THR A 1 56  ? -1.803  5.470   7.386   1.00 21.84 ? 50  THR A CA  1 
ATOM   324  C  C   . THR A 1 56  ? -0.555  4.740   7.890   1.00 22.41 ? 50  THR A C   1 
ATOM   325  O  O   . THR A 1 56  ? 0.504   5.333   8.013   1.00 22.82 ? 50  THR A O   1 
ATOM   326  C  CB  . THR A 1 56  ? -2.712  5.882   8.560   1.00 21.49 ? 50  THR A CB  1 
ATOM   327  O  OG1 . THR A 1 56  ? -3.854  6.593   8.052   1.00 21.10 ? 50  THR A OG1 1 
ATOM   328  C  CG2 . THR A 1 56  ? -1.961  6.775   9.545   1.00 21.28 ? 50  THR A CG2 1 
ATOM   329  N  N   . ALA A 1 57  ? -0.684  3.446   8.155   1.00 23.31 ? 51  ALA A N   1 
ATOM   330  C  CA  . ALA A 1 57  ? 0.455   2.631   8.561   1.00 23.92 ? 51  ALA A CA  1 
ATOM   331  C  C   . ALA A 1 57  ? 1.502   2.559   7.451   1.00 24.78 ? 51  ALA A C   1 
ATOM   332  O  O   . ALA A 1 57  ? 2.707   2.666   7.710   1.00 24.55 ? 51  ALA A O   1 
ATOM   333  C  CB  . ALA A 1 57  ? -0.010  1.229   8.948   1.00 24.14 ? 51  ALA A CB  1 
ATOM   334  N  N   . LEU A 1 58  ? 1.039   2.372   6.214   1.00 25.03 ? 52  LEU A N   1 
ATOM   335  C  CA  . LEU A 1 58  ? 1.939   2.277   5.070   1.00 25.28 ? 52  LEU A CA  1 
ATOM   336  C  C   . LEU A 1 58  ? 2.751   3.567   4.898   1.00 25.11 ? 52  LEU A C   1 
ATOM   337  O  O   . LEU A 1 58  ? 3.971   3.526   4.764   1.00 23.70 ? 52  LEU A O   1 
ATOM   338  C  CB  . LEU A 1 58  ? 1.161   1.946   3.790   1.00 26.26 ? 52  LEU A CB  1 
ATOM   339  C  CG  . LEU A 1 58  ? 2.025   1.658   2.552   1.00 27.26 ? 52  LEU A CG  1 
ATOM   340  C  CD1 . LEU A 1 58  ? 1.296   0.790   1.541   1.00 28.14 ? 52  LEU A CD1 1 
ATOM   341  C  CD2 . LEU A 1 58  ? 2.505   2.945   1.881   1.00 28.24 ? 52  LEU A CD2 1 
ATOM   342  N  N   . GLY A 1 59  ? 2.070   4.707   4.913   1.00 25.66 ? 53  GLY A N   1 
ATOM   343  C  CA  . GLY A 1 59  ? 2.743   5.996   4.753   1.00 25.99 ? 53  GLY A CA  1 
ATOM   344  C  C   . GLY A 1 59  ? 3.696   6.277   5.896   1.00 26.93 ? 53  GLY A C   1 
ATOM   345  O  O   . GLY A 1 59  ? 4.833   6.714   5.682   1.00 27.09 ? 53  GLY A O   1 
ATOM   346  N  N   . SER A 1 60  ? 3.230   6.013   7.113   1.00 26.85 ? 54  SER A N   1 
ATOM   347  C  CA  . SER A 1 60  ? 4.021   6.273   8.308   1.00 27.92 ? 54  SER A CA  1 
ATOM   348  C  C   . SER A 1 60  ? 5.300   5.430   8.326   1.00 27.10 ? 54  SER A C   1 
ATOM   349  O  O   . SER A 1 60  ? 6.403   5.967   8.415   1.00 26.86 ? 54  SER A O   1 
ATOM   350  C  CB  . SER A 1 60  ? 3.193   5.988   9.554   1.00 28.65 ? 54  SER A CB  1 
ATOM   351  O  OG  . SER A 1 60  ? 3.998   6.130   10.709  1.00 31.66 ? 54  SER A OG  1 
ATOM   352  N  N   . HIS A 1 61  ? 5.143   4.117   8.214   1.00 26.32 ? 55  HIS A N   1 
ATOM   353  C  CA  . HIS A 1 61  ? 6.279   3.199   8.285   1.00 26.02 ? 55  HIS A CA  1 
ATOM   354  C  C   . HIS A 1 61  ? 7.217   3.280   7.088   1.00 25.48 ? 55  HIS A C   1 
ATOM   355  O  O   . HIS A 1 61  ? 8.373   2.862   7.175   1.00 24.88 ? 55  HIS A O   1 
ATOM   356  C  CB  . HIS A 1 61  ? 5.795   1.769   8.463   1.00 26.59 ? 55  HIS A CB  1 
ATOM   357  C  CG  . HIS A 1 61  ? 5.275   1.485   9.833   1.00 27.61 ? 55  HIS A CG  1 
ATOM   358  N  ND1 . HIS A 1 61  ? 6.059   0.927   10.818  1.00 27.78 ? 55  HIS A ND1 1 
ATOM   359  C  CD2 . HIS A 1 61  ? 4.059   1.696   10.390  1.00 27.78 ? 55  HIS A CD2 1 
ATOM   360  C  CE1 . HIS A 1 61  ? 5.343   0.796   11.920  1.00 28.35 ? 55  HIS A CE1 1 
ATOM   361  N  NE2 . HIS A 1 61  ? 4.127   1.254   11.686  1.00 27.92 ? 55  HIS A NE2 1 
ATOM   362  N  N   . ALA A 1 62  ? 6.725   3.817   5.973   1.00 24.82 ? 56  ALA A N   1 
ATOM   363  C  CA  . ALA A 1 62  ? 7.584   4.082   4.826   1.00 25.00 ? 56  ALA A CA  1 
ATOM   364  C  C   . ALA A 1 62  ? 8.283   5.432   4.950   1.00 25.41 ? 56  ALA A C   1 
ATOM   365  O  O   . ALA A 1 62  ? 9.047   5.821   4.063   1.00 24.38 ? 56  ALA A O   1 
ATOM   366  C  CB  . ALA A 1 62  ? 6.793   4.018   3.527   1.00 24.87 ? 56  ALA A CB  1 
ATOM   367  N  N   . SER A 1 63  ? 8.016   6.145   6.046   1.00 26.00 ? 57  SER A N   1 
ATOM   368  C  CA  . SER A 1 63  ? 8.530   7.489   6.255   1.00 27.87 ? 57  SER A CA  1 
ATOM   369  C  C   . SER A 1 63  ? 8.187   8.435   5.099   1.00 27.87 ? 57  SER A C   1 
ATOM   370  O  O   . SER A 1 63  ? 8.927   9.372   4.816   1.00 27.73 ? 57  SER A O   1 
ATOM   371  C  CB  . SER A 1 63  ? 10.043  7.452   6.498   1.00 29.27 ? 57  SER A CB  1 
ATOM   372  O  OG  . SER A 1 63  ? 10.535  8.755   6.770   1.00 32.35 ? 57  SER A OG  1 
ATOM   373  N  N   . PHE A 1 64  ? 7.064   8.182   4.428   1.00 27.72 ? 58  PHE A N   1 
ATOM   374  C  CA  . PHE A 1 64  ? 6.547   9.122   3.456   1.00 27.59 ? 58  PHE A CA  1 
ATOM   375  C  C   . PHE A 1 64  ? 5.824   10.238  4.191   1.00 26.83 ? 58  PHE A C   1 
ATOM   376  O  O   . PHE A 1 64  ? 5.437   10.079  5.343   1.00 25.74 ? 58  PHE A O   1 
ATOM   377  C  CB  . PHE A 1 64  ? 5.548   8.451   2.505   1.00 28.30 ? 58  PHE A CB  1 
ATOM   378  C  CG  . PHE A 1 64  ? 6.127   7.350   1.647   1.00 28.30 ? 58  PHE A CG  1 
ATOM   379  C  CD1 . PHE A 1 64  ? 7.479   7.300   1.330   1.00 28.44 ? 58  PHE A CD1 1 
ATOM   380  C  CD2 . PHE A 1 64  ? 5.289   6.377   1.113   1.00 28.17 ? 58  PHE A CD2 1 
ATOM   381  C  CE1 . PHE A 1 64  ? 7.983   6.290   0.525   1.00 27.93 ? 58  PHE A CE1 1 
ATOM   382  C  CE2 . PHE A 1 64  ? 5.788   5.366   0.307   1.00 27.92 ? 58  PHE A CE2 1 
ATOM   383  C  CZ  . PHE A 1 64  ? 7.138   5.325   0.009   1.00 27.86 ? 58  PHE A CZ  1 
ATOM   384  N  N   . ASP A 1 65  ? 5.663   11.374  3.517   1.00 27.38 ? 59  ASP A N   1 
ATOM   385  C  CA  . ASP A 1 65  ? 4.595   12.309  3.845   1.00 28.20 ? 59  ASP A CA  1 
ATOM   386  C  C   . ASP A 1 65  ? 3.501   12.056  2.812   1.00 27.61 ? 59  ASP A C   1 
ATOM   387  O  O   . ASP A 1 65  ? 3.764   12.054  1.614   1.00 29.99 ? 59  ASP A O   1 
ATOM   388  C  CB  . ASP A 1 65  ? 5.073   13.760  3.782   1.00 29.25 ? 59  ASP A CB  1 
ATOM   389  C  CG  . ASP A 1 65  ? 6.059   14.110  4.889   1.00 29.89 ? 59  ASP A CG  1 
ATOM   390  O  OD1 . ASP A 1 65  ? 6.062   13.456  5.952   1.00 30.87 ? 59  ASP A OD1 1 
ATOM   391  O  OD2 . ASP A 1 65  ? 6.843   15.054  4.691   1.00 30.25 ? 59  ASP A OD2 1 
ATOM   392  N  N   . LEU A 1 66  ? 2.276   11.830  3.270   1.00 27.77 ? 60  LEU A N   1 
ATOM   393  C  CA  . LEU A 1 66  ? 1.240   11.313  2.387   1.00 27.09 ? 60  LEU A CA  1 
ATOM   394  C  C   . LEU A 1 66  ? -0.130  11.831  2.730   1.00 26.02 ? 60  LEU A C   1 
ATOM   395  O  O   . LEU A 1 66  ? -0.591  11.663  3.854   1.00 25.81 ? 60  LEU A O   1 
ATOM   396  C  CB  . LEU A 1 66  ? 1.223   9.784   2.450   1.00 27.25 ? 60  LEU A CB  1 
ATOM   397  C  CG  . LEU A 1 66  ? 0.068   9.076   1.728   1.00 27.95 ? 60  LEU A CG  1 
ATOM   398  C  CD1 . LEU A 1 66  ? 0.225   9.133   0.212   1.00 27.38 ? 60  LEU A CD1 1 
ATOM   399  C  CD2 . LEU A 1 66  ? -0.031  7.637   2.209   1.00 28.50 ? 60  LEU A CD2 1 
ATOM   400  N  N   . THR A 1 67  ? -0.794  12.430  1.747   1.00 25.19 ? 61  THR A N   1 
ATOM   401  C  CA  . THR A 1 67  ? -2.197  12.772  1.889   1.00 25.19 ? 61  THR A CA  1 
ATOM   402  C  C   . THR A 1 67  ? -3.018  11.992  0.877   1.00 25.11 ? 61  THR A C   1 
ATOM   403  O  O   . THR A 1 67  ? -2.664  11.905  -0.303  1.00 23.60 ? 61  THR A O   1 
ATOM   404  C  CB  . THR A 1 67  ? -2.462  14.282  1.729   1.00 25.27 ? 61  THR A CB  1 
ATOM   405  O  OG1 . THR A 1 67  ? -1.480  15.008  2.457   1.00 25.02 ? 61  THR A OG1 1 
ATOM   406  C  CG2 . THR A 1 67  ? -3.823  14.641  2.302   1.00 25.98 ? 61  THR A CG2 1 
ATOM   407  N  N   . VAL A 1 68  ? -4.105  11.408  1.372   1.00 25.73 ? 62  VAL A N   1 
ATOM   408  C  CA  . VAL A 1 68  ? -5.027  10.639  0.560   1.00 25.86 ? 62  VAL A CA  1 
ATOM   409  C  C   . VAL A 1 68  ? -6.436  11.074  0.930   1.00 26.93 ? 62  VAL A C   1 
ATOM   410  O  O   . VAL A 1 68  ? -6.875  10.884  2.070   1.00 26.58 ? 62  VAL A O   1 
ATOM   411  C  CB  . VAL A 1 68  ? -4.896  9.124   0.808   1.00 25.78 ? 62  VAL A CB  1 
ATOM   412  C  CG1 . VAL A 1 68  ? -5.991  8.368   0.052   1.00 25.41 ? 62  VAL A CG1 1 
ATOM   413  C  CG2 . VAL A 1 68  ? -3.494  8.634   0.440   1.00 25.07 ? 62  VAL A CG2 1 
ATOM   414  N  N   . ARG A 1 69  ? -7.114  11.666  -0.043  1.00 27.72 ? 63  ARG A N   1 
ATOM   415  C  CA  . ARG A 1 69  ? -8.500  12.079  0.068   1.00 29.75 ? 63  ARG A CA  1 
ATOM   416  C  C   . ARG A 1 69  ? -9.243  11.325  -1.029  1.00 28.25 ? 63  ARG A C   1 
ATOM   417  O  O   . ARG A 1 69  ? -8.874  11.413  -2.202  1.00 27.55 ? 63  ARG A O   1 
ATOM   418  C  CB  . ARG A 1 69  ? -8.599  13.588  -0.153  1.00 33.49 ? 63  ARG A CB  1 
ATOM   419  C  CG  . ARG A 1 69  ? -9.970  14.218  0.073   1.00 37.76 ? 63  ARG A CG  1 
ATOM   420  C  CD  . ARG A 1 69  ? -10.016 15.613  -0.546  1.00 41.46 ? 63  ARG A CD  1 
ATOM   421  N  NE  . ARG A 1 69  ? -11.071 16.456  0.018   1.00 46.67 ? 63  ARG A NE  1 
ATOM   422  C  CZ  . ARG A 1 69  ? -11.340 17.707  -0.372  1.00 51.04 ? 63  ARG A CZ  1 
ATOM   423  N  NH1 . ARG A 1 69  ? -10.635 18.284  -1.347  1.00 54.51 ? 63  ARG A NH1 1 
ATOM   424  N  NH2 . ARG A 1 69  ? -12.322 18.391  0.212   1.00 50.63 ? 63  ARG A NH2 1 
ATOM   425  N  N   . ALA A 1 70  ? -10.273 10.573  -0.651  1.00 27.63 ? 64  ALA A N   1 
ATOM   426  C  CA  . ALA A 1 70  ? -11.012 9.769   -1.611  1.00 27.30 ? 64  ALA A CA  1 
ATOM   427  C  C   . ALA A 1 70  ? -12.476 9.626   -1.224  1.00 26.72 ? 64  ALA A C   1 
ATOM   428  O  O   . ALA A 1 70  ? -12.794 9.424   -0.055  1.00 25.88 ? 64  ALA A O   1 
ATOM   429  C  CB  . ALA A 1 70  ? -10.363 8.396   -1.758  1.00 28.04 ? 64  ALA A CB  1 
ATOM   430  N  N   . THR A 1 71  ? -13.350 9.772   -2.216  1.00 26.50 ? 65  THR A N   1 
ATOM   431  C  CA  A THR A 1 71  ? -14.784 9.555   -2.040  0.30 26.79 ? 65  THR A CA  1 
ATOM   432  C  CA  B THR A 1 71  ? -14.788 9.554   -2.046  0.70 26.87 ? 65  THR A CA  1 
ATOM   433  C  C   . THR A 1 71  ? -15.274 8.708   -3.206  1.00 26.99 ? 65  THR A C   1 
ATOM   434  O  O   . THR A 1 71  ? -14.987 9.018   -4.366  1.00 26.71 ? 65  THR A O   1 
ATOM   435  C  CB  A THR A 1 71  ? -15.567 10.886  -1.993  0.30 26.70 ? 65  THR A CB  1 
ATOM   436  C  CB  B THR A 1 71  ? -15.595 10.873  -2.031  0.70 26.76 ? 65  THR A CB  1 
ATOM   437  O  OG1 A THR A 1 71  ? -14.973 11.762  -1.028  0.30 26.66 ? 65  THR A OG1 1 
ATOM   438  O  OG1 B THR A 1 71  ? -15.275 11.652  -3.189  0.70 27.02 ? 65  THR A OG1 1 
ATOM   439  C  CG2 A THR A 1 71  ? -17.026 10.644  -1.617  0.30 26.67 ? 65  THR A CG2 1 
ATOM   440  C  CG2 B THR A 1 71  ? -15.305 11.678  -0.778  0.70 26.61 ? 65  THR A CG2 1 
ATOM   441  N  N   . GLY A 1 72  ? -16.000 7.634   -2.898  1.00 27.45 ? 66  GLY A N   1 
ATOM   442  C  CA  . GLY A 1 72  ? -16.475 6.716   -3.935  1.00 26.83 ? 66  GLY A CA  1 
ATOM   443  C  C   . GLY A 1 72  ? -17.814 6.088   -3.639  1.00 26.72 ? 66  GLY A C   1 
ATOM   444  O  O   . GLY A 1 72  ? -18.535 6.537   -2.761  1.00 26.46 ? 66  GLY A O   1 
ATOM   445  N  N   . ASP A 1 73  ? -18.135 5.031   -4.379  1.00 27.51 ? 67  ASP A N   1 
ATOM   446  C  CA  . ASP A 1 73  ? -19.449 4.397   -4.314  1.00 27.90 ? 67  ASP A CA  1 
ATOM   447  C  C   . ASP A 1 73  ? -19.504 3.317   -3.229  1.00 27.40 ? 67  ASP A C   1 
ATOM   448  O  O   . ASP A 1 73  ? -19.723 2.140   -3.513  1.00 25.34 ? 67  ASP A O   1 
ATOM   449  C  CB  . ASP A 1 73  ? -19.859 3.841   -5.703  1.00 28.93 ? 67  ASP A CB  1 
ATOM   450  C  CG  . ASP A 1 73  ? -18.782 2.935   -6.355  1.00 29.77 ? 67  ASP A CG  1 
ATOM   451  O  OD1 . ASP A 1 73  ? -17.766 2.591   -5.713  1.00 28.78 ? 67  ASP A OD1 1 
ATOM   452  O  OD2 . ASP A 1 73  ? -18.967 2.563   -7.538  1.00 29.74 ? 67  ASP A OD2 1 
ATOM   453  N  N   . VAL A 1 74  ? -19.316 3.733   -1.977  1.00 28.00 ? 68  VAL A N   1 
ATOM   454  C  CA  . VAL A 1 74  ? -19.263 2.793   -0.846  1.00 28.40 ? 68  VAL A CA  1 
ATOM   455  C  C   . VAL A 1 74  ? -20.618 2.157   -0.505  1.00 28.66 ? 68  VAL A C   1 
ATOM   456  O  O   . VAL A 1 74  ? -20.684 1.201   0.268   1.00 27.90 ? 68  VAL A O   1 
ATOM   457  C  CB  . VAL A 1 74  ? -18.649 3.437   0.422   1.00 29.01 ? 68  VAL A CB  1 
ATOM   458  C  CG1 . VAL A 1 74  ? -17.158 3.665   0.228   1.00 29.26 ? 68  VAL A CG1 1 
ATOM   459  C  CG2 . VAL A 1 74  ? -19.353 4.738   0.793   1.00 29.14 ? 68  VAL A CG2 1 
ATOM   460  N  N   . GLU A 1 75  ? -21.699 2.690   -1.067  1.00 29.22 ? 69  GLU A N   1 
ATOM   461  C  CA  . GLU A 1 75  ? -22.999 2.040   -0.953  1.00 29.39 ? 69  GLU A CA  1 
ATOM   462  C  C   . GLU A 1 75  ? -22.952 0.636   -1.585  1.00 27.99 ? 69  GLU A C   1 
ATOM   463  O  O   . GLU A 1 75  ? -23.601 -0.290  -1.095  1.00 27.13 ? 69  GLU A O   1 
ATOM   464  C  CB  . GLU A 1 75  ? -24.139 2.920   -1.525  1.00 30.32 ? 69  GLU A CB  1 
ATOM   465  C  CG  . GLU A 1 75  ? -24.155 3.132   -3.039  1.00 31.75 ? 69  GLU A CG  1 
ATOM   466  C  CD  . GLU A 1 75  ? -23.109 4.119   -3.553  1.00 33.83 ? 69  GLU A CD  1 
ATOM   467  O  OE1 . GLU A 1 75  ? -22.472 4.835   -2.740  1.00 34.42 ? 69  GLU A OE1 1 
ATOM   468  O  OE2 . GLU A 1 75  ? -22.917 4.173   -4.789  1.00 35.92 ? 69  GLU A OE2 1 
ATOM   469  N  N   . ILE A 1 76  ? -22.155 0.481   -2.639  1.00 27.05 ? 70  ILE A N   1 
ATOM   470  C  CA  . ILE A 1 76  ? -21.980 -0.815  -3.309  1.00 27.12 ? 70  ILE A CA  1 
ATOM   471  C  C   . ILE A 1 76  ? -21.092 -1.728  -2.463  1.00 27.08 ? 70  ILE A C   1 
ATOM   472  O  O   . ILE A 1 76  ? -21.442 -2.877  -2.195  1.00 27.32 ? 70  ILE A O   1 
ATOM   473  C  CB  . ILE A 1 76  ? -21.355 -0.638  -4.707  1.00 26.95 ? 70  ILE A CB  1 
ATOM   474  C  CG1 . ILE A 1 76  ? -22.287 0.178   -5.606  1.00 26.94 ? 70  ILE A CG1 1 
ATOM   475  C  CG2 . ILE A 1 76  ? -21.055 -1.988  -5.341  1.00 27.11 ? 70  ILE A CG2 1 
ATOM   476  C  CD1 . ILE A 1 76  ? -21.653 0.609   -6.912  1.00 26.98 ? 70  ILE A CD1 1 
ATOM   477  N  N   . GLU A 1 77  ? -19.930 -1.190  -2.093  1.00 25.97 ? 71  GLU A N   1 
ATOM   478  C  CA  . GLU A 1 77  ? -18.997 -1.748  -1.107  1.00 24.47 ? 71  GLU A CA  1 
ATOM   479  C  C   . GLU A 1 77  ? -17.681 -0.984  -1.285  1.00 23.30 ? 71  GLU A C   1 
ATOM   480  O  O   . GLU A 1 77  ? -17.571 -0.118  -2.151  1.00 22.97 ? 71  GLU A O   1 
ATOM   481  C  CB  . GLU A 1 77  ? -18.769 -3.264  -1.261  1.00 24.82 ? 71  GLU A CB  1 
ATOM   482  C  CG  . GLU A 1 77  ? -18.188 -3.702  -2.604  1.00 25.02 ? 71  GLU A CG  1 
ATOM   483  C  CD  . GLU A 1 77  ? -17.058 -4.713  -2.463  1.00 25.54 ? 71  GLU A CD  1 
ATOM   484  O  OE1 . GLU A 1 77  ? -16.223 -4.551  -1.530  1.00 26.21 ? 71  GLU A OE1 1 
ATOM   485  O  OE2 . GLU A 1 77  ? -16.976 -5.644  -3.303  1.00 24.10 ? 71  GLU A OE2 1 
ATOM   486  N  N   . ALA A 1 78  ? -16.676 -1.307  -0.488  1.00 21.95 ? 72  ALA A N   1 
ATOM   487  C  CA  . ALA A 1 78  ? -15.420 -0.573  -0.541  1.00 21.30 ? 72  ALA A CA  1 
ATOM   488  C  C   . ALA A 1 78  ? -14.561 -0.843  -1.802  1.00 20.83 ? 72  ALA A C   1 
ATOM   489  O  O   . ALA A 1 78  ? -13.681 -0.045  -2.138  1.00 20.14 ? 72  ALA A O   1 
ATOM   490  C  CB  . ALA A 1 78  ? -14.621 -0.864  0.711   1.00 21.04 ? 72  ALA A CB  1 
ATOM   491  N  N   . HIS A 1 79  ? -14.823 -1.952  -2.491  1.00 20.67 ? 73  HIS A N   1 
ATOM   492  C  CA  . HIS A 1 79  ? -13.946 -2.439  -3.559  1.00 20.86 ? 73  HIS A CA  1 
ATOM   493  C  C   . HIS A 1 79  ? -13.440 -1.344  -4.504  1.00 20.86 ? 73  HIS A C   1 
ATOM   494  O  O   . HIS A 1 79  ? -12.236 -1.138  -4.607  1.00 21.30 ? 73  HIS A O   1 
ATOM   495  C  CB  . HIS A 1 79  ? -14.654 -3.539  -4.365  1.00 20.42 ? 73  HIS A CB  1 
ATOM   496  C  CG  . HIS A 1 79  ? -13.787 -4.206  -5.385  1.00 19.36 ? 73  HIS A CG  1 
ATOM   497  N  ND1 . HIS A 1 79  ? -13.564 -5.562  -5.391  1.00 18.89 ? 73  HIS A ND1 1 
ATOM   498  C  CD2 . HIS A 1 79  ? -13.093 -3.707  -6.433  1.00 19.65 ? 73  HIS A CD2 1 
ATOM   499  C  CE1 . HIS A 1 79  ? -12.768 -5.873  -6.395  1.00 18.91 ? 73  HIS A CE1 1 
ATOM   500  N  NE2 . HIS A 1 79  ? -12.467 -4.763  -7.043  1.00 19.10 ? 73  HIS A NE2 1 
ATOM   501  N  N   . HIS A 1 80  ? -14.353 -0.664  -5.189  1.00 21.61 ? 74  HIS A N   1 
ATOM   502  C  CA  . HIS A 1 80  ? -13.984 0.329   -6.219  1.00 22.80 ? 74  HIS A CA  1 
ATOM   503  C  C   . HIS A 1 80  ? -13.103 1.442   -5.688  1.00 21.76 ? 74  HIS A C   1 
ATOM   504  O  O   . HIS A 1 80  ? -12.093 1.795   -6.292  1.00 22.17 ? 74  HIS A O   1 
ATOM   505  C  CB  . HIS A 1 80  ? -15.229 0.961   -6.839  1.00 24.01 ? 74  HIS A CB  1 
ATOM   506  C  CG  . HIS A 1 80  ? -16.058 0.005   -7.638  1.00 26.07 ? 74  HIS A CG  1 
ATOM   507  N  ND1 . HIS A 1 80  ? -17.365 0.267   -7.992  1.00 27.18 ? 74  HIS A ND1 1 
ATOM   508  C  CD2 . HIS A 1 80  ? -15.773 -1.222  -8.134  1.00 26.92 ? 74  HIS A CD2 1 
ATOM   509  C  CE1 . HIS A 1 80  ? -17.846 -0.752  -8.678  1.00 28.02 ? 74  HIS A CE1 1 
ATOM   510  N  NE2 . HIS A 1 80  ? -16.901 -1.671  -8.774  1.00 27.74 ? 74  HIS A NE2 1 
ATOM   511  N  N   . THR A 1 81  ? -13.505 2.001   -4.559  1.00 21.49 ? 75  THR A N   1 
ATOM   512  C  CA  . THR A 1 81  ? -12.730 3.046   -3.903  1.00 21.95 ? 75  THR A CA  1 
ATOM   513  C  C   . THR A 1 81  ? -11.342 2.561   -3.478  1.00 21.82 ? 75  THR A C   1 
ATOM   514  O  O   . THR A 1 81  ? -10.340 3.284   -3.621  1.00 21.06 ? 75  THR A O   1 
ATOM   515  C  CB  . THR A 1 81  ? -13.460 3.555   -2.654  1.00 21.86 ? 75  THR A CB  1 
ATOM   516  O  OG1 . THR A 1 81  ? -14.729 4.079   -3.034  1.00 22.52 ? 75  THR A OG1 1 
ATOM   517  C  CG2 . THR A 1 81  ? -12.653 4.641   -1.967  1.00 22.48 ? 75  THR A CG2 1 
ATOM   518  N  N   . ILE A 1 82  ? -11.291 1.345   -2.943  1.00 21.92 ? 76  ILE A N   1 
ATOM   519  C  CA  . ILE A 1 82  ? -10.029 0.778   -2.476  1.00 22.99 ? 76  ILE A CA  1 
ATOM   520  C  C   . ILE A 1 82  ? -9.102  0.582   -3.662  1.00 23.16 ? 76  ILE A C   1 
ATOM   521  O  O   . ILE A 1 82  ? -7.920  0.892   -3.589  1.00 23.54 ? 76  ILE A O   1 
ATOM   522  C  CB  . ILE A 1 82  ? -10.235 -0.560  -1.741  1.00 23.33 ? 76  ILE A CB  1 
ATOM   523  C  CG1 . ILE A 1 82  ? -10.876 -0.313  -0.374  1.00 24.33 ? 76  ILE A CG1 1 
ATOM   524  C  CG2 . ILE A 1 82  ? -8.906  -1.287  -1.563  1.00 24.15 ? 76  ILE A CG2 1 
ATOM   525  C  CD1 . ILE A 1 82  ? -11.416 -1.566  0.303   1.00 25.15 ? 76  ILE A CD1 1 
ATOM   526  N  N   . GLU A 1 83  ? -9.662  0.078   -4.756  1.00 24.17 ? 77  GLU A N   1 
ATOM   527  C  CA  . GLU A 1 83  ? -8.904  -0.201  -5.971  1.00 25.16 ? 77  GLU A CA  1 
ATOM   528  C  C   . GLU A 1 83  ? -8.384  1.081   -6.640  1.00 25.31 ? 77  GLU A C   1 
ATOM   529  O  O   . GLU A 1 83  ? -7.203  1.181   -6.967  1.00 26.37 ? 77  GLU A O   1 
ATOM   530  C  CB  . GLU A 1 83  ? -9.781  -1.001  -6.945  1.00 25.27 ? 77  GLU A CB  1 
ATOM   531  C  CG  . GLU A 1 83  ? -9.086  -1.375  -8.246  1.00 25.90 ? 77  GLU A CG  1 
ATOM   532  C  CD  . GLU A 1 83  ? -9.958  -2.168  -9.190  1.00 26.54 ? 77  GLU A CD  1 
ATOM   533  O  OE1 . GLU A 1 83  ? -11.081 -2.577  -8.798  1.00 27.43 ? 77  GLU A OE1 1 
ATOM   534  O  OE2 . GLU A 1 83  ? -9.510  -2.386  -10.335 1.00 26.92 ? 77  GLU A OE2 1 
ATOM   535  N  N   . ASP A 1 84  ? -9.271  2.051   -6.849  1.00 25.31 ? 78  ASP A N   1 
ATOM   536  C  CA  . ASP A 1 84  ? -8.890  3.307   -7.492  1.00 25.35 ? 78  ASP A CA  1 
ATOM   537  C  C   . ASP A 1 84  ? -7.821  4.004   -6.670  1.00 23.36 ? 78  ASP A C   1 
ATOM   538  O  O   . ASP A 1 84  ? -6.846  4.535   -7.210  1.00 23.62 ? 78  ASP A O   1 
ATOM   539  C  CB  . ASP A 1 84  ? -10.104 4.235   -7.676  1.00 26.32 ? 78  ASP A CB  1 
ATOM   540  C  CG  . ASP A 1 84  ? -11.039 3.780   -8.801  1.00 28.74 ? 78  ASP A CG  1 
ATOM   541  O  OD1 . ASP A 1 84  ? -10.543 3.247   -9.826  1.00 30.67 ? 78  ASP A OD1 1 
ATOM   542  O  OD2 . ASP A 1 84  ? -12.275 3.967   -8.665  1.00 30.07 ? 78  ASP A OD2 1 
ATOM   543  N  N   . THR A 1 85  ? -7.991  3.983   -5.359  1.00 21.45 ? 79  THR A N   1 
ATOM   544  C  CA  . THR A 1 85  ? -7.022  4.607   -4.473  1.00 19.92 ? 79  THR A CA  1 
ATOM   545  C  C   . THR A 1 85  ? -5.640  3.989   -4.631  1.00 19.01 ? 79  THR A C   1 
ATOM   546  O  O   . THR A 1 85  ? -4.666  4.700   -4.773  1.00 18.64 ? 79  THR A O   1 
ATOM   547  C  CB  . THR A 1 85  ? -7.475  4.515   -3.014  1.00 19.39 ? 79  THR A CB  1 
ATOM   548  O  OG1 . THR A 1 85  ? -8.696  5.247   -2.859  1.00 18.87 ? 79  THR A OG1 1 
ATOM   549  C  CG2 . THR A 1 85  ? -6.410  5.088   -2.076  1.00 19.55 ? 79  THR A CG2 1 
ATOM   550  N  N   . ALA A 1 86  ? -5.567  2.662   -4.606  1.00 19.28 ? 80  ALA A N   1 
ATOM   551  C  CA  . ALA A 1 86  ? -4.300  1.955   -4.793  1.00 19.26 ? 80  ALA A CA  1 
ATOM   552  C  C   . ALA A 1 86  ? -3.659  2.252   -6.150  1.00 19.12 ? 80  ALA A C   1 
ATOM   553  O  O   . ALA A 1 86  ? -2.444  2.385   -6.243  1.00 19.13 ? 80  ALA A O   1 
ATOM   554  C  CB  . ALA A 1 86  ? -4.511  0.457   -4.629  1.00 19.46 ? 80  ALA A CB  1 
ATOM   555  N  N   . ILE A 1 87  ? -4.478  2.328   -7.198  1.00 19.54 ? 81  ILE A N   1 
ATOM   556  C  CA  . ILE A 1 87  ? -3.995  2.652   -8.542  1.00 20.01 ? 81  ILE A CA  1 
ATOM   557  C  C   . ILE A 1 87  ? -3.363  4.033   -8.553  1.00 20.35 ? 81  ILE A C   1 
ATOM   558  O  O   . ILE A 1 87  ? -2.250  4.212   -9.035  1.00 20.11 ? 81  ILE A O   1 
ATOM   559  C  CB  . ILE A 1 87  ? -5.148  2.671   -9.560  1.00 20.18 ? 81  ILE A CB  1 
ATOM   560  C  CG1 . ILE A 1 87  ? -5.615  1.251   -9.863  1.00 19.90 ? 81  ILE A CG1 1 
ATOM   561  C  CG2 . ILE A 1 87  ? -4.735  3.388   -10.842 1.00 19.91 ? 81  ILE A CG2 1 
ATOM   562  C  CD1 . ILE A 1 87  ? -6.953  1.211   -10.565 1.00 20.25 ? 81  ILE A CD1 1 
ATOM   563  N  N   . ALA A 1 88  ? -4.109  4.997   -8.025  1.00 21.10 ? 82  ALA A N   1 
ATOM   564  C  CA  . ALA A 1 88  ? -3.650  6.370   -7.899  1.00 21.36 ? 82  ALA A CA  1 
ATOM   565  C  C   . ALA A 1 88  ? -2.363  6.440   -7.082  1.00 22.16 ? 82  ALA A C   1 
ATOM   566  O  O   . ALA A 1 88  ? -1.388  7.058   -7.507  1.00 22.64 ? 82  ALA A O   1 
ATOM   567  C  CB  . ALA A 1 88  ? -4.736  7.233   -7.266  1.00 21.11 ? 82  ALA A CB  1 
ATOM   568  N  N   . LEU A 1 89  ? -2.351  5.788   -5.925  1.00 22.04 ? 83  LEU A N   1 
ATOM   569  C  CA  . LEU A 1 89  ? -1.156  5.747   -5.076  1.00 22.24 ? 83  LEU A CA  1 
ATOM   570  C  C   . LEU A 1 89  ? 0.072   5.137   -5.783  1.00 22.64 ? 83  LEU A C   1 
ATOM   571  O  O   . LEU A 1 89  ? 1.188   5.653   -5.659  1.00 22.79 ? 83  LEU A O   1 
ATOM   572  C  CB  . LEU A 1 89  ? -1.470  4.987   -3.782  1.00 22.15 ? 83  LEU A CB  1 
ATOM   573  C  CG  . LEU A 1 89  ? -0.323  4.757   -2.785  1.00 21.81 ? 83  LEU A CG  1 
ATOM   574  C  CD1 . LEU A 1 89  ? 0.367   6.055   -2.417  1.00 21.53 ? 83  LEU A CD1 1 
ATOM   575  C  CD2 . LEU A 1 89  ? -0.858  4.062   -1.539  1.00 21.36 ? 83  LEU A CD2 1 
ATOM   576  N  N   . GLY A 1 90  ? -0.132  4.051   -6.527  1.00 22.91 ? 84  GLY A N   1 
ATOM   577  C  CA  . GLY A 1 90  ? 0.954   3.439   -7.301  1.00 23.48 ? 84  GLY A CA  1 
ATOM   578  C  C   . GLY A 1 90  ? 1.485   4.378   -8.375  1.00 24.30 ? 84  GLY A C   1 
ATOM   579  O  O   . GLY A 1 90  ? 2.699   4.495   -8.580  1.00 23.86 ? 84  GLY A O   1 
ATOM   580  N  N   . THR A 1 91  ? 0.561   5.059   -9.051  1.00 25.07 ? 85  THR A N   1 
ATOM   581  C  CA  . THR A 1 91  ? 0.916   6.052   -10.049 1.00 25.39 ? 85  THR A CA  1 
ATOM   582  C  C   . THR A 1 91  ? 1.745   7.176   -9.415  1.00 26.34 ? 85  THR A C   1 
ATOM   583  O  O   . THR A 1 91  ? 2.738   7.624   -9.989  1.00 26.29 ? 85  THR A O   1 
ATOM   584  C  CB  . THR A 1 91  ? -0.346  6.644   -10.706 1.00 25.66 ? 85  THR A CB  1 
ATOM   585  O  OG1 . THR A 1 91  ? -1.209  5.584   -11.133 1.00 25.16 ? 85  THR A OG1 1 
ATOM   586  C  CG2 . THR A 1 91  ? 0.021   7.510   -11.906 1.00 25.30 ? 85  THR A CG2 1 
ATOM   587  N  N   . ALA A 1 92  ? 1.333   7.626   -8.233  1.00 26.31 ? 86  ALA A N   1 
ATOM   588  C  CA  . ALA A 1 92  ? 2.073   8.657   -7.513  1.00 27.24 ? 86  ALA A CA  1 
ATOM   589  C  C   . ALA A 1 92  ? 3.483   8.170   -7.187  1.00 28.03 ? 86  ALA A C   1 
ATOM   590  O  O   . ALA A 1 92  ? 4.471   8.890   -7.400  1.00 28.52 ? 86  ALA A O   1 
ATOM   591  C  CB  . ALA A 1 92  ? 1.340   9.056   -6.239  1.00 26.62 ? 86  ALA A CB  1 
ATOM   592  N  N   . LEU A 1 93  ? 3.572   6.943   -6.682  1.00 28.00 ? 87  LEU A N   1 
ATOM   593  C  CA  . LEU A 1 93  ? 4.860   6.352   -6.333  1.00 27.92 ? 87  LEU A CA  1 
ATOM   594  C  C   . LEU A 1 93  ? 5.818   6.333   -7.518  1.00 27.54 ? 87  LEU A C   1 
ATOM   595  O  O   . LEU A 1 93  ? 6.978   6.682   -7.371  1.00 26.94 ? 87  LEU A O   1 
ATOM   596  C  CB  . LEU A 1 93  ? 4.674   4.934   -5.786  1.00 27.71 ? 87  LEU A CB  1 
ATOM   597  C  CG  . LEU A 1 93  ? 5.923   4.176   -5.335  1.00 28.33 ? 87  LEU A CG  1 
ATOM   598  C  CD1 . LEU A 1 93  ? 6.795   5.011   -4.403  1.00 28.49 ? 87  LEU A CD1 1 
ATOM   599  C  CD2 . LEU A 1 93  ? 5.518   2.876   -4.661  1.00 28.45 ? 87  LEU A CD2 1 
ATOM   600  N  N   . GLY A 1 94  ? 5.334   5.921   -8.685  1.00 28.36 ? 88  GLY A N   1 
ATOM   601  C  CA  . GLY A 1 94  ? 6.168   5.884   -9.880  1.00 29.55 ? 88  GLY A CA  1 
ATOM   602  C  C   . GLY A 1 94  ? 6.651   7.268   -10.268 1.00 31.45 ? 88  GLY A C   1 
ATOM   603  O  O   . GLY A 1 94  ? 7.841   7.486   -10.482 1.00 32.82 ? 88  GLY A O   1 
ATOM   604  N  N   . GLN A 1 95  ? 5.719   8.210   -10.340 1.00 32.50 ? 89  GLN A N   1 
ATOM   605  C  CA  . GLN A 1 95  ? 6.032   9.575   -10.728 1.00 34.10 ? 89  GLN A CA  1 
ATOM   606  C  C   . GLN A 1 95  ? 7.087   10.167  -9.791  1.00 33.53 ? 89  GLN A C   1 
ATOM   607  O  O   . GLN A 1 95  ? 8.127   10.640  -10.247 1.00 31.31 ? 89  GLN A O   1 
ATOM   608  C  CB  . GLN A 1 95  ? 4.755   10.425  -10.729 1.00 37.05 ? 89  GLN A CB  1 
ATOM   609  C  CG  . GLN A 1 95  ? 4.874   11.754  -11.461 1.00 40.56 ? 89  GLN A CG  1 
ATOM   610  C  CD  . GLN A 1 95  ? 3.537   12.470  -11.583 1.00 43.24 ? 89  GLN A CD  1 
ATOM   611  O  OE1 . GLN A 1 95  ? 2.619   11.993  -12.260 1.00 44.08 ? 89  GLN A OE1 1 
ATOM   612  N  NE2 . GLN A 1 95  ? 3.420   13.621  -10.927 1.00 44.24 ? 89  GLN A NE2 1 
ATOM   613  N  N   . ALA A 1 96  ? 6.821   10.113  -8.487  1.00 32.39 ? 90  ALA A N   1 
ATOM   614  C  CA  . ALA A 1 96  ? 7.744   10.639  -7.485  1.00 32.18 ? 90  ALA A CA  1 
ATOM   615  C  C   . ALA A 1 96  ? 9.125   9.987   -7.556  1.00 32.94 ? 90  ALA A C   1 
ATOM   616  O  O   . ALA A 1 96  ? 10.131  10.632  -7.272  1.00 33.30 ? 90  ALA A O   1 
ATOM   617  C  CB  . ALA A 1 96  ? 7.156   10.472  -6.096  1.00 32.17 ? 90  ALA A CB  1 
ATOM   618  N  N   . LEU A 1 97  ? 9.159   8.708   -7.924  1.00 33.40 ? 91  LEU A N   1 
ATOM   619  C  CA  . LEU A 1 97  ? 10.411  7.973   -8.122  1.00 34.16 ? 91  LEU A CA  1 
ATOM   620  C  C   . LEU A 1 97  ? 11.227  8.533   -9.283  1.00 35.42 ? 91  LEU A C   1 
ATOM   621  O  O   . LEU A 1 97  ? 12.456  8.557   -9.222  1.00 34.20 ? 91  LEU A O   1 
ATOM   622  C  CB  . LEU A 1 97  ? 10.124  6.482   -8.383  1.00 34.05 ? 91  LEU A CB  1 
ATOM   623  C  CG  . LEU A 1 97  ? 10.548  5.370   -7.409  1.00 32.92 ? 91  LEU A CG  1 
ATOM   624  C  CD1 . LEU A 1 97  ? 11.208  5.856   -6.130  1.00 32.62 ? 91  LEU A CD1 1 
ATOM   625  C  CD2 . LEU A 1 97  ? 9.360   4.467   -7.100  1.00 32.33 ? 91  LEU A CD2 1 
ATOM   626  N  N   . GLY A 1 98  ? 10.545  8.960   -10.344 1.00 36.49 ? 92  GLY A N   1 
ATOM   627  C  CA  . GLY A 1 98  ? 11.213  9.497   -11.521 1.00 37.91 ? 92  GLY A CA  1 
ATOM   628  C  C   . GLY A 1 98  ? 12.177  8.497   -12.142 1.00 39.81 ? 92  GLY A C   1 
ATOM   629  O  O   . GLY A 1 98  ? 11.860  7.308   -12.249 1.00 40.54 ? 92  GLY A O   1 
ATOM   630  N  N   . ASP A 1 99  ? 13.367  8.973   -12.515 1.00 40.55 ? 93  ASP A N   1 
ATOM   631  C  CA  . ASP A 1 99  ? 14.359  8.144   -13.214 1.00 42.18 ? 93  ASP A CA  1 
ATOM   632  C  C   . ASP A 1 99  ? 15.008  7.048   -12.353 1.00 42.56 ? 93  ASP A C   1 
ATOM   633  O  O   . ASP A 1 99  ? 15.729  6.200   -12.881 1.00 43.37 ? 93  ASP A O   1 
ATOM   634  C  CB  . ASP A 1 99  ? 15.450  9.023   -13.849 1.00 43.25 ? 93  ASP A CB  1 
ATOM   635  C  CG  . ASP A 1 99  ? 16.294  9.784   -12.818 1.00 44.43 ? 93  ASP A CG  1 
ATOM   636  O  OD1 . ASP A 1 99  ? 16.090  9.619   -11.596 1.00 46.61 ? 93  ASP A OD1 1 
ATOM   637  O  OD2 . ASP A 1 99  ? 17.174  10.561  -13.241 1.00 46.42 ? 93  ASP A OD2 1 
ATOM   638  N  N   . LYS A 1 100 ? 14.779  7.091   -11.039 1.00 42.13 ? 94  LYS A N   1 
ATOM   639  C  CA  . LYS A 1 100 ? 15.199  6.030   -10.107 1.00 42.11 ? 94  LYS A CA  1 
ATOM   640  C  C   . LYS A 1 100 ? 16.712  5.849   -9.956  1.00 41.60 ? 94  LYS A C   1 
ATOM   641  O  O   . LYS A 1 100 ? 17.176  4.816   -9.475  1.00 41.56 ? 94  LYS A O   1 
ATOM   642  C  CB  . LYS A 1 100 ? 14.552  4.695   -10.491 1.00 41.92 ? 94  LYS A CB  1 
ATOM   643  C  CG  . LYS A 1 100 ? 13.136  4.557   -9.982  1.00 42.71 ? 94  LYS A CG  1 
ATOM   644  C  CD  . LYS A 1 100 ? 12.500  3.280   -10.483 1.00 41.58 ? 94  LYS A CD  1 
ATOM   645  C  CE  . LYS A 1 100 ? 12.147  3.389   -11.947 1.00 40.66 ? 94  LYS A CE  1 
ATOM   646  N  NZ  . LYS A 1 100 ? 11.085  2.408   -12.269 1.00 41.74 ? 94  LYS A NZ  1 
ATOM   647  N  N   . ARG A 1 101 ? 17.473  6.857   -10.347 1.00 42.47 ? 95  ARG A N   1 
ATOM   648  C  CA  . ARG A 1 101 ? 18.922  6.766   -10.307 1.00 43.04 ? 95  ARG A CA  1 
ATOM   649  C  C   . ARG A 1 101 ? 19.424  7.103   -8.903  1.00 38.48 ? 95  ARG A C   1 
ATOM   650  O  O   . ARG A 1 101 ? 18.854  7.952   -8.226  1.00 36.86 ? 95  ARG A O   1 
ATOM   651  C  CB  . ARG A 1 101 ? 19.535  7.686   -11.372 1.00 47.38 ? 95  ARG A CB  1 
ATOM   652  C  CG  . ARG A 1 101 ? 19.152  7.277   -12.794 1.00 51.77 ? 95  ARG A CG  1 
ATOM   653  C  CD  . ARG A 1 101 ? 19.698  8.210   -13.871 1.00 56.04 ? 95  ARG A CD  1 
ATOM   654  N  NE  . ARG A 1 101 ? 21.156  8.130   -13.988 1.00 60.52 ? 95  ARG A NE  1 
ATOM   655  C  CZ  . ARG A 1 101 ? 22.030  8.907   -13.339 1.00 64.00 ? 95  ARG A CZ  1 
ATOM   656  N  NH1 . ARG A 1 101 ? 21.619  9.857   -12.498 1.00 65.04 ? 95  ARG A NH1 1 
ATOM   657  N  NH2 . ARG A 1 101 ? 23.336  8.731   -13.531 1.00 65.18 ? 95  ARG A NH2 1 
ATOM   658  N  N   . GLY A 1 102 ? 20.468  6.405   -8.468  1.00 35.99 ? 96  GLY A N   1 
ATOM   659  C  CA  . GLY A 1 102 ? 21.111  6.665   -7.185  1.00 34.49 ? 96  GLY A CA  1 
ATOM   660  C  C   . GLY A 1 102 ? 20.474  6.011   -5.968  1.00 33.92 ? 96  GLY A C   1 
ATOM   661  O  O   . GLY A 1 102 ? 20.925  6.232   -4.850  1.00 33.86 ? 96  GLY A O   1 
ATOM   662  N  N   . ILE A 1 103 ? 19.444  5.193   -6.169  1.00 32.71 ? 97  ILE A N   1 
ATOM   663  C  CA  . ILE A 1 103 ? 18.698  4.621   -5.042  1.00 32.16 ? 97  ILE A CA  1 
ATOM   664  C  C   . ILE A 1 103 ? 19.105  3.181   -4.733  1.00 31.83 ? 97  ILE A C   1 
ATOM   665  O  O   . ILE A 1 103 ? 19.776  2.538   -5.527  1.00 30.59 ? 97  ILE A O   1 
ATOM   666  C  CB  . ILE A 1 103 ? 17.184  4.681   -5.294  1.00 31.72 ? 97  ILE A CB  1 
ATOM   667  C  CG1 . ILE A 1 103 ? 16.780  3.756   -6.448  1.00 32.26 ? 97  ILE A CG1 1 
ATOM   668  C  CG2 . ILE A 1 103 ? 16.762  6.117   -5.578  1.00 31.79 ? 97  ILE A CG2 1 
ATOM   669  C  CD1 . ILE A 1 103 ? 15.289  3.718   -6.691  1.00 32.19 ? 97  ILE A CD1 1 
ATOM   670  N  N   . ARG A 1 104 ? 18.689  2.679   -3.571  1.00 32.73 ? 98  ARG A N   1 
ATOM   671  C  CA  . ARG A 1 104 ? 18.982  1.298   -3.194  1.00 32.38 ? 98  ARG A CA  1 
ATOM   672  C  C   . ARG A 1 104 ? 18.404  0.323   -4.187  1.00 30.94 ? 98  ARG A C   1 
ATOM   673  O  O   . ARG A 1 104 ? 18.996  -0.732  -4.425  1.00 29.65 ? 98  ARG A O   1 
ATOM   674  C  CB  . ARG A 1 104 ? 18.405  0.953   -1.826  1.00 35.83 ? 98  ARG A CB  1 
ATOM   675  C  CG  . ARG A 1 104 ? 19.155  1.553   -0.657  1.00 39.61 ? 98  ARG A CG  1 
ATOM   676  C  CD  . ARG A 1 104 ? 19.470  0.485   0.378   1.00 42.91 ? 98  ARG A CD  1 
ATOM   677  N  NE  . ARG A 1 104 ? 20.540  -0.412  -0.079  1.00 45.80 ? 98  ARG A NE  1 
ATOM   678  C  CZ  . ARG A 1 104 ? 21.852  -0.203  0.078   1.00 45.73 ? 98  ARG A CZ  1 
ATOM   679  N  NH1 . ARG A 1 104 ? 22.308  0.891   0.684   1.00 46.54 ? 98  ARG A NH1 1 
ATOM   680  N  NH2 . ARG A 1 104 ? 22.722  -1.102  -0.377  1.00 45.72 ? 98  ARG A NH2 1 
ATOM   681  N  N   . ARG A 1 105 ? 17.226  0.659   -4.721  1.00 29.40 ? 99  ARG A N   1 
ATOM   682  C  CA  . ARG A 1 105 ? 16.515  -0.161  -5.709  1.00 28.45 ? 99  ARG A CA  1 
ATOM   683  C  C   . ARG A 1 105 ? 15.792  -1.354  -5.070  1.00 27.35 ? 99  ARG A C   1 
ATOM   684  O  O   . ARG A 1 105 ? 14.595  -1.556  -5.302  1.00 25.75 ? 99  ARG A O   1 
ATOM   685  C  CB  . ARG A 1 105 ? 17.457  -0.657  -6.812  1.00 29.29 ? 99  ARG A CB  1 
ATOM   686  C  CG  . ARG A 1 105 ? 16.716  -1.249  -7.993  1.00 31.04 ? 99  ARG A CG  1 
ATOM   687  C  CD  . ARG A 1 105 ? 17.637  -1.946  -8.979  1.00 32.13 ? 99  ARG A CD  1 
ATOM   688  N  NE  . ARG A 1 105 ? 16.893  -2.960  -9.720  1.00 33.05 ? 99  ARG A NE  1 
ATOM   689  C  CZ  . ARG A 1 105 ? 17.372  -3.683  -10.723 1.00 34.32 ? 99  ARG A CZ  1 
ATOM   690  N  NH1 . ARG A 1 105 ? 18.615  -3.516  -11.158 1.00 35.34 ? 99  ARG A NH1 1 
ATOM   691  N  NH2 . ARG A 1 105 ? 16.589  -4.580  -11.308 1.00 35.08 ? 99  ARG A NH2 1 
ATOM   692  N  N   . PHE A 1 106 ? 16.537  -2.150  -4.299  1.00 25.49 ? 100 PHE A N   1 
ATOM   693  C  CA  . PHE A 1 106 ? 15.996  -3.305  -3.596  1.00 24.44 ? 100 PHE A CA  1 
ATOM   694  C  C   . PHE A 1 106 ? 15.717  -2.967  -2.143  1.00 23.54 ? 100 PHE A C   1 
ATOM   695  O  O   . PHE A 1 106 ? 16.463  -2.210  -1.520  1.00 23.23 ? 100 PHE A O   1 
ATOM   696  C  CB  . PHE A 1 106 ? 16.964  -4.494  -3.679  1.00 24.40 ? 100 PHE A CB  1 
ATOM   697  C  CG  . PHE A 1 106 ? 17.152  -5.012  -5.069  1.00 24.64 ? 100 PHE A CG  1 
ATOM   698  C  CD1 . PHE A 1 106 ? 16.328  -6.004  -5.571  1.00 24.77 ? 100 PHE A CD1 1 
ATOM   699  C  CD2 . PHE A 1 106 ? 18.129  -4.485  -5.891  1.00 25.04 ? 100 PHE A CD2 1 
ATOM   700  C  CE1 . PHE A 1 106 ? 16.483  -6.471  -6.870  1.00 24.62 ? 100 PHE A CE1 1 
ATOM   701  C  CE2 . PHE A 1 106 ? 18.294  -4.951  -7.183  1.00 25.00 ? 100 PHE A CE2 1 
ATOM   702  C  CZ  . PHE A 1 106 ? 17.469  -5.944  -7.672  1.00 24.85 ? 100 PHE A CZ  1 
ATOM   703  N  N   . GLY A 1 107 ? 14.631  -3.529  -1.616  1.00 22.89 ? 101 GLY A N   1 
ATOM   704  C  CA  . GLY A 1 107 ? 14.286  -3.387  -0.211  1.00 22.33 ? 101 GLY A CA  1 
ATOM   705  C  C   . GLY A 1 107 ? 13.431  -4.536  0.281   1.00 22.60 ? 101 GLY A C   1 
ATOM   706  O  O   . GLY A 1 107 ? 12.682  -5.134  -0.489  1.00 22.71 ? 101 GLY A O   1 
ATOM   707  N  N   . ASP A 1 108 ? 13.542  -4.852  1.567   1.00 22.76 ? 102 ASP A N   1 
ATOM   708  C  CA  . ASP A 1 108 ? 12.713  -5.891  2.169   1.00 23.44 ? 102 ASP A CA  1 
ATOM   709  C  C   . ASP A 1 108 ? 12.583  -5.668  3.664   1.00 23.10 ? 102 ASP A C   1 
ATOM   710  O  O   . ASP A 1 108 ? 13.416  -5.000  4.262   1.00 23.63 ? 102 ASP A O   1 
ATOM   711  C  CB  . ASP A 1 108 ? 13.283  -7.292  1.910   1.00 24.09 ? 102 ASP A CB  1 
ATOM   712  C  CG  . ASP A 1 108 ? 14.340  -7.693  2.937   1.00 24.92 ? 102 ASP A CG  1 
ATOM   713  O  OD1 . ASP A 1 108 ? 15.479  -7.222  2.810   1.00 25.07 ? 102 ASP A OD1 1 
ATOM   714  O  OD2 . ASP A 1 108 ? 14.030  -8.475  3.872   1.00 25.70 ? 102 ASP A OD2 1 
ATOM   715  N  N   . ALA A 1 109 ? 11.543  -6.252  4.256   1.00 23.20 ? 103 ALA A N   1 
ATOM   716  C  CA  . ALA A 1 109 ? 11.254  -6.066  5.671   1.00 22.19 ? 103 ALA A CA  1 
ATOM   717  C  C   . ALA A 1 109 ? 10.370  -7.180  6.228   1.00 21.56 ? 103 ALA A C   1 
ATOM   718  O  O   . ALA A 1 109 ? 9.410   -7.616  5.597   1.00 21.64 ? 103 ALA A O   1 
ATOM   719  C  CB  . ALA A 1 109 ? 10.590  -4.715  5.890   1.00 22.28 ? 103 ALA A CB  1 
ATOM   720  N  N   . PHE A 1 110 ? 10.721  -7.635  7.421   1.00 21.22 ? 104 PHE A N   1 
ATOM   721  C  CA  . PHE A 1 110 ? 9.919   -8.562  8.173   1.00 20.72 ? 104 PHE A CA  1 
ATOM   722  C  C   . PHE A 1 110 ? 9.125   -7.770  9.195   1.00 21.18 ? 104 PHE A C   1 
ATOM   723  O  O   . PHE A 1 110 ? 9.650   -6.852  9.818   1.00 21.23 ? 104 PHE A O   1 
ATOM   724  C  CB  . PHE A 1 110 ? 10.819  -9.560  8.891   1.00 20.25 ? 104 PHE A CB  1 
ATOM   725  C  CG  . PHE A 1 110 ? 11.330  -10.660 8.009   1.00 19.92 ? 104 PHE A CG  1 
ATOM   726  C  CD1 . PHE A 1 110 ? 10.561  -11.799 7.790   1.00 19.69 ? 104 PHE A CD1 1 
ATOM   727  C  CD2 . PHE A 1 110 ? 12.578  -10.565 7.399   1.00 19.19 ? 104 PHE A CD2 1 
ATOM   728  C  CE1 . PHE A 1 110 ? 11.037  -12.831 6.989   1.00 20.03 ? 104 PHE A CE1 1 
ATOM   729  C  CE2 . PHE A 1 110 ? 13.053  -11.591 6.594   1.00 19.23 ? 104 PHE A CE2 1 
ATOM   730  C  CZ  . PHE A 1 110 ? 12.282  -12.721 6.383   1.00 19.35 ? 104 PHE A CZ  1 
ATOM   731  N  N   . ILE A 1 111 ? 7.863   -8.134  9.381   1.00 21.76 ? 105 ILE A N   1 
ATOM   732  C  CA  . ILE A 1 111 ? 7.012   -7.487  10.378  1.00 21.97 ? 105 ILE A CA  1 
ATOM   733  C  C   . ILE A 1 111 ? 6.356   -8.538  11.278  1.00 22.26 ? 105 ILE A C   1 
ATOM   734  O  O   . ILE A 1 111 ? 5.426   -9.225  10.859  1.00 22.21 ? 105 ILE A O   1 
ATOM   735  C  CB  . ILE A 1 111 ? 5.909   -6.639  9.709   1.00 22.04 ? 105 ILE A CB  1 
ATOM   736  C  CG1 . ILE A 1 111 ? 6.521   -5.619  8.735   1.00 22.30 ? 105 ILE A CG1 1 
ATOM   737  C  CG2 . ILE A 1 111 ? 5.025   -5.966  10.756  1.00 21.96 ? 105 ILE A CG2 1 
ATOM   738  C  CD1 . ILE A 1 111 ? 7.485   -4.620  9.348   1.00 22.14 ? 105 ILE A CD1 1 
ATOM   739  N  N   . PRO A 1 112 ? 6.860   -8.688  12.509  1.00 22.79 ? 106 PRO A N   1 
ATOM   740  C  CA  . PRO A 1 112 ? 6.110   -9.499  13.448  1.00 23.63 ? 106 PRO A CA  1 
ATOM   741  C  C   . PRO A 1 112 ? 4.979   -8.674  14.027  1.00 24.19 ? 106 PRO A C   1 
ATOM   742  O  O   . PRO A 1 112 ? 5.139   -7.473  14.250  1.00 24.90 ? 106 PRO A O   1 
ATOM   743  C  CB  . PRO A 1 112 ? 7.136   -9.852  14.522  1.00 23.76 ? 106 PRO A CB  1 
ATOM   744  C  CG  . PRO A 1 112 ? 8.156   -8.771  14.449  1.00 23.91 ? 106 PRO A CG  1 
ATOM   745  C  CD  . PRO A 1 112 ? 8.191   -8.318  13.024  1.00 23.21 ? 106 PRO A CD  1 
ATOM   746  N  N   . MET A 1 113 ? 3.837   -9.313  14.238  1.00 24.38 ? 107 MET A N   1 
ATOM   747  C  CA  . MET A 1 113 ? 2.710   -8.659  14.866  1.00 24.35 ? 107 MET A CA  1 
ATOM   748  C  C   . MET A 1 113 ? 1.948   -9.689  15.680  1.00 23.08 ? 107 MET A C   1 
ATOM   749  O  O   . MET A 1 113 ? 1.097   -10.406 15.160  1.00 22.40 ? 107 MET A O   1 
ATOM   750  C  CB  . MET A 1 113 ? 1.836   -8.008  13.811  1.00 25.64 ? 107 MET A CB  1 
ATOM   751  C  CG  . MET A 1 113 ? 0.653   -7.281  14.394  1.00 27.07 ? 107 MET A CG  1 
ATOM   752  S  SD  . MET A 1 113 ? 0.213   -5.863  13.396  1.00 28.64 ? 107 MET A SD  1 
ATOM   753  C  CE  . MET A 1 113 ? -0.799  -4.962  14.571  1.00 28.82 ? 107 MET A CE  1 
ATOM   754  N  N   . ASP A 1 114 ? 2.285   -9.754  16.964  1.00 22.40 ? 108 ASP A N   1 
ATOM   755  C  CA  . ASP A 1 114 ? 1.842   -10.826 17.845  1.00 23.01 ? 108 ASP A CA  1 
ATOM   756  C  C   . ASP A 1 114 ? 2.140   -12.184 17.182  1.00 21.94 ? 108 ASP A C   1 
ATOM   757  O  O   . ASP A 1 114 ? 3.292   -12.469 16.898  1.00 21.13 ? 108 ASP A O   1 
ATOM   758  C  CB  . ASP A 1 114 ? 0.369   -10.667 18.231  1.00 24.60 ? 108 ASP A CB  1 
ATOM   759  C  CG  . ASP A 1 114 ? 0.097   -9.402  19.044  1.00 26.01 ? 108 ASP A CG  1 
ATOM   760  O  OD1 . ASP A 1 114 ? 1.006   -8.589  19.269  1.00 26.14 ? 108 ASP A OD1 1 
ATOM   761  O  OD2 . ASP A 1 114 ? -1.060  -9.219  19.464  1.00 29.91 ? 108 ASP A OD2 1 
ATOM   762  N  N   . GLU A 1 115 ? 1.114   -12.986 16.901  1.00 20.71 ? 109 GLU A N   1 
ATOM   763  C  CA  . GLU A 1 115 ? 1.307   -14.327 16.352  1.00 19.95 ? 109 GLU A CA  1 
ATOM   764  C  C   . GLU A 1 115 ? 1.711   -14.317 14.878  1.00 19.64 ? 109 GLU A C   1 
ATOM   765  O  O   . GLU A 1 115 ? 2.181   -15.328 14.368  1.00 19.12 ? 109 GLU A O   1 
ATOM   766  C  CB  . GLU A 1 115 ? 0.049   -15.199 16.571  1.00 19.78 ? 109 GLU A CB  1 
ATOM   767  C  CG  . GLU A 1 115 ? -1.044  -15.106 15.503  1.00 20.21 ? 109 GLU A CG  1 
ATOM   768  C  CD  . GLU A 1 115 ? -1.564  -13.703 15.258  1.00 20.29 ? 109 GLU A CD  1 
ATOM   769  O  OE1 . GLU A 1 115 ? -1.470  -12.846 16.165  1.00 20.14 ? 109 GLU A OE1 1 
ATOM   770  O  OE2 . GLU A 1 115 ? -2.056  -13.452 14.141  1.00 21.48 ? 109 GLU A OE2 1 
ATOM   771  N  N   . THR A 1 116 ? 1.533   -13.180 14.205  1.00 19.70 ? 110 THR A N   1 
ATOM   772  C  CA  . THR A 1 116 ? 1.769   -13.073 12.768  1.00 19.30 ? 110 THR A CA  1 
ATOM   773  C  C   . THR A 1 116 ? 3.221   -12.703 12.415  1.00 19.82 ? 110 THR A C   1 
ATOM   774  O  O   . THR A 1 116 ? 3.892   -11.957 13.128  1.00 19.43 ? 110 THR A O   1 
ATOM   775  C  CB  . THR A 1 116 ? 0.809   -12.038 12.124  1.00 19.36 ? 110 THR A CB  1 
ATOM   776  O  OG1 . THR A 1 116 ? -0.524  -12.558 12.096  1.00 18.79 ? 110 THR A OG1 1 
ATOM   777  C  CG2 . THR A 1 116 ? 1.228   -11.700 10.700  1.00 19.06 ? 110 THR A CG2 1 
ATOM   778  N  N   . LEU A 1 117 ? 3.688   -13.234 11.288  1.00 20.10 ? 111 LEU A N   1 
ATOM   779  C  CA  . LEU A 1 117 ? 4.944   -12.804 10.688  1.00 20.13 ? 111 LEU A CA  1 
ATOM   780  C  C   . LEU A 1 117 ? 4.714   -12.614 9.211   1.00 19.59 ? 111 LEU A C   1 
ATOM   781  O  O   . LEU A 1 117 ? 4.317   -13.554 8.514   1.00 18.91 ? 111 LEU A O   1 
ATOM   782  C  CB  . LEU A 1 117 ? 6.023   -13.857 10.889  1.00 21.28 ? 111 LEU A CB  1 
ATOM   783  C  CG  . LEU A 1 117 ? 7.473   -13.405 11.058  1.00 22.46 ? 111 LEU A CG  1 
ATOM   784  C  CD1 . LEU A 1 117 ? 8.378   -14.411 10.363  1.00 22.54 ? 111 LEU A CD1 1 
ATOM   785  C  CD2 . LEU A 1 117 ? 7.757   -11.991 10.566  1.00 23.00 ? 111 LEU A CD2 1 
ATOM   786  N  N   . ALA A 1 118 ? 4.962   -11.401 8.735   1.00 19.25 ? 112 ALA A N   1 
ATOM   787  C  CA  . ALA A 1 118 ? 4.811   -11.082 7.323   1.00 18.53 ? 112 ALA A CA  1 
ATOM   788  C  C   . ALA A 1 118 ? 6.124   -10.537 6.776   1.00 19.14 ? 112 ALA A C   1 
ATOM   789  O  O   . ALA A 1 118 ? 6.985   -10.055 7.524   1.00 18.93 ? 112 ALA A O   1 
ATOM   790  C  CB  . ALA A 1 118 ? 3.681   -10.081 7.125   1.00 18.26 ? 112 ALA A CB  1 
ATOM   791  N  N   . HIS A 1 119 ? 6.270   -10.635 5.461   1.00 18.94 ? 113 HIS A N   1 
ATOM   792  C  CA  . HIS A 1 119 ? 7.472   -10.198 4.792   1.00 19.06 ? 113 HIS A CA  1 
ATOM   793  C  C   . HIS A 1 119 ? 7.118   -9.547  3.468   1.00 18.88 ? 113 HIS A C   1 
ATOM   794  O  O   . HIS A 1 119 ? 6.125   -9.900  2.839   1.00 18.93 ? 113 HIS A O   1 
ATOM   795  C  CB  . HIS A 1 119 ? 8.404   -11.379 4.548   1.00 19.00 ? 113 HIS A CB  1 
ATOM   796  C  CG  . HIS A 1 119 ? 9.729   -10.980 3.986   1.00 19.28 ? 113 HIS A CG  1 
ATOM   797  N  ND1 . HIS A 1 119 ? 10.087  -11.220 2.679   1.00 19.66 ? 113 HIS A ND1 1 
ATOM   798  C  CD2 . HIS A 1 119 ? 10.766  -10.319 4.544   1.00 19.44 ? 113 HIS A CD2 1 
ATOM   799  C  CE1 . HIS A 1 119 ? 11.301  -10.742 2.464   1.00 19.90 ? 113 HIS A CE1 1 
ATOM   800  N  NE2 . HIS A 1 119 ? 11.734  -10.189 3.580   1.00 19.44 ? 113 HIS A NE2 1 
ATOM   801  N  N   . ALA A 1 120 ? 7.933   -8.587  3.055   1.00 19.30 ? 114 ALA A N   1 
ATOM   802  C  CA  . ALA A 1 120 ? 7.797   -8.007  1.731   1.00 19.49 ? 114 ALA A CA  1 
ATOM   803  C  C   . ALA A 1 120 ? 9.161   -7.706  1.167   1.00 19.77 ? 114 ALA A C   1 
ATOM   804  O  O   . ALA A 1 120 ? 10.059  -7.273  1.896   1.00 19.41 ? 114 ALA A O   1 
ATOM   805  C  CB  . ALA A 1 120 ? 6.947   -6.748  1.775   1.00 19.83 ? 114 ALA A CB  1 
ATOM   806  N  N   . ALA A 1 121 ? 9.315   -7.971  -0.127  1.00 20.39 ? 115 ALA A N   1 
ATOM   807  C  CA  . ALA A 1 121 ? 10.522  -7.600  -0.861  1.00 20.70 ? 115 ALA A CA  1 
ATOM   808  C  C   . ALA A 1 121 ? 10.146  -6.865  -2.140  1.00 21.39 ? 115 ALA A C   1 
ATOM   809  O  O   . ALA A 1 121 ? 9.140   -7.198  -2.776  1.00 22.13 ? 115 ALA A O   1 
ATOM   810  C  CB  . ALA A 1 121 ? 11.367  -8.822  -1.166  1.00 20.24 ? 115 ALA A CB  1 
ATOM   811  N  N   . VAL A 1 122 ? 10.953  -5.866  -2.498  1.00 21.66 ? 116 VAL A N   1 
ATOM   812  C  CA  . VAL A 1 122 ? 10.714  -5.046  -3.679  1.00 23.25 ? 116 VAL A CA  1 
ATOM   813  C  C   . VAL A 1 122 ? 11.959  -4.853  -4.554  1.00 24.08 ? 116 VAL A C   1 
ATOM   814  O  O   . VAL A 1 122 ? 13.091  -4.816  -4.065  1.00 23.63 ? 116 VAL A O   1 
ATOM   815  C  CB  . VAL A 1 122 ? 10.127  -3.642  -3.333  1.00 23.38 ? 116 VAL A CB  1 
ATOM   816  C  CG1 . VAL A 1 122 ? 8.857   -3.787  -2.518  1.00 24.03 ? 116 VAL A CG1 1 
ATOM   817  C  CG2 . VAL A 1 122 ? 11.136  -2.766  -2.596  1.00 23.41 ? 116 VAL A CG2 1 
ATOM   818  N  N   . ASP A 1 123 ? 11.712  -4.755  -5.857  1.00 25.25 ? 117 ASP A N   1 
ATOM   819  C  CA  . ASP A 1 123 ? 12.682  -4.282  -6.825  1.00 26.78 ? 117 ASP A CA  1 
ATOM   820  C  C   . ASP A 1 123 ? 12.035  -3.101  -7.544  1.00 29.14 ? 117 ASP A C   1 
ATOM   821  O  O   . ASP A 1 123 ? 11.074  -3.278  -8.295  1.00 29.33 ? 117 ASP A O   1 
ATOM   822  C  CB  . ASP A 1 123 ? 13.022  -5.389  -7.817  1.00 27.17 ? 117 ASP A CB  1 
ATOM   823  C  CG  . ASP A 1 123 ? 14.007  -4.941  -8.880  1.00 27.20 ? 117 ASP A CG  1 
ATOM   824  O  OD1 . ASP A 1 123 ? 14.479  -3.791  -8.817  1.00 26.00 ? 117 ASP A OD1 1 
ATOM   825  O  OD2 . ASP A 1 123 ? 14.320  -5.753  -9.771  1.00 27.82 ? 117 ASP A OD2 1 
ATOM   826  N  N   . LEU A 1 124 ? 12.542  -1.899  -7.292  1.00 31.57 ? 118 LEU A N   1 
ATOM   827  C  CA  . LEU A 1 124 ? 11.899  -0.679  -7.776  1.00 33.44 ? 118 LEU A CA  1 
ATOM   828  C  C   . LEU A 1 124 ? 12.127  -0.428  -9.244  1.00 36.72 ? 118 LEU A C   1 
ATOM   829  O  O   . LEU A 1 124 ? 11.312  0.240   -9.880  1.00 40.21 ? 118 LEU A O   1 
ATOM   830  C  CB  . LEU A 1 124 ? 12.379  0.542   -7.001  1.00 33.58 ? 118 LEU A CB  1 
ATOM   831  C  CG  . LEU A 1 124 ? 11.922  0.639   -5.551  1.00 33.68 ? 118 LEU A CG  1 
ATOM   832  C  CD1 . LEU A 1 124 ? 12.317  1.992   -4.980  1.00 33.59 ? 118 LEU A CD1 1 
ATOM   833  C  CD2 . LEU A 1 124 ? 10.422  0.417   -5.434  1.00 33.90 ? 118 LEU A CD2 1 
ATOM   834  N  N   . SER A 1 125 ? 13.234  -0.933  -9.776  1.00 38.46 ? 119 SER A N   1 
ATOM   835  C  CA  . SER A 1 125 ? 13.520  -0.810  -11.203 1.00 39.76 ? 119 SER A CA  1 
ATOM   836  C  C   . SER A 1 125 ? 13.131  -2.081  -11.966 1.00 40.17 ? 119 SER A C   1 
ATOM   837  O  O   . SER A 1 125 ? 13.314  -2.161  -13.182 1.00 40.08 ? 119 SER A O   1 
ATOM   838  C  CB  . SER A 1 125 ? 14.996  -0.455  -11.428 1.00 39.60 ? 119 SER A CB  1 
ATOM   839  O  OG  . SER A 1 125 ? 15.304  0.800   -10.838 1.00 38.39 ? 119 SER A OG  1 
ATOM   840  N  N   . GLY A 1 126 ? 12.580  -3.063  -11.256 1.00 40.42 ? 120 GLY A N   1 
ATOM   841  C  CA  . GLY A 1 126 ? 12.071  -4.271  -11.893 1.00 41.05 ? 120 GLY A CA  1 
ATOM   842  C  C   . GLY A 1 126 ? 10.781  -3.968  -12.632 1.00 42.52 ? 120 GLY A C   1 
ATOM   843  O  O   . GLY A 1 126 ? 10.161  -2.924  -12.414 1.00 45.97 ? 120 GLY A O   1 
ATOM   844  N  N   . ARG A 1 127 ? 10.362  -4.887  -13.496 1.00 42.35 ? 121 ARG A N   1 
ATOM   845  C  CA  . ARG A 1 127 ? 9.141   -4.709  -14.288 1.00 40.64 ? 121 ARG A CA  1 
ATOM   846  C  C   . ARG A 1 127 ? 7.943   -4.928  -13.363 1.00 37.23 ? 121 ARG A C   1 
ATOM   847  O  O   . ARG A 1 127 ? 8.080   -5.602  -12.338 1.00 34.48 ? 121 ARG A O   1 
ATOM   848  C  CB  . ARG A 1 127 ? 9.105   -5.689  -15.470 1.00 43.01 ? 121 ARG A CB  1 
ATOM   849  C  CG  . ARG A 1 127 ? 10.107  -5.400  -16.594 1.00 44.28 ? 121 ARG A CG  1 
ATOM   850  C  CD  . ARG A 1 127 ? 11.548  -5.670  -16.186 1.00 46.38 ? 121 ARG A CD  1 
ATOM   851  N  NE  . ARG A 1 127 ? 11.689  -6.952  -15.489 1.00 48.97 ? 121 ARG A NE  1 
ATOM   852  C  CZ  . ARG A 1 127 ? 12.739  -7.309  -14.742 1.00 51.37 ? 121 ARG A CZ  1 
ATOM   853  N  NH1 . ARG A 1 127 ? 13.785  -6.500  -14.585 1.00 52.57 ? 121 ARG A NH1 1 
ATOM   854  N  NH2 . ARG A 1 127 ? 12.750  -8.499  -14.150 1.00 53.41 ? 121 ARG A NH2 1 
ATOM   855  N  N   . PRO A 1 128 ? 6.770   -4.364  -13.711 1.00 34.25 ? 122 PRO A N   1 
ATOM   856  C  CA  . PRO A 1 128 ? 5.607   -4.536  -12.836 1.00 32.58 ? 122 PRO A CA  1 
ATOM   857  C  C   . PRO A 1 128 ? 5.296   -6.008  -12.599 1.00 29.84 ? 122 PRO A C   1 
ATOM   858  O  O   . PRO A 1 128 ? 5.188   -6.785  -13.546 1.00 28.28 ? 122 PRO A O   1 
ATOM   859  C  CB  . PRO A 1 128 ? 4.464   -3.861  -13.608 1.00 33.97 ? 122 PRO A CB  1 
ATOM   860  C  CG  . PRO A 1 128 ? 4.930   -3.819  -15.022 1.00 34.95 ? 122 PRO A CG  1 
ATOM   861  C  CD  . PRO A 1 128 ? 6.417   -3.637  -14.941 1.00 35.32 ? 122 PRO A CD  1 
ATOM   862  N  N   . TYR A 1 129 ? 5.189   -6.390  -11.336 1.00 27.33 ? 123 TYR A N   1 
ATOM   863  C  CA  . TYR A 1 129 ? 4.900   -7.770  -10.994 1.00 25.23 ? 123 TYR A CA  1 
ATOM   864  C  C   . TYR A 1 129 ? 4.562   -7.834  -9.527  1.00 23.71 ? 123 TYR A C   1 
ATOM   865  O  O   . TYR A 1 129 ? 5.186   -7.150  -8.717  1.00 23.81 ? 123 TYR A O   1 
ATOM   866  C  CB  . TYR A 1 129 ? 6.104   -8.690  -11.310 1.00 24.86 ? 123 TYR A CB  1 
ATOM   867  C  CG  . TYR A 1 129 ? 5.689   -10.046 -11.835 1.00 24.07 ? 123 TYR A CG  1 
ATOM   868  C  CD1 . TYR A 1 129 ? 5.331   -11.074 -10.957 1.00 23.88 ? 123 TYR A CD1 1 
ATOM   869  C  CD2 . TYR A 1 129 ? 5.616   -10.293 -13.201 1.00 23.76 ? 123 TYR A CD2 1 
ATOM   870  C  CE1 . TYR A 1 129 ? 4.930   -12.310 -11.425 1.00 23.24 ? 123 TYR A CE1 1 
ATOM   871  C  CE2 . TYR A 1 129 ? 5.212   -11.529 -13.681 1.00 23.96 ? 123 TYR A CE2 1 
ATOM   872  C  CZ  . TYR A 1 129 ? 4.870   -12.534 -12.787 1.00 23.93 ? 123 TYR A CZ  1 
ATOM   873  O  OH  . TYR A 1 129 ? 4.475   -13.767 -13.245 1.00 24.20 ? 123 TYR A OH  1 
ATOM   874  N  N   . CYS A 1 130 ? 3.576   -8.657  -9.191  1.00 22.35 ? 124 CYS A N   1 
ATOM   875  C  CA  . CYS A 1 130 ? 3.202   -8.881  -7.814  1.00 21.99 ? 124 CYS A CA  1 
ATOM   876  C  C   . CYS A 1 130 ? 2.995   -10.365 -7.571  1.00 21.07 ? 124 CYS A C   1 
ATOM   877  O  O   . CYS A 1 130 ? 2.282   -11.025 -8.324  1.00 20.33 ? 124 CYS A O   1 
ATOM   878  C  CB  . CYS A 1 130 ? 1.927   -8.119  -7.467  1.00 23.02 ? 124 CYS A CB  1 
ATOM   879  S  SG  . CYS A 1 130 ? 1.470   -8.249  -5.720  1.00 25.71 ? 124 CYS A SG  1 
ATOM   880  N  N   . VAL A 1 131 ? 3.656   -10.890 -6.547  1.00 20.16 ? 125 VAL A N   1 
ATOM   881  C  CA  . VAL A 1 131 ? 3.387   -12.233 -6.051  1.00 19.93 ? 125 VAL A CA  1 
ATOM   882  C  C   . VAL A 1 131 ? 3.018   -12.121 -4.575  1.00 19.70 ? 125 VAL A C   1 
ATOM   883  O  O   . VAL A 1 131 ? 3.788   -11.605 -3.766  1.00 18.94 ? 125 VAL A O   1 
ATOM   884  C  CB  . VAL A 1 131 ? 4.610   -13.168 -6.187  1.00 19.78 ? 125 VAL A CB  1 
ATOM   885  C  CG1 . VAL A 1 131 ? 4.254   -14.580 -5.733  1.00 19.78 ? 125 VAL A CG1 1 
ATOM   886  C  CG2 . VAL A 1 131 ? 5.134   -13.170 -7.610  1.00 19.80 ? 125 VAL A CG2 1 
ATOM   887  N  N   . HIS A 1 132 ? 1.831   -12.616 -4.249  1.00 20.17 ? 126 HIS A N   1 
ATOM   888  C  CA  . HIS A 1 132 ? 1.279   -12.580 -2.904  1.00 20.58 ? 126 HIS A CA  1 
ATOM   889  C  C   . HIS A 1 132 ? 1.028   -14.020 -2.488  1.00 20.60 ? 126 HIS A C   1 
ATOM   890  O  O   . HIS A 1 132 ? 0.237   -14.719 -3.128  1.00 19.95 ? 126 HIS A O   1 
ATOM   891  C  CB  . HIS A 1 132 ? -0.028  -11.796 -2.947  1.00 20.68 ? 126 HIS A CB  1 
ATOM   892  C  CG  . HIS A 1 132 ? -0.736  -11.684 -1.632  1.00 21.25 ? 126 HIS A CG  1 
ATOM   893  N  ND1 . HIS A 1 132 ? -2.091  -11.895 -1.503  1.00 21.79 ? 126 HIS A ND1 1 
ATOM   894  C  CD2 . HIS A 1 132 ? -0.295  -11.341 -0.401  1.00 21.86 ? 126 HIS A CD2 1 
ATOM   895  C  CE1 . HIS A 1 132 ? -2.454  -11.704 -0.251  1.00 22.01 ? 126 HIS A CE1 1 
ATOM   896  N  NE2 . HIS A 1 132 ? -1.384  -11.369 0.440   1.00 22.41 ? 126 HIS A NE2 1 
ATOM   897  N  N   . THR A 1 133 ? 1.707   -14.477 -1.439  1.00 20.64 ? 127 THR A N   1 
ATOM   898  C  CA  . THR A 1 133 ? 1.567   -15.868 -1.010  1.00 21.38 ? 127 THR A CA  1 
ATOM   899  C  C   . THR A 1 133 ? 1.504   -16.006 0.496   1.00 22.01 ? 127 THR A C   1 
ATOM   900  O  O   . THR A 1 133 ? 1.940   -15.124 1.230   1.00 21.48 ? 127 THR A O   1 
ATOM   901  C  CB  . THR A 1 133 ? 2.747   -16.733 -1.491  1.00 21.09 ? 127 THR A CB  1 
ATOM   902  O  OG1 . THR A 1 133 ? 3.964   -16.182 -1.000  1.00 20.63 ? 127 THR A OG1 1 
ATOM   903  C  CG2 . THR A 1 133 ? 2.805   -16.802 -3.010  1.00 21.15 ? 127 THR A CG2 1 
ATOM   904  N  N   . GLY A 1 134 ? 0.954   -17.134 0.941   1.00 22.83 ? 128 GLY A N   1 
ATOM   905  C  CA  . GLY A 1 134 ? 0.994   -17.527 2.346   1.00 23.31 ? 128 GLY A CA  1 
ATOM   906  C  C   . GLY A 1 134 ? -0.161  -17.051 3.203   1.00 23.56 ? 128 GLY A C   1 
ATOM   907  O  O   . GLY A 1 134 ? -0.262  -17.427 4.371   1.00 23.37 ? 128 GLY A O   1 
ATOM   908  N  N   . GLU A 1 135 ? -1.041  -16.234 2.639   1.00 23.68 ? 129 GLU A N   1 
ATOM   909  C  CA  . GLU A 1 135 ? -2.192  -15.740 3.389   1.00 24.02 ? 129 GLU A CA  1 
ATOM   910  C  C   . GLU A 1 135 ? -3.205  -16.875 3.639   1.00 24.00 ? 129 GLU A C   1 
ATOM   911  O  O   . GLU A 1 135 ? -3.634  -17.531 2.697   1.00 24.78 ? 129 GLU A O   1 
ATOM   912  C  CB  . GLU A 1 135 ? -2.838  -14.584 2.626   1.00 24.13 ? 129 GLU A CB  1 
ATOM   913  C  CG  . GLU A 1 135 ? -3.598  -13.609 3.498   1.00 23.80 ? 129 GLU A CG  1 
ATOM   914  C  CD  . GLU A 1 135 ? -4.243  -12.489 2.697   1.00 23.53 ? 129 GLU A CD  1 
ATOM   915  O  OE1 . GLU A 1 135 ? -5.086  -12.781 1.809   1.00 23.52 ? 129 GLU A OE1 1 
ATOM   916  O  OE2 . GLU A 1 135 ? -3.910  -11.316 2.961   1.00 22.64 ? 129 GLU A OE2 1 
ATOM   917  N  N   . PRO A 1 136 ? -3.576  -17.126 4.910   1.00 24.36 ? 130 PRO A N   1 
ATOM   918  C  CA  . PRO A 1 136 ? -4.552  -18.185 5.206   1.00 25.41 ? 130 PRO A CA  1 
ATOM   919  C  C   . PRO A 1 136 ? -5.846  -18.088 4.388   1.00 26.51 ? 130 PRO A C   1 
ATOM   920  O  O   . PRO A 1 136 ? -6.315  -16.983 4.084   1.00 25.43 ? 130 PRO A O   1 
ATOM   921  C  CB  . PRO A 1 136 ? -4.846  -17.983 6.696   1.00 25.11 ? 130 PRO A CB  1 
ATOM   922  C  CG  . PRO A 1 136 ? -3.565  -17.441 7.244   1.00 25.57 ? 130 PRO A CG  1 
ATOM   923  C  CD  . PRO A 1 136 ? -2.984  -16.572 6.145   1.00 25.01 ? 130 PRO A CD  1 
ATOM   924  N  N   . ASP A 1 137 ? -6.411  -19.249 4.055   1.00 28.26 ? 131 ASP A N   1 
ATOM   925  C  CA  . ASP A 1 137 ? -7.563  -19.341 3.159   1.00 29.87 ? 131 ASP A CA  1 
ATOM   926  C  C   . ASP A 1 137 ? -8.793  -18.583 3.656   1.00 29.88 ? 131 ASP A C   1 
ATOM   927  O  O   . ASP A 1 137 ? -9.559  -18.071 2.852   1.00 30.01 ? 131 ASP A O   1 
ATOM   928  C  CB  . ASP A 1 137 ? -7.943  -20.810 2.896   1.00 32.37 ? 131 ASP A CB  1 
ATOM   929  C  CG  . ASP A 1 137 ? -6.922  -21.543 2.022   1.00 35.22 ? 131 ASP A CG  1 
ATOM   930  O  OD1 . ASP A 1 137 ? -6.121  -20.887 1.315   1.00 38.64 ? 131 ASP A OD1 1 
ATOM   931  O  OD2 . ASP A 1 137 ? -6.923  -22.793 2.034   1.00 37.38 ? 131 ASP A OD2 1 
ATOM   932  N  N   . HIS A 1 138 ? -8.987  -18.497 4.969   1.00 30.38 ? 132 HIS A N   1 
ATOM   933  C  CA  . HIS A 1 138 ? -10.179 -17.825 5.497   1.00 30.62 ? 132 HIS A CA  1 
ATOM   934  C  C   . HIS A 1 138 ? -10.185 -16.303 5.277   1.00 28.93 ? 132 HIS A C   1 
ATOM   935  O  O   . HIS A 1 138 ? -11.214 -15.660 5.450   1.00 28.97 ? 132 HIS A O   1 
ATOM   936  C  CB  . HIS A 1 138 ? -10.435 -18.187 6.966   1.00 31.86 ? 132 HIS A CB  1 
ATOM   937  C  CG  . HIS A 1 138 ? -9.329  -17.816 7.900   1.00 33.71 ? 132 HIS A CG  1 
ATOM   938  N  ND1 . HIS A 1 138 ? -8.207  -18.597 8.074   1.00 34.95 ? 132 HIS A ND1 1 
ATOM   939  C  CD2 . HIS A 1 138 ? -9.195  -16.770 8.751   1.00 34.29 ? 132 HIS A CD2 1 
ATOM   940  C  CE1 . HIS A 1 138 ? -7.417  -18.036 8.973   1.00 35.28 ? 132 HIS A CE1 1 
ATOM   941  N  NE2 . HIS A 1 138 ? -7.994  -16.926 9.401   1.00 35.13 ? 132 HIS A NE2 1 
ATOM   942  N  N   . LEU A 1 139 ? -9.059  -15.731 4.861   1.00 27.84 ? 133 LEU A N   1 
ATOM   943  C  CA  . LEU A 1 139 ? -9.036  -14.318 4.506   1.00 27.07 ? 133 LEU A CA  1 
ATOM   944  C  C   . LEU A 1 139 ? -9.657  -14.036 3.145   1.00 26.57 ? 133 LEU A C   1 
ATOM   945  O  O   . LEU A 1 139 ? -9.892  -12.871 2.812   1.00 27.03 ? 133 LEU A O   1 
ATOM   946  C  CB  . LEU A 1 139 ? -7.617  -13.739 4.576   1.00 27.26 ? 133 LEU A CB  1 
ATOM   947  C  CG  . LEU A 1 139 ? -7.274  -13.157 5.944   1.00 27.29 ? 133 LEU A CG  1 
ATOM   948  C  CD1 . LEU A 1 139 ? -7.113  -14.266 6.973   1.00 27.51 ? 133 LEU A CD1 1 
ATOM   949  C  CD2 . LEU A 1 139 ? -6.021  -12.301 5.865   1.00 27.47 ? 133 LEU A CD2 1 
ATOM   950  N  N   . GLN A 1 140 ? -9.942  -15.080 2.369   1.00 25.42 ? 134 GLN A N   1 
ATOM   951  C  CA  . GLN A 1 140 ? -10.665 -14.908 1.105   1.00 26.17 ? 134 GLN A CA  1 
ATOM   952  C  C   . GLN A 1 140 ? -12.145 -14.629 1.305   1.00 25.26 ? 134 GLN A C   1 
ATOM   953  O  O   . GLN A 1 140 ? -12.834 -14.256 0.353   1.00 25.95 ? 134 GLN A O   1 
ATOM   954  C  CB  . GLN A 1 140 ? -10.513 -16.134 0.195   1.00 26.70 ? 134 GLN A CB  1 
ATOM   955  C  CG  . GLN A 1 140 ? -9.128  -16.265 -0.401  1.00 27.93 ? 134 GLN A CG  1 
ATOM   956  C  CD  . GLN A 1 140 ? -9.003  -17.392 -1.418  1.00 28.96 ? 134 GLN A CD  1 
ATOM   957  O  OE1 . GLN A 1 140 ? -9.995  -17.951 -1.882  1.00 29.98 ? 134 GLN A OE1 1 
ATOM   958  N  NE2 . GLN A 1 140 ? -7.770  -17.716 -1.779  1.00 29.32 ? 134 GLN A NE2 1 
ATOM   959  N  N   . HIS A 1 141 ? -12.646 -14.834 2.517   1.00 24.35 ? 135 HIS A N   1 
ATOM   960  C  CA  . HIS A 1 141 ? -14.050 -14.559 2.804   1.00 24.19 ? 135 HIS A CA  1 
ATOM   961  C  C   . HIS A 1 141 ? -14.248 -13.935 4.174   1.00 23.44 ? 135 HIS A C   1 
ATOM   962  O  O   . HIS A 1 141 ? -15.322 -14.038 4.748   1.00 24.50 ? 135 HIS A O   1 
ATOM   963  C  CB  . HIS A 1 141 ? -14.869 -15.847 2.688   1.00 24.40 ? 135 HIS A CB  1 
ATOM   964  C  CG  . HIS A 1 141 ? -14.384 -16.954 3.571   1.00 24.43 ? 135 HIS A CG  1 
ATOM   965  N  ND1 . HIS A 1 141 ? -14.774 -17.085 4.884   1.00 24.96 ? 135 HIS A ND1 1 
ATOM   966  C  CD2 . HIS A 1 141 ? -13.555 -17.994 3.321   1.00 24.89 ? 135 HIS A CD2 1 
ATOM   967  C  CE1 . HIS A 1 141 ? -14.201 -18.151 5.410   1.00 24.93 ? 135 HIS A CE1 1 
ATOM   968  N  NE2 . HIS A 1 141 ? -13.457 -18.723 4.481   1.00 24.91 ? 135 HIS A NE2 1 
ATOM   969  N  N   . THR A 1 142 ? -13.220 -13.266 4.680   1.00 22.53 ? 136 THR A N   1 
ATOM   970  C  CA  . THR A 1 142 ? -13.266 -12.613 5.984   1.00 21.86 ? 136 THR A CA  1 
ATOM   971  C  C   . THR A 1 142 ? -13.644 -11.126 5.847   1.00 21.07 ? 136 THR A C   1 
ATOM   972  O  O   . THR A 1 142 ? -13.172 -10.425 4.935   1.00 20.97 ? 136 THR A O   1 
ATOM   973  C  CB  . THR A 1 142 ? -11.895 -12.752 6.689   1.00 21.71 ? 136 THR A CB  1 
ATOM   974  O  OG1 . THR A 1 142 ? -11.807 -14.037 7.311   1.00 21.47 ? 136 THR A OG1 1 
ATOM   975  C  CG2 . THR A 1 142 ? -11.679 -11.669 7.747   1.00 22.37 ? 136 THR A CG2 1 
ATOM   976  N  N   . THR A 1 143 ? -14.475 -10.648 6.769   1.00 20.22 ? 137 THR A N   1 
ATOM   977  C  CA  . THR A 1 143 ? -14.804 -9.219  6.848   1.00 20.24 ? 137 THR A CA  1 
ATOM   978  C  C   . THR A 1 143 ? -14.309 -8.589  8.152   1.00 20.42 ? 137 THR A C   1 
ATOM   979  O  O   . THR A 1 143 ? -14.457 -9.152  9.238   1.00 20.59 ? 137 THR A O   1 
ATOM   980  C  CB  . THR A 1 143 ? -16.316 -8.982  6.707   1.00 20.31 ? 137 THR A CB  1 
ATOM   981  O  OG1 . THR A 1 143 ? -16.785 -9.605  5.509   1.00 20.05 ? 137 THR A OG1 1 
ATOM   982  C  CG2 . THR A 1 143 ? -16.633 -7.487  6.651   1.00 20.36 ? 137 THR A CG2 1 
ATOM   983  N  N   . ILE A 1 144 ? -13.681 -7.427  8.028   1.00 20.77 ? 138 ILE A N   1 
ATOM   984  C  CA  . ILE A 1 144 ? -13.327 -6.617  9.183   1.00 20.69 ? 138 ILE A CA  1 
ATOM   985  C  C   . ILE A 1 144 ? -14.338 -5.484  9.213   1.00 21.01 ? 138 ILE A C   1 
ATOM   986  O  O   . ILE A 1 144 ? -14.338 -4.631  8.336   1.00 21.30 ? 138 ILE A O   1 
ATOM   987  C  CB  . ILE A 1 144 ? -11.883 -6.078  9.084   1.00 19.95 ? 138 ILE A CB  1 
ATOM   988  C  CG1 . ILE A 1 144 ? -10.879 -7.242  9.125   1.00 19.56 ? 138 ILE A CG1 1 
ATOM   989  C  CG2 . ILE A 1 144 ? -11.598 -5.095  10.207  1.00 19.83 ? 138 ILE A CG2 1 
ATOM   990  C  CD1 . ILE A 1 144 ? -9.441  -6.842  8.869   1.00 19.25 ? 138 ILE A CD1 1 
ATOM   991  N  N   . ALA A 1 145 ? -15.198 -5.489  10.228  1.00 21.98 ? 139 ALA A N   1 
ATOM   992  C  CA  . ALA A 1 145 ? -16.352 -4.591  10.304  1.00 21.94 ? 139 ALA A CA  1 
ATOM   993  C  C   . ALA A 1 145 ? -16.359 -3.755  11.584  1.00 22.99 ? 139 ALA A C   1 
ATOM   994  O  O   . ALA A 1 145 ? -16.064 -4.258  12.674  1.00 23.61 ? 139 ALA A O   1 
ATOM   995  C  CB  . ALA A 1 145 ? -17.633 -5.401  10.225  1.00 21.63 ? 139 ALA A CB  1 
ATOM   996  N  N   . GLY A 1 146 ? -16.722 -2.484  11.438  1.00 23.65 ? 140 GLY A N   1 
ATOM   997  C  CA  . GLY A 1 146 ? -16.921 -1.586  12.566  1.00 23.90 ? 140 GLY A CA  1 
ATOM   998  C  C   . GLY A 1 146 ? -18.238 -0.855  12.429  1.00 24.24 ? 140 GLY A C   1 
ATOM   999  O  O   . GLY A 1 146 ? -19.204 -1.410  11.925  1.00 25.06 ? 140 GLY A O   1 
ATOM   1000 N  N   . SER A 1 147 ? -18.269 0.402   12.857  1.00 24.94 ? 141 SER A N   1 
ATOM   1001 C  CA  . SER A 1 147 ? -19.484 1.208   12.810  1.00 25.48 ? 141 SER A CA  1 
ATOM   1002 C  C   . SER A 1 147 ? -19.729 1.835   11.435  1.00 25.54 ? 141 SER A C   1 
ATOM   1003 O  O   . SER A 1 147 ? -20.717 2.531   11.250  1.00 26.61 ? 141 SER A O   1 
ATOM   1004 C  CB  . SER A 1 147 ? -19.430 2.309   13.890  1.00 25.66 ? 141 SER A CB  1 
ATOM   1005 O  OG  . SER A 1 147 ? -18.290 3.138   13.733  1.00 26.10 ? 141 SER A OG  1 
ATOM   1006 N  N   . SER A 1 148 ? -18.849 1.567   10.472  1.00 25.45 ? 142 SER A N   1 
ATOM   1007 C  CA  . SER A 1 148 ? -18.867 2.240   9.172   1.00 24.90 ? 142 SER A CA  1 
ATOM   1008 C  C   . SER A 1 148 ? -18.841 1.231   8.006   1.00 23.97 ? 142 SER A C   1 
ATOM   1009 O  O   . SER A 1 148 ? -19.313 0.108   8.142   1.00 23.73 ? 142 SER A O   1 
ATOM   1010 C  CB  . SER A 1 148 ? -17.656 3.177   9.110   1.00 24.86 ? 142 SER A CB  1 
ATOM   1011 O  OG  . SER A 1 148 ? -17.656 3.970   7.940   1.00 25.30 ? 142 SER A OG  1 
ATOM   1012 N  N   . VAL A 1 149 ? -18.283 1.645   6.869   1.00 23.27 ? 143 VAL A N   1 
ATOM   1013 C  CA  . VAL A 1 149 ? -18.111 0.795   5.698   1.00 23.14 ? 143 VAL A CA  1 
ATOM   1014 C  C   . VAL A 1 149 ? -17.077 -0.279  6.033   1.00 22.57 ? 143 VAL A C   1 
ATOM   1015 O  O   . VAL A 1 149 ? -15.986 0.052   6.495   1.00 22.53 ? 143 VAL A O   1 
ATOM   1016 C  CB  . VAL A 1 149 ? -17.603 1.612   4.474   1.00 23.64 ? 143 VAL A CB  1 
ATOM   1017 C  CG1 . VAL A 1 149 ? -17.327 0.710   3.278   1.00 23.39 ? 143 VAL A CG1 1 
ATOM   1018 C  CG2 . VAL A 1 149 ? -18.599 2.701   4.094   1.00 24.08 ? 143 VAL A CG2 1 
ATOM   1019 N  N   . PRO A 1 150 ? -17.418 -1.562  5.803   1.00 22.29 ? 144 PRO A N   1 
ATOM   1020 C  CA  . PRO A 1 150 ? -16.528 -2.681  6.153   1.00 22.30 ? 144 PRO A CA  1 
ATOM   1021 C  C   . PRO A 1 150 ? -15.412 -2.943  5.138   1.00 21.72 ? 144 PRO A C   1 
ATOM   1022 O  O   . PRO A 1 150 ? -15.472 -2.430  4.022   1.00 22.43 ? 144 PRO A O   1 
ATOM   1023 C  CB  . PRO A 1 150 ? -17.481 -3.881  6.220   1.00 22.02 ? 144 PRO A CB  1 
ATOM   1024 C  CG  . PRO A 1 150 ? -18.602 -3.532  5.311   1.00 22.26 ? 144 PRO A CG  1 
ATOM   1025 C  CD  . PRO A 1 150 ? -18.733 -2.035  5.320   1.00 22.20 ? 144 PRO A CD  1 
ATOM   1026 N  N   . TYR A 1 151 ? -14.413 -3.734  5.548   1.00 21.05 ? 145 TYR A N   1 
ATOM   1027 C  CA  . TYR A 1 151 ? -13.254 -4.098  4.706   1.00 20.24 ? 145 TYR A CA  1 
ATOM   1028 C  C   . TYR A 1 151 ? -13.173 -5.626  4.542   1.00 19.86 ? 145 TYR A C   1 
ATOM   1029 O  O   . TYR A 1 151 ? -13.002 -6.337  5.523   1.00 18.55 ? 145 TYR A O   1 
ATOM   1030 C  CB  . TYR A 1 151 ? -11.979 -3.583  5.383   1.00 19.40 ? 145 TYR A CB  1 
ATOM   1031 C  CG  . TYR A 1 151 ? -10.675 -3.835  4.657   1.00 18.74 ? 145 TYR A CG  1 
ATOM   1032 C  CD1 . TYR A 1 151 ? -9.931  -4.997  4.879   1.00 18.95 ? 145 TYR A CD1 1 
ATOM   1033 C  CD2 . TYR A 1 151 ? -10.155 -2.892  3.783   1.00 18.63 ? 145 TYR A CD2 1 
ATOM   1034 C  CE1 . TYR A 1 151 ? -8.726  -5.222  4.227   1.00 18.21 ? 145 TYR A CE1 1 
ATOM   1035 C  CE2 . TYR A 1 151 ? -8.952  -3.104  3.128   1.00 18.48 ? 145 TYR A CE2 1 
ATOM   1036 C  CZ  . TYR A 1 151 ? -8.236  -4.263  3.350   1.00 19.00 ? 145 TYR A CZ  1 
ATOM   1037 O  OH  . TYR A 1 151 ? -7.030  -4.444  2.684   1.00 18.99 ? 145 TYR A OH  1 
ATOM   1038 N  N   . HIS A 1 152 ? -13.329 -6.122  3.314   1.00 19.85 ? 146 HIS A N   1 
ATOM   1039 C  CA  . HIS A 1 152 ? -13.184 -7.557  3.040   1.00 19.89 ? 146 HIS A CA  1 
ATOM   1040 C  C   . HIS A 1 152 ? -11.734 -7.844  2.717   1.00 19.65 ? 146 HIS A C   1 
ATOM   1041 O  O   . HIS A 1 152 ? -11.193 -7.299  1.751   1.00 18.84 ? 146 HIS A O   1 
ATOM   1042 C  CB  . HIS A 1 152 ? -14.076 -8.009  1.878   1.00 20.12 ? 146 HIS A CB  1 
ATOM   1043 C  CG  . HIS A 1 152 ? -15.508 -7.623  2.043   1.00 20.29 ? 146 HIS A CG  1 
ATOM   1044 N  ND1 . HIS A 1 152 ? -16.114 -6.675  1.247   1.00 20.88 ? 146 HIS A ND1 1 
ATOM   1045 C  CD2 . HIS A 1 152 ? -16.447 -8.023  2.931   1.00 20.03 ? 146 HIS A CD2 1 
ATOM   1046 C  CE1 . HIS A 1 152 ? -17.368 -6.525  1.620   1.00 19.86 ? 146 HIS A CE1 1 
ATOM   1047 N  NE2 . HIS A 1 152 ? -17.598 -7.333  2.640   1.00 20.13 ? 146 HIS A NE2 1 
ATOM   1048 N  N   . THR A 1 153 ? -11.105 -8.703  3.522   1.00 19.65 ? 147 THR A N   1 
ATOM   1049 C  CA  . THR A 1 153 ? -9.657  -8.915  3.427   1.00 19.74 ? 147 THR A CA  1 
ATOM   1050 C  C   . THR A 1 153 ? -9.215  -9.538  2.106   1.00 19.50 ? 147 THR A C   1 
ATOM   1051 O  O   . THR A 1 153 ? -8.075  -9.372  1.707   1.00 19.31 ? 147 THR A O   1 
ATOM   1052 C  CB  . THR A 1 153 ? -9.114  -9.749  4.601   1.00 19.73 ? 147 THR A CB  1 
ATOM   1053 O  OG1 . THR A 1 153 ? -9.846  -10.975 4.711   1.00 20.92 ? 147 THR A OG1 1 
ATOM   1054 C  CG2 . THR A 1 153 ? -9.230  -8.960  5.896   1.00 19.97 ? 147 THR A CG2 1 
ATOM   1055 N  N   . VAL A 1 154 ? -10.127 -10.229 1.421   1.00 19.68 ? 148 VAL A N   1 
ATOM   1056 C  CA  . VAL A 1 154 ? -9.859  -10.763 0.079   1.00 19.46 ? 148 VAL A CA  1 
ATOM   1057 C  C   . VAL A 1 154 ? -9.250  -9.688  -0.847  1.00 19.12 ? 148 VAL A C   1 
ATOM   1058 O  O   . VAL A 1 154 ? -8.491  -9.998  -1.766  1.00 19.04 ? 148 VAL A O   1 
ATOM   1059 C  CB  . VAL A 1 154 ? -11.152 -11.378 -0.538  1.00 18.93 ? 148 VAL A CB  1 
ATOM   1060 C  CG1 . VAL A 1 154 ? -12.185 -10.307 -0.863  1.00 18.80 ? 148 VAL A CG1 1 
ATOM   1061 C  CG2 . VAL A 1 154 ? -10.840 -12.222 -1.762  1.00 18.87 ? 148 VAL A CG2 1 
ATOM   1062 N  N   . ILE A 1 155 ? -9.575  -8.428  -0.573  1.00 18.76 ? 149 ILE A N   1 
ATOM   1063 C  CA  . ILE A 1 155 ? -9.042  -7.285  -1.310  1.00 18.88 ? 149 ILE A CA  1 
ATOM   1064 C  C   . ILE A 1 155 ? -7.529  -7.037  -1.133  1.00 19.19 ? 149 ILE A C   1 
ATOM   1065 O  O   . ILE A 1 155 ? -6.917  -6.360  -1.967  1.00 19.93 ? 149 ILE A O   1 
ATOM   1066 C  CB  . ILE A 1 155 ? -9.844  -6.010  -0.941  1.00 18.84 ? 149 ILE A CB  1 
ATOM   1067 C  CG1 . ILE A 1 155 ? -9.795  -4.974  -2.063  1.00 19.07 ? 149 ILE A CG1 1 
ATOM   1068 C  CG2 . ILE A 1 155 ? -9.374  -5.421  0.384   1.00 18.86 ? 149 ILE A CG2 1 
ATOM   1069 C  CD1 . ILE A 1 155 ? -10.629 -5.332  -3.281  1.00 19.33 ? 149 ILE A CD1 1 
ATOM   1070 N  N   . ASN A 1 156 ? -6.919  -7.574  -0.076  1.00 19.28 ? 150 ASN A N   1 
ATOM   1071 C  CA  . ASN A 1 156 ? -5.497  -7.319  0.182   1.00 19.77 ? 150 ASN A CA  1 
ATOM   1072 C  C   . ASN A 1 156 ? -4.655  -7.515  -1.073  1.00 20.08 ? 150 ASN A C   1 
ATOM   1073 O  O   . ASN A 1 156 ? -3.844  -6.664  -1.422  1.00 19.94 ? 150 ASN A O   1 
ATOM   1074 C  CB  . ASN A 1 156 ? -4.930  -8.229  1.280   1.00 19.59 ? 150 ASN A CB  1 
ATOM   1075 C  CG  . ASN A 1 156 ? -5.548  -7.994  2.653   1.00 19.78 ? 150 ASN A CG  1 
ATOM   1076 O  OD1 . ASN A 1 156 ? -5.405  -8.842  3.553   1.00 19.33 ? 150 ASN A OD1 1 
ATOM   1077 N  ND2 . ASN A 1 156 ? -6.232  -6.859  2.830   1.00 18.84 ? 150 ASN A ND2 1 
ATOM   1078 N  N   . ARG A 1 157 ? -4.849  -8.664  -1.714  1.00 21.22 ? 151 ARG A N   1 
ATOM   1079 C  CA  . ARG A 1 157 ? -4.149  -9.047  -2.939  1.00 22.15 ? 151 ARG A CA  1 
ATOM   1080 C  C   . ARG A 1 157 ? -4.330  -7.996  -4.019  1.00 21.86 ? 151 ARG A C   1 
ATOM   1081 O  O   . ARG A 1 157 ? -3.368  -7.569  -4.652  1.00 20.99 ? 151 ARG A O   1 
ATOM   1082 C  CB  . ARG A 1 157 ? -4.719  -10.372 -3.466  1.00 23.20 ? 151 ARG A CB  1 
ATOM   1083 C  CG  . ARG A 1 157 ? -4.106  -10.868 -4.779  1.00 24.34 ? 151 ARG A CG  1 
ATOM   1084 C  CD  . ARG A 1 157 ? -3.157  -12.030 -4.581  1.00 25.25 ? 151 ARG A CD  1 
ATOM   1085 N  NE  . ARG A 1 157 ? -3.770  -13.313 -4.896  1.00 27.60 ? 151 ARG A NE  1 
ATOM   1086 C  CZ  . ARG A 1 157 ? -3.494  -14.476 -4.307  1.00 28.53 ? 151 ARG A CZ  1 
ATOM   1087 N  NH1 . ARG A 1 157 ? -2.629  -14.573 -3.313  1.00 29.07 ? 151 ARG A NH1 1 
ATOM   1088 N  NH2 . ARG A 1 157 ? -4.114  -15.571 -4.714  1.00 29.98 ? 151 ARG A NH2 1 
ATOM   1089 N  N   . HIS A 1 158 ? -5.591  -7.623  -4.224  1.00 21.55 ? 152 HIS A N   1 
ATOM   1090 C  CA  . HIS A 1 158 ? -5.982  -6.657  -5.227  1.00 21.54 ? 152 HIS A CA  1 
ATOM   1091 C  C   . HIS A 1 158 ? -5.201  -5.364  -5.049  1.00 20.68 ? 152 HIS A C   1 
ATOM   1092 O  O   . HIS A 1 158 ? -4.725  -4.788  -6.023  1.00 20.36 ? 152 HIS A O   1 
ATOM   1093 C  CB  . HIS A 1 158 ? -7.486  -6.381  -5.140  1.00 21.94 ? 152 HIS A CB  1 
ATOM   1094 C  CG  . HIS A 1 158 ? -8.084  -5.858  -6.407  1.00 22.81 ? 152 HIS A CG  1 
ATOM   1095 N  ND1 . HIS A 1 158 ? -7.327  -5.332  -7.430  1.00 23.63 ? 152 HIS A ND1 1 
ATOM   1096 C  CD2 . HIS A 1 158 ? -9.373  -5.752  -6.805  1.00 23.44 ? 152 HIS A CD2 1 
ATOM   1097 C  CE1 . HIS A 1 158 ? -8.119  -4.950  -8.414  1.00 23.45 ? 152 HIS A CE1 1 
ATOM   1098 N  NE2 . HIS A 1 158 ? -9.366  -5.185  -8.058  1.00 23.48 ? 152 HIS A NE2 1 
ATOM   1099 N  N   . VAL A 1 159 ? -5.063  -4.935  -3.797  1.00 20.12 ? 153 VAL A N   1 
ATOM   1100 C  CA  . VAL A 1 159 ? -4.352  -3.704  -3.465  1.00 19.63 ? 153 VAL A CA  1 
ATOM   1101 C  C   . VAL A 1 159 ? -2.894  -3.794  -3.857  1.00 19.87 ? 153 VAL A C   1 
ATOM   1102 O  O   . VAL A 1 159 ? -2.356  -2.902  -4.501  1.00 19.87 ? 153 VAL A O   1 
ATOM   1103 C  CB  . VAL A 1 159 ? -4.458  -3.396  -1.955  1.00 19.51 ? 153 VAL A CB  1 
ATOM   1104 C  CG1 . VAL A 1 159 ? -3.434  -2.354  -1.505  1.00 18.89 ? 153 VAL A CG1 1 
ATOM   1105 C  CG2 . VAL A 1 159 ? -5.869  -2.946  -1.621  1.00 19.25 ? 153 VAL A CG2 1 
ATOM   1106 N  N   . PHE A 1 160 ? -2.242  -4.875  -3.466  1.00 20.44 ? 154 PHE A N   1 
ATOM   1107 C  CA  . PHE A 1 160 ? -0.820  -5.004  -3.750  1.00 20.52 ? 154 PHE A CA  1 
ATOM   1108 C  C   . PHE A 1 160 ? -0.564  -5.120  -5.246  1.00 21.02 ? 154 PHE A C   1 
ATOM   1109 O  O   . PHE A 1 160 ? 0.422   -4.560  -5.741  1.00 20.60 ? 154 PHE A O   1 
ATOM   1110 C  CB  . PHE A 1 160 ? -0.218  -6.187  -2.990  1.00 20.93 ? 154 PHE A CB  1 
ATOM   1111 C  CG  . PHE A 1 160 ? -0.467  -6.135  -1.513  1.00 20.60 ? 154 PHE A CG  1 
ATOM   1112 C  CD1 . PHE A 1 160 ? -0.362  -4.937  -0.821  1.00 20.83 ? 154 PHE A CD1 1 
ATOM   1113 C  CD2 . PHE A 1 160 ? -0.813  -7.277  -0.812  1.00 21.07 ? 154 PHE A CD2 1 
ATOM   1114 C  CE1 . PHE A 1 160 ? -0.596  -4.886  0.543   1.00 20.61 ? 154 PHE A CE1 1 
ATOM   1115 C  CE2 . PHE A 1 160 ? -1.047  -7.227  0.554   1.00 20.66 ? 154 PHE A CE2 1 
ATOM   1116 C  CZ  . PHE A 1 160 ? -0.942  -6.032  1.227   1.00 20.36 ? 154 PHE A CZ  1 
ATOM   1117 N  N   . GLU A 1 161 ? -1.459  -5.809  -5.966  1.00 21.06 ? 155 GLU A N   1 
ATOM   1118 C  CA  . GLU A 1 161 ? -1.341  -5.940  -7.428  1.00 22.15 ? 155 GLU A CA  1 
ATOM   1119 C  C   . GLU A 1 161 ? -1.507  -4.594  -8.122  1.00 21.52 ? 155 GLU A C   1 
ATOM   1120 O  O   . GLU A 1 161 ? -0.718  -4.249  -9.003  1.00 20.65 ? 155 GLU A O   1 
ATOM   1121 C  CB  . GLU A 1 161 ? -2.372  -6.932  -7.996  1.00 22.81 ? 155 GLU A CB  1 
ATOM   1122 C  CG  . GLU A 1 161 ? -2.015  -8.407  -7.806  1.00 23.63 ? 155 GLU A CG  1 
ATOM   1123 C  CD  . GLU A 1 161 ? -3.166  -9.352  -8.155  1.00 24.22 ? 155 GLU A CD  1 
ATOM   1124 O  OE1 . GLU A 1 161 ? -4.351  -8.924  -8.180  1.00 25.32 ? 155 GLU A OE1 1 
ATOM   1125 O  OE2 . GLU A 1 161 ? -2.889  -10.537 -8.393  1.00 24.44 ? 155 GLU A OE2 1 
ATOM   1126 N  N   . SER A 1 162 ? -2.545  -3.855  -7.732  1.00 21.86 ? 156 SER A N   1 
ATOM   1127 C  CA  . SER A 1 162 ? -2.822  -2.532  -8.302  1.00 22.52 ? 156 SER A CA  1 
ATOM   1128 C  C   . SER A 1 162 ? -1.650  -1.588  -8.068  1.00 23.32 ? 156 SER A C   1 
ATOM   1129 O  O   . SER A 1 162 ? -1.240  -0.848  -8.950  1.00 22.71 ? 156 SER A O   1 
ATOM   1130 C  CB  . SER A 1 162 ? -4.088  -1.929  -7.688  1.00 22.42 ? 156 SER A CB  1 
ATOM   1131 O  OG  . SER A 1 162 ? -5.225  -2.730  -7.950  1.00 22.38 ? 156 SER A OG  1 
ATOM   1132 N  N   . LEU A 1 163 ? -1.116  -1.634  -6.861  1.00 25.42 ? 157 LEU A N   1 
ATOM   1133 C  CA  . LEU A 1 163 ? -0.011  -0.787  -6.460  1.00 26.74 ? 157 LEU A CA  1 
ATOM   1134 C  C   . LEU A 1 163 ? 1.241   -1.082  -7.296  1.00 26.91 ? 157 LEU A C   1 
ATOM   1135 O  O   . LEU A 1 163 ? 1.863   -0.173  -7.855  1.00 27.44 ? 157 LEU A O   1 
ATOM   1136 C  CB  . LEU A 1 163 ? 0.250   -1.027  -4.974  1.00 28.96 ? 157 LEU A CB  1 
ATOM   1137 C  CG  . LEU A 1 163 ? 1.046   -0.016  -4.169  1.00 31.64 ? 157 LEU A CG  1 
ATOM   1138 C  CD1 . LEU A 1 163 ? 0.293   1.305   -4.075  1.00 32.58 ? 157 LEU A CD1 1 
ATOM   1139 C  CD2 . LEU A 1 163 ? 1.306   -0.594  -2.782  1.00 32.65 ? 157 LEU A CD2 1 
ATOM   1140 N  N   . ALA A 1 164 ? 1.584   -2.361  -7.405  1.00 26.75 ? 158 ALA A N   1 
ATOM   1141 C  CA  . ALA A 1 164 ? 2.750   -2.803  -8.169  1.00 26.13 ? 158 ALA A CA  1 
ATOM   1142 C  C   . ALA A 1 164 ? 2.637   -2.464  -9.648  1.00 25.70 ? 158 ALA A C   1 
ATOM   1143 O  O   . ALA A 1 164 ? 3.611   -2.021  -10.254 1.00 26.04 ? 158 ALA A O   1 
ATOM   1144 C  CB  . ALA A 1 164 ? 2.949   -4.305  -8.006  1.00 26.34 ? 158 ALA A CB  1 
ATOM   1145 N  N   . ALA A 1 165 ? 1.453   -2.685  -10.216 1.00 24.59 ? 159 ALA A N   1 
ATOM   1146 C  CA  . ALA A 1 165 ? 1.199   -2.441  -11.642 1.00 24.81 ? 159 ALA A CA  1 
ATOM   1147 C  C   . ALA A 1 165 ? 1.317   -0.968  -12.044 1.00 24.85 ? 159 ALA A C   1 
ATOM   1148 O  O   . ALA A 1 165 ? 1.769   -0.658  -13.149 1.00 25.73 ? 159 ALA A O   1 
ATOM   1149 C  CB  . ALA A 1 165 ? -0.178  -2.966  -12.029 1.00 24.14 ? 159 ALA A CB  1 
ATOM   1150 N  N   . ASN A 1 166 ? 0.918   -0.068  -11.154 1.00 24.23 ? 160 ASN A N   1 
ATOM   1151 C  CA  . ASN A 1 166 ? 0.921   1.357   -11.465 1.00 24.33 ? 160 ASN A CA  1 
ATOM   1152 C  C   . ASN A 1 166 ? 2.177   2.104   -11.033 1.00 25.36 ? 160 ASN A C   1 
ATOM   1153 O  O   . ASN A 1 166 ? 2.493   3.165   -11.583 1.00 24.96 ? 160 ASN A O   1 
ATOM   1154 C  CB  . ASN A 1 166 ? -0.320  1.998   -10.880 1.00 24.22 ? 160 ASN A CB  1 
ATOM   1155 C  CG  . ASN A 1 166 ? -1.572  1.539   -11.587 1.00 23.81 ? 160 ASN A CG  1 
ATOM   1156 O  OD1 . ASN A 1 166 ? -1.887  2.030   -12.659 1.00 23.39 ? 160 ASN A OD1 1 
ATOM   1157 N  ND2 . ASN A 1 166 ? -2.284  0.583   -10.999 1.00 24.55 ? 160 ASN A ND2 1 
ATOM   1158 N  N   . ALA A 1 167 ? 2.891   1.568   -10.047 1.00 25.44 ? 161 ALA A N   1 
ATOM   1159 C  CA  . ALA A 1 167 ? 4.208   2.090   -9.714  1.00 26.35 ? 161 ALA A CA  1 
ATOM   1160 C  C   . ALA A 1 167 ? 5.266   1.482   -10.636 1.00 27.24 ? 161 ALA A C   1 
ATOM   1161 O  O   . ALA A 1 167 ? 6.381   2.001   -10.734 1.00 25.72 ? 161 ALA A O   1 
ATOM   1162 C  CB  . ALA A 1 167 ? 4.538   1.811   -8.263  1.00 26.59 ? 161 ALA A CB  1 
ATOM   1163 N  N   . ARG A 1 168 ? 4.894   0.385   -11.302 1.00 28.91 ? 162 ARG A N   1 
ATOM   1164 C  CA  . ARG A 1 168 ? 5.763   -0.338  -12.228 1.00 30.91 ? 162 ARG A CA  1 
ATOM   1165 C  C   . ARG A 1 168 ? 6.981   -0.868  -11.488 1.00 28.55 ? 162 ARG A C   1 
ATOM   1166 O  O   . ARG A 1 168 ? 8.120   -0.530  -11.802 1.00 28.87 ? 162 ARG A O   1 
ATOM   1167 C  CB  . ARG A 1 168 ? 6.132   0.536   -13.438 1.00 33.95 ? 162 ARG A CB  1 
ATOM   1168 C  CG  . ARG A 1 168 ? 4.949   1.342   -13.964 1.00 38.16 ? 162 ARG A CG  1 
ATOM   1169 C  CD  . ARG A 1 168 ? 5.154   1.912   -15.358 1.00 42.26 ? 162 ARG A CD  1 
ATOM   1170 N  NE  . ARG A 1 168 ? 4.934   0.882   -16.370 1.00 47.46 ? 162 ARG A NE  1 
ATOM   1171 C  CZ  . ARG A 1 168 ? 5.891   0.149   -16.949 1.00 51.83 ? 162 ARG A CZ  1 
ATOM   1172 N  NH1 . ARG A 1 168 ? 7.183   0.324   -16.648 1.00 53.31 ? 162 ARG A NH1 1 
ATOM   1173 N  NH2 . ARG A 1 168 ? 5.553   -0.771  -17.851 1.00 51.46 ? 162 ARG A NH2 1 
ATOM   1174 N  N   . ILE A 1 169 ? 6.708   -1.696  -10.480 1.00 27.59 ? 163 ILE A N   1 
ATOM   1175 C  CA  . ILE A 1 169 ? 7.744   -2.311  -9.644  1.00 26.34 ? 163 ILE A CA  1 
ATOM   1176 C  C   . ILE A 1 169 ? 7.460   -3.793  -9.378  1.00 25.31 ? 163 ILE A C   1 
ATOM   1177 O  O   . ILE A 1 169 ? 6.370   -4.291  -9.647  1.00 24.67 ? 163 ILE A O   1 
ATOM   1178 C  CB  . ILE A 1 169 ? 7.875   -1.580  -8.298  1.00 26.36 ? 163 ILE A CB  1 
ATOM   1179 C  CG1 . ILE A 1 169 ? 6.670   -1.872  -7.397  1.00 27.12 ? 163 ILE A CG1 1 
ATOM   1180 C  CG2 . ILE A 1 169 ? 8.001   -0.082  -8.523  1.00 26.49 ? 163 ILE A CG2 1 
ATOM   1181 C  CD1 . ILE A 1 169 ? 6.618   -1.010  -6.152  1.00 27.07 ? 163 ILE A CD1 1 
ATOM   1182 N  N   . ALA A 1 170 ? 8.458   -4.492  -8.851  1.00 24.57 ? 164 ALA A N   1 
ATOM   1183 C  CA  . ALA A 1 170 ? 8.286   -5.880  -8.435  1.00 24.01 ? 164 ALA A CA  1 
ATOM   1184 C  C   . ALA A 1 170 ? 8.023   -5.892  -6.939  1.00 23.28 ? 164 ALA A C   1 
ATOM   1185 O  O   . ALA A 1 170 ? 8.823   -5.373  -6.159  1.00 23.32 ? 164 ALA A O   1 
ATOM   1186 C  CB  . ALA A 1 170 ? 9.510   -6.712  -8.774  1.00 24.16 ? 164 ALA A CB  1 
ATOM   1187 N  N   . LEU A 1 171 ? 6.890   -6.467  -6.560  1.00 22.45 ? 165 LEU A N   1 
ATOM   1188 C  CA  . LEU A 1 171 ? 6.436   -6.477  -5.180  1.00 22.42 ? 165 LEU A CA  1 
ATOM   1189 C  C   . LEU A 1 171 ? 6.030   -7.894  -4.799  1.00 21.63 ? 165 LEU A C   1 
ATOM   1190 O  O   . LEU A 1 171 ? 5.097   -8.458  -5.370  1.00 20.66 ? 165 LEU A O   1 
ATOM   1191 C  CB  . LEU A 1 171 ? 5.257   -5.523  -5.020  1.00 23.01 ? 165 LEU A CB  1 
ATOM   1192 C  CG  . LEU A 1 171 ? 4.623   -5.431  -3.638  1.00 23.97 ? 165 LEU A CG  1 
ATOM   1193 C  CD1 . LEU A 1 171 ? 5.630   -4.942  -2.607  1.00 24.69 ? 165 LEU A CD1 1 
ATOM   1194 C  CD2 . LEU A 1 171 ? 3.410   -4.512  -3.670  1.00 24.44 ? 165 LEU A CD2 1 
ATOM   1195 N  N   . HIS A 1 172 ? 6.766   -8.476  -3.861  1.00 21.10 ? 166 HIS A N   1 
ATOM   1196 C  CA  . HIS A 1 172 ? 6.491   -9.821  -3.388  1.00 21.09 ? 166 HIS A CA  1 
ATOM   1197 C  C   . HIS A 1 172 ? 6.096   -9.732  -1.922  1.00 20.77 ? 166 HIS A C   1 
ATOM   1198 O  O   . HIS A 1 172 ? 6.906   -9.324  -1.093  1.00 20.65 ? 166 HIS A O   1 
ATOM   1199 C  CB  . HIS A 1 172 ? 7.727   -10.708 -3.549  1.00 21.04 ? 166 HIS A CB  1 
ATOM   1200 C  CG  . HIS A 1 172 ? 7.974   -11.152 -4.955  1.00 21.49 ? 166 HIS A CG  1 
ATOM   1201 N  ND1 . HIS A 1 172 ? 8.003   -10.274 -6.017  1.00 21.94 ? 166 HIS A ND1 1 
ATOM   1202 C  CD2 . HIS A 1 172 ? 8.213   -12.377 -5.475  1.00 21.43 ? 166 HIS A CD2 1 
ATOM   1203 C  CE1 . HIS A 1 172 ? 8.241   -10.941 -7.130  1.00 21.19 ? 166 HIS A CE1 1 
ATOM   1204 N  NE2 . HIS A 1 172 ? 8.369   -12.219 -6.828  1.00 21.25 ? 166 HIS A NE2 1 
ATOM   1205 N  N   . VAL A 1 173 ? 4.859   -10.109 -1.608  1.00 20.32 ? 167 VAL A N   1 
ATOM   1206 C  CA  . VAL A 1 173 ? 4.372   -10.063 -0.234  1.00 20.78 ? 167 VAL A CA  1 
ATOM   1207 C  C   . VAL A 1 173 ? 4.065   -11.466 0.273   1.00 20.89 ? 167 VAL A C   1 
ATOM   1208 O  O   . VAL A 1 173 ? 3.355   -12.224 -0.378  1.00 21.90 ? 167 VAL A O   1 
ATOM   1209 C  CB  . VAL A 1 173 ? 3.104   -9.195  -0.112  1.00 20.92 ? 167 VAL A CB  1 
ATOM   1210 C  CG1 . VAL A 1 173 ? 2.609   -9.164  1.330   1.00 20.92 ? 167 VAL A CG1 1 
ATOM   1211 C  CG2 . VAL A 1 173 ? 3.365   -7.785  -0.629  1.00 20.73 ? 167 VAL A CG2 1 
ATOM   1212 N  N   . ARG A 1 174 ? 4.602   -11.798 1.444   1.00 21.38 ? 168 ARG A N   1 
ATOM   1213 C  CA  . ARG A 1 174 ? 4.427   -13.118 2.049   1.00 21.09 ? 168 ARG A CA  1 
ATOM   1214 C  C   . ARG A 1 174 ? 3.890   -13.028 3.477   1.00 20.20 ? 168 ARG A C   1 
ATOM   1215 O  O   . ARG A 1 174 ? 4.291   -12.148 4.259   1.00 20.91 ? 168 ARG A O   1 
ATOM   1216 C  CB  . ARG A 1 174 ? 5.762   -13.869 2.087   1.00 21.90 ? 168 ARG A CB  1 
ATOM   1217 C  CG  . ARG A 1 174 ? 6.332   -14.245 0.729   1.00 22.55 ? 168 ARG A CG  1 
ATOM   1218 C  CD  . ARG A 1 174 ? 7.581   -15.103 0.880   1.00 22.90 ? 168 ARG A CD  1 
ATOM   1219 N  NE  . ARG A 1 174 ? 8.642   -14.412 1.623   1.00 23.11 ? 168 ARG A NE  1 
ATOM   1220 C  CZ  . ARG A 1 174 ? 9.512   -15.003 2.443   1.00 22.97 ? 168 ARG A CZ  1 
ATOM   1221 N  NH1 . ARG A 1 174 ? 9.482   -16.309 2.679   1.00 24.00 ? 168 ARG A NH1 1 
ATOM   1222 N  NH2 . ARG A 1 174 ? 10.425  -14.276 3.053   1.00 23.58 ? 168 ARG A NH2 1 
ATOM   1223 N  N   . VAL A 1 175 ? 2.990   -13.945 3.812   1.00 18.75 ? 169 VAL A N   1 
ATOM   1224 C  CA  . VAL A 1 175 ? 2.653   -14.232 5.201   1.00 18.44 ? 169 VAL A CA  1 
ATOM   1225 C  C   . VAL A 1 175 ? 3.292   -15.572 5.545   1.00 17.72 ? 169 VAL A C   1 
ATOM   1226 O  O   . VAL A 1 175 ? 2.911   -16.601 5.002   1.00 17.23 ? 169 VAL A O   1 
ATOM   1227 C  CB  . VAL A 1 175 ? 1.131   -14.319 5.434   1.00 18.48 ? 169 VAL A CB  1 
ATOM   1228 C  CG1 . VAL A 1 175 ? 0.840   -14.663 6.889   1.00 18.32 ? 169 VAL A CG1 1 
ATOM   1229 C  CG2 . VAL A 1 175 ? 0.450   -13.012 5.021   1.00 18.83 ? 169 VAL A CG2 1 
ATOM   1230 N  N   . LEU A 1 176 ? 4.290   -15.546 6.420   1.00 17.32 ? 170 LEU A N   1 
ATOM   1231 C  CA  . LEU A 1 176 ? 4.929   -16.767 6.868   1.00 17.21 ? 170 LEU A CA  1 
ATOM   1232 C  C   . LEU A 1 176 ? 3.947   -17.574 7.717   1.00 17.02 ? 170 LEU A C   1 
ATOM   1233 O  O   . LEU A 1 176 ? 3.895   -18.785 7.595   1.00 17.20 ? 170 LEU A O   1 
ATOM   1234 C  CB  . LEU A 1 176 ? 6.225   -16.472 7.643   1.00 17.36 ? 170 LEU A CB  1 
ATOM   1235 C  CG  . LEU A 1 176 ? 7.453   -16.058 6.797   1.00 17.65 ? 170 LEU A CG  1 
ATOM   1236 C  CD1 . LEU A 1 176 ? 7.777   -17.074 5.716   1.00 17.80 ? 170 LEU A CD1 1 
ATOM   1237 C  CD2 . LEU A 1 176 ? 7.276   -14.687 6.166   1.00 17.35 ? 170 LEU A CD2 1 
ATOM   1238 N  N   . TYR A 1 177 ? 3.177   -16.887 8.559   1.00 16.78 ? 171 TYR A N   1 
ATOM   1239 C  CA  . TYR A 1 177 ? 2.118   -17.489 9.364   1.00 16.72 ? 171 TYR A CA  1 
ATOM   1240 C  C   . TYR A 1 177 ? 1.332   -16.391 10.088  1.00 16.99 ? 171 TYR A C   1 
ATOM   1241 O  O   . TYR A 1 177 ? 1.717   -15.218 10.082  1.00 17.07 ? 171 TYR A O   1 
ATOM   1242 C  CB  . TYR A 1 177 ? 2.682   -18.500 10.375  1.00 16.84 ? 171 TYR A CB  1 
ATOM   1243 C  CG  . TYR A 1 177 ? 3.904   -18.001 11.099  1.00 16.84 ? 171 TYR A CG  1 
ATOM   1244 C  CD1 . TYR A 1 177 ? 3.787   -17.146 12.181  1.00 16.85 ? 171 TYR A CD1 1 
ATOM   1245 C  CD2 . TYR A 1 177 ? 5.178   -18.370 10.690  1.00 16.78 ? 171 TYR A CD2 1 
ATOM   1246 C  CE1 . TYR A 1 177 ? 4.902   -16.688 12.858  1.00 16.80 ? 171 TYR A CE1 1 
ATOM   1247 C  CE2 . TYR A 1 177 ? 6.304   -17.904 11.349  1.00 16.82 ? 171 TYR A CE2 1 
ATOM   1248 C  CZ  . TYR A 1 177 ? 6.159   -17.057 12.433  1.00 17.11 ? 171 TYR A CZ  1 
ATOM   1249 O  OH  . TYR A 1 177 ? 7.278   -16.588 13.102  1.00 17.23 ? 171 TYR A OH  1 
ATOM   1250 N  N   . GLY A 1 178 ? 0.218   -16.778 10.703  1.00 17.31 ? 172 GLY A N   1 
ATOM   1251 C  CA  . GLY A 1 178 ? -0.661  -15.827 11.378  1.00 17.31 ? 172 GLY A CA  1 
ATOM   1252 C  C   . GLY A 1 178 ? -2.065  -16.370 11.529  1.00 17.43 ? 172 GLY A C   1 
ATOM   1253 O  O   . GLY A 1 178 ? -2.452  -17.302 10.834  1.00 17.68 ? 172 GLY A O   1 
ATOM   1254 N  N   . ARG A 1 179 ? -2.831  -15.759 12.427  1.00 17.92 ? 173 ARG A N   1 
ATOM   1255 C  CA  . ARG A 1 179 ? -4.188  -16.204 12.733  1.00 18.36 ? 173 ARG A CA  1 
ATOM   1256 C  C   . ARG A 1 179 ? -5.198  -15.046 12.647  1.00 17.81 ? 173 ARG A C   1 
ATOM   1257 O  O   . ARG A 1 179 ? -6.209  -15.142 11.956  1.00 17.51 ? 173 ARG A O   1 
ATOM   1258 C  CB  . ARG A 1 179 ? -4.199  -16.855 14.125  1.00 18.71 ? 173 ARG A CB  1 
ATOM   1259 C  CG  . ARG A 1 179 ? -5.550  -17.399 14.552  1.00 19.16 ? 173 ARG A CG  1 
ATOM   1260 C  CD  . ARG A 1 179 ? -5.487  -17.988 15.950  1.00 19.59 ? 173 ARG A CD  1 
ATOM   1261 N  NE  . ARG A 1 179 ? -6.814  -18.428 16.357  1.00 20.12 ? 173 ARG A NE  1 
ATOM   1262 C  CZ  . ARG A 1 179 ? -7.767  -17.637 16.840  1.00 20.83 ? 173 ARG A CZ  1 
ATOM   1263 N  NH1 . ARG A 1 179 ? -7.559  -16.337 17.024  1.00 20.94 ? 173 ARG A NH1 1 
ATOM   1264 N  NH2 . ARG A 1 179 ? -8.951  -18.153 17.135  1.00 21.51 ? 173 ARG A NH2 1 
ATOM   1265 N  N   . ASP A 1 180 ? -4.916  -13.951 13.338  1.00 18.07 ? 174 ASP A N   1 
ATOM   1266 C  CA  . ASP A 1 180 ? -5.837  -12.814 13.356  1.00 18.38 ? 174 ASP A CA  1 
ATOM   1267 C  C   . ASP A 1 180 ? -5.790  -12.041 12.028  1.00 18.35 ? 174 ASP A C   1 
ATOM   1268 O  O   . ASP A 1 180 ? -4.717  -11.642 11.590  1.00 18.42 ? 174 ASP A O   1 
ATOM   1269 C  CB  . ASP A 1 180 ? -5.510  -11.907 14.545  1.00 18.63 ? 174 ASP A CB  1 
ATOM   1270 C  CG  . ASP A 1 180 ? -6.461  -10.735 14.667  1.00 19.15 ? 174 ASP A CG  1 
ATOM   1271 O  OD1 . ASP A 1 180 ? -6.188  -9.716  14.022  1.00 19.73 ? 174 ASP A OD1 1 
ATOM   1272 O  OD2 . ASP A 1 180 ? -7.463  -10.820 15.419  1.00 19.75 ? 174 ASP A OD2 1 
ATOM   1273 N  N   . PRO A 1 181 ? -6.952  -11.847 11.371  1.00 18.94 ? 175 PRO A N   1 
ATOM   1274 C  CA  . PRO A 1 181 ? -6.993  -11.145 10.080  1.00 19.02 ? 175 PRO A CA  1 
ATOM   1275 C  C   . PRO A 1 181 ? -6.537  -9.681  10.120  1.00 19.01 ? 175 PRO A C   1 
ATOM   1276 O  O   . PRO A 1 181 ? -5.989  -9.182  9.136   1.00 19.36 ? 175 PRO A O   1 
ATOM   1277 C  CB  . PRO A 1 181 ? -8.478  -11.224 9.684   1.00 19.15 ? 175 PRO A CB  1 
ATOM   1278 C  CG  . PRO A 1 181 ? -9.205  -11.436 10.964  1.00 19.53 ? 175 PRO A CG  1 
ATOM   1279 C  CD  . PRO A 1 181 ? -8.292  -12.328 11.754  1.00 19.24 ? 175 PRO A CD  1 
ATOM   1280 N  N   . HIS A 1 182 ? -6.780  -9.002  11.233  1.00 19.08 ? 176 HIS A N   1 
ATOM   1281 C  CA  . HIS A 1 182 ? -6.317  -7.628  11.418  1.00 20.34 ? 176 HIS A CA  1 
ATOM   1282 C  C   . HIS A 1 182 ? -4.784  -7.609  11.432  1.00 20.22 ? 176 HIS A C   1 
ATOM   1283 O  O   . HIS A 1 182 ? -4.157  -6.859  10.681  1.00 20.66 ? 176 HIS A O   1 
ATOM   1284 C  CB  . HIS A 1 182 ? -6.881  -7.056  12.728  1.00 20.59 ? 176 HIS A CB  1 
ATOM   1285 C  CG  . HIS A 1 182 ? -6.731  -5.575  12.875  1.00 21.35 ? 176 HIS A CG  1 
ATOM   1286 N  ND1 . HIS A 1 182 ? -7.761  -4.770  13.312  1.00 21.64 ? 176 HIS A ND1 1 
ATOM   1287 C  CD2 . HIS A 1 182 ? -5.677  -4.752  12.664  1.00 22.39 ? 176 HIS A CD2 1 
ATOM   1288 C  CE1 . HIS A 1 182 ? -7.348  -3.516  13.366  1.00 22.17 ? 176 HIS A CE1 1 
ATOM   1289 N  NE2 . HIS A 1 182 ? -6.089  -3.477  12.971  1.00 22.48 ? 176 HIS A NE2 1 
ATOM   1290 N  N   . HIS A 1 183 ? -4.194  -8.447  12.283  1.00 20.30 ? 177 HIS A N   1 
ATOM   1291 C  CA  . HIS A 1 183 ? -2.733  -8.616  12.342  1.00 20.01 ? 177 HIS A CA  1 
ATOM   1292 C  C   . HIS A 1 183 ? -2.157  -9.050  11.010  1.00 19.59 ? 177 HIS A C   1 
ATOM   1293 O  O   . HIS A 1 183 ? -1.157  -8.501  10.560  1.00 19.04 ? 177 HIS A O   1 
ATOM   1294 C  CB  . HIS A 1 183 ? -2.330  -9.662  13.382  1.00 20.21 ? 177 HIS A CB  1 
ATOM   1295 C  CG  . HIS A 1 183 ? -2.717  -9.300  14.777  1.00 20.98 ? 177 HIS A CG  1 
ATOM   1296 N  ND1 . HIS A 1 183 ? -2.741  -10.214 15.808  1.00 21.51 ? 177 HIS A ND1 1 
ATOM   1297 C  CD2 . HIS A 1 183 ? -3.122  -8.124  15.305  1.00 21.25 ? 177 HIS A CD2 1 
ATOM   1298 C  CE1 . HIS A 1 183 ? -3.131  -9.610  16.916  1.00 21.93 ? 177 HIS A CE1 1 
ATOM   1299 N  NE2 . HIS A 1 183 ? -3.364  -8.341  16.637  1.00 21.53 ? 177 HIS A NE2 1 
ATOM   1300 N  N   . ILE A 1 184 ? -2.778  -10.045 10.388  1.00 19.43 ? 178 ILE A N   1 
ATOM   1301 C  CA  . ILE A 1 184 ? -2.248  -10.585 9.129   1.00 19.48 ? 178 ILE A CA  1 
ATOM   1302 C  C   . ILE A 1 184 ? -2.188  -9.484  8.075   1.00 19.21 ? 178 ILE A C   1 
ATOM   1303 O  O   . ILE A 1 184 ? -1.190  -9.350  7.383   1.00 19.41 ? 178 ILE A O   1 
ATOM   1304 C  CB  . ILE A 1 184 ? -3.049  -11.809 8.635   1.00 19.28 ? 178 ILE A CB  1 
ATOM   1305 C  CG1 . ILE A 1 184 ? -2.766  -13.012 9.532   1.00 19.39 ? 178 ILE A CG1 1 
ATOM   1306 C  CG2 . ILE A 1 184 ? -2.682  -12.174 7.200   1.00 19.85 ? 178 ILE A CG2 1 
ATOM   1307 C  CD1 . ILE A 1 184 ? -3.837  -14.072 9.493   1.00 19.32 ? 178 ILE A CD1 1 
ATOM   1308 N  N   . THR A 1 185 ? -3.243  -8.686  7.976   1.00 19.14 ? 179 THR A N   1 
ATOM   1309 C  CA  . THR A 1 185 ? -3.307  -7.587  7.008   1.00 19.26 ? 179 THR A CA  1 
ATOM   1310 C  C   . THR A 1 185 ? -2.363  -6.410  7.347   1.00 19.71 ? 179 THR A C   1 
ATOM   1311 O  O   . THR A 1 185 ? -1.597  -5.934  6.489   1.00 20.43 ? 179 THR A O   1 
ATOM   1312 C  CB  . THR A 1 185 ? -4.762  -7.085  6.892   1.00 19.36 ? 179 THR A CB  1 
ATOM   1313 O  OG1 . THR A 1 185 ? -5.607  -8.179  6.516   1.00 19.06 ? 179 THR A OG1 1 
ATOM   1314 C  CG2 . THR A 1 185 ? -4.886  -5.972  5.873   1.00 19.08 ? 179 THR A CG2 1 
ATOM   1315 N  N   . GLU A 1 186 ? -2.390  -5.950  8.590   1.00 19.67 ? 180 GLU A N   1 
ATOM   1316 C  CA  . GLU A 1 186 ? -1.580  -4.788  8.974   1.00 20.00 ? 180 GLU A CA  1 
ATOM   1317 C  C   . GLU A 1 186 ? -0.090  -5.086  8.821   1.00 18.96 ? 180 GLU A C   1 
ATOM   1318 O  O   . GLU A 1 186 ? 0.676   -4.269  8.307   1.00 17.92 ? 180 GLU A O   1 
ATOM   1319 C  CB  . GLU A 1 186 ? -1.909  -4.351  10.401  1.00 21.19 ? 180 GLU A CB  1 
ATOM   1320 C  CG  . GLU A 1 186 ? -1.485  -2.926  10.718  1.00 22.45 ? 180 GLU A CG  1 
ATOM   1321 C  CD  . GLU A 1 186 ? -1.909  -2.459  12.100  1.00 22.89 ? 180 GLU A CD  1 
ATOM   1322 O  OE1 . GLU A 1 186 ? -2.959  -2.902  12.594  1.00 25.29 ? 180 GLU A OE1 1 
ATOM   1323 O  OE2 . GLU A 1 186 ? -1.195  -1.630  12.685  1.00 23.71 ? 180 GLU A OE2 1 
ATOM   1324 N  N   . ALA A 1 187 ? 0.304   -6.281  9.241   1.00 18.05 ? 181 ALA A N   1 
ATOM   1325 C  CA  . ALA A 1 187 ? 1.687   -6.734  9.113   1.00 17.42 ? 181 ALA A CA  1 
ATOM   1326 C  C   . ALA A 1 187 ? 2.156   -6.699  7.657   1.00 16.66 ? 181 ALA A C   1 
ATOM   1327 O  O   . ALA A 1 187 ? 3.289   -6.306  7.386   1.00 15.84 ? 181 ALA A O   1 
ATOM   1328 C  CB  . ALA A 1 187 ? 1.833   -8.141  9.680   1.00 17.47 ? 181 ALA A CB  1 
ATOM   1329 N  N   . GLN A 1 188 ? 1.282   -7.096  6.729   1.00 15.79 ? 182 GLN A N   1 
ATOM   1330 C  CA  . GLN A 1 188 ? 1.606   -7.041  5.307   1.00 15.66 ? 182 GLN A CA  1 
ATOM   1331 C  C   . GLN A 1 188 ? 1.761   -5.608  4.817   1.00 15.79 ? 182 GLN A C   1 
ATOM   1332 O  O   . GLN A 1 188 ? 2.752   -5.274  4.192   1.00 15.75 ? 182 GLN A O   1 
ATOM   1333 C  CB  . GLN A 1 188 ? 0.539   -7.751  4.476   1.00 15.90 ? 182 GLN A CB  1 
ATOM   1334 C  CG  . GLN A 1 188 ? 0.443   -9.240  4.734   1.00 15.68 ? 182 GLN A CG  1 
ATOM   1335 C  CD  . GLN A 1 188 ? -0.603  -9.891  3.862   1.00 15.83 ? 182 GLN A CD  1 
ATOM   1336 O  OE1 . GLN A 1 188 ? -1.743  -10.104 4.282   1.00 16.25 ? 182 GLN A OE1 1 
ATOM   1337 N  NE2 . GLN A 1 188 ? -0.225  -10.201 2.638   1.00 15.61 ? 182 GLN A NE2 1 
ATOM   1338 N  N   . TYR A 1 189 ? 0.787   -4.756  5.113   1.00 16.84 ? 183 TYR A N   1 
ATOM   1339 C  CA  . TYR A 1 189 ? 0.886   -3.338  4.749   1.00 17.53 ? 183 TYR A CA  1 
ATOM   1340 C  C   . TYR A 1 189 ? 2.146   -2.686  5.313   1.00 18.40 ? 183 TYR A C   1 
ATOM   1341 O  O   . TYR A 1 189 ? 2.852   -1.949  4.612   1.00 18.89 ? 183 TYR A O   1 
ATOM   1342 C  CB  . TYR A 1 189 ? -0.327  -2.564  5.244   1.00 17.52 ? 183 TYR A CB  1 
ATOM   1343 C  CG  . TYR A 1 189 ? -1.502  -2.553  4.293   1.00 17.90 ? 183 TYR A CG  1 
ATOM   1344 C  CD1 . TYR A 1 189 ? -2.476  -3.535  4.357   1.00 17.60 ? 183 TYR A CD1 1 
ATOM   1345 C  CD2 . TYR A 1 189 ? -1.656  -1.540  3.348   1.00 17.91 ? 183 TYR A CD2 1 
ATOM   1346 C  CE1 . TYR A 1 189 ? -3.561  -3.531  3.506   1.00 17.94 ? 183 TYR A CE1 1 
ATOM   1347 C  CE2 . TYR A 1 189 ? -2.752  -1.526  2.485   1.00 18.13 ? 183 TYR A CE2 1 
ATOM   1348 C  CZ  . TYR A 1 189 ? -3.701  -2.528  2.572   1.00 18.19 ? 183 TYR A CZ  1 
ATOM   1349 O  OH  . TYR A 1 189 ? -4.808  -2.547  1.744   1.00 17.95 ? 183 TYR A OH  1 
ATOM   1350 N  N   . LYS A 1 190 ? 2.416   -2.947  6.583   1.00 19.35 ? 184 LYS A N   1 
ATOM   1351 C  CA  . LYS A 1 190 ? 3.626   -2.443  7.223   1.00 20.15 ? 184 LYS A CA  1 
ATOM   1352 C  C   . LYS A 1 190 ? 4.900   -2.997  6.580   1.00 20.12 ? 184 LYS A C   1 
ATOM   1353 O  O   . LYS A 1 190 ? 5.913   -2.300  6.521   1.00 19.68 ? 184 LYS A O   1 
ATOM   1354 C  CB  . LYS A 1 190 ? 3.621   -2.774  8.712   1.00 21.27 ? 184 LYS A CB  1 
ATOM   1355 C  CG  . LYS A 1 190 ? 2.667   -1.921  9.532   1.00 22.54 ? 184 LYS A CG  1 
ATOM   1356 C  CD  . LYS A 1 190 ? 2.737   -2.324  10.991  1.00 24.57 ? 184 LYS A CD  1 
ATOM   1357 C  CE  . LYS A 1 190 ? 1.880   -1.441  11.876  1.00 25.97 ? 184 LYS A CE  1 
ATOM   1358 N  NZ  . LYS A 1 190 ? 1.659   -2.061  13.213  1.00 27.71 ? 184 LYS A NZ  1 
ATOM   1359 N  N   . ALA A 1 191 ? 4.849   -4.241  6.102   1.00 19.50 ? 185 ALA A N   1 
ATOM   1360 C  CA  . ALA A 1 191 ? 6.022   -4.875  5.511   1.00 19.28 ? 185 ALA A CA  1 
ATOM   1361 C  C   . ALA A 1 191 ? 6.347   -4.235  4.171   1.00 19.70 ? 185 ALA A C   1 
ATOM   1362 O  O   . ALA A 1 191 ? 7.512   -3.970  3.860   1.00 20.22 ? 185 ALA A O   1 
ATOM   1363 C  CB  . ALA A 1 191 ? 5.801   -6.374  5.347   1.00 18.86 ? 185 ALA A CB  1 
ATOM   1364 N  N   . VAL A 1 192 ? 5.307   -3.986  3.383   1.00 19.88 ? 186 VAL A N   1 
ATOM   1365 C  CA  . VAL A 1 192 ? 5.450   -3.288  2.112   1.00 20.18 ? 186 VAL A CA  1 
ATOM   1366 C  C   . VAL A 1 192 ? 6.043   -1.898  2.353   1.00 21.02 ? 186 VAL A C   1 
ATOM   1367 O  O   . VAL A 1 192 ? 6.902   -1.435  1.596   1.00 21.36 ? 186 VAL A O   1 
ATOM   1368 C  CB  . VAL A 1 192 ? 4.086   -3.165  1.391   1.00 20.72 ? 186 VAL A CB  1 
ATOM   1369 C  CG1 . VAL A 1 192 ? 4.206   -2.313  0.126   1.00 20.16 ? 186 VAL A CG1 1 
ATOM   1370 C  CG2 . VAL A 1 192 ? 3.522   -4.546  1.062   1.00 20.28 ? 186 VAL A CG2 1 
ATOM   1371 N  N   . ALA A 1 193 ? 5.595   -1.259  3.431   1.00 21.61 ? 187 ALA A N   1 
ATOM   1372 C  CA  . ALA A 1 193 ? 6.012   0.096   3.771   1.00 22.27 ? 187 ALA A CA  1 
ATOM   1373 C  C   . ALA A 1 193 ? 7.509   0.198   4.041   1.00 22.99 ? 187 ALA A C   1 
ATOM   1374 O  O   . ALA A 1 193 ? 8.191   1.041   3.454   1.00 23.94 ? 187 ALA A O   1 
ATOM   1375 C  CB  . ALA A 1 193 ? 5.231   0.595   4.976   1.00 22.08 ? 187 ALA A CB  1 
ATOM   1376 N  N   . ARG A 1 194 ? 8.010   -0.655  4.925   1.00 23.38 ? 188 ARG A N   1 
ATOM   1377 C  CA  . ARG A 1 194 ? 9.433   -0.661  5.259   1.00 24.96 ? 188 ARG A CA  1 
ATOM   1378 C  C   . ARG A 1 194 ? 10.322  -1.165  4.131   1.00 24.04 ? 188 ARG A C   1 
ATOM   1379 O  O   . ARG A 1 194 ? 11.464  -0.733  4.012   1.00 24.03 ? 188 ARG A O   1 
ATOM   1380 C  CB  . ARG A 1 194 ? 9.679   -1.501  6.495   1.00 26.49 ? 188 ARG A CB  1 
ATOM   1381 C  CG  . ARG A 1 194 ? 8.966   -0.945  7.704   1.00 28.37 ? 188 ARG A CG  1 
ATOM   1382 C  CD  . ARG A 1 194 ? 9.608   -1.354  9.006   1.00 29.59 ? 188 ARG A CD  1 
ATOM   1383 N  NE  . ARG A 1 194 ? 9.240   -0.366  10.010  1.00 32.88 ? 188 ARG A NE  1 
ATOM   1384 C  CZ  . ARG A 1 194 ? 9.947   0.721   10.316  1.00 33.73 ? 188 ARG A CZ  1 
ATOM   1385 N  NH1 . ARG A 1 194 ? 11.113  0.967   9.724   1.00 34.58 ? 188 ARG A NH1 1 
ATOM   1386 N  NH2 . ARG A 1 194 ? 9.489   1.558   11.235  1.00 33.56 ? 188 ARG A NH2 1 
ATOM   1387 N  N   . ALA A 1 195 ? 9.803   -2.086  3.320   1.00 23.58 ? 189 ALA A N   1 
ATOM   1388 C  CA  . ALA A 1 195 ? 10.502  -2.542  2.120   1.00 23.13 ? 189 ALA A CA  1 
ATOM   1389 C  C   . ALA A 1 195 ? 10.670  -1.356  1.184   1.00 23.08 ? 189 ALA A C   1 
ATOM   1390 O  O   . ALA A 1 195 ? 11.770  -1.079  0.703   1.00 22.47 ? 189 ALA A O   1 
ATOM   1391 C  CB  . ALA A 1 195 ? 9.722   -3.653  1.432   1.00 23.28 ? 189 ALA A CB  1 
ATOM   1392 N  N   . LEU A 1 196 ? 9.563   -0.656  0.948   1.00 23.86 ? 190 LEU A N   1 
ATOM   1393 C  CA  . LEU A 1 196 ? 9.580   0.580   0.177   1.00 25.11 ? 190 LEU A CA  1 
ATOM   1394 C  C   . LEU A 1 196 ? 10.584  1.564   0.739   1.00 25.70 ? 190 LEU A C   1 
ATOM   1395 O  O   . LEU A 1 196 ? 11.412  2.089   0.002   1.00 25.56 ? 190 LEU A O   1 
ATOM   1396 C  CB  . LEU A 1 196 ? 8.189   1.233   0.163   1.00 25.59 ? 190 LEU A CB  1 
ATOM   1397 C  CG  . LEU A 1 196 ? 7.313   1.065   -1.087  1.00 26.06 ? 190 LEU A CG  1 
ATOM   1398 C  CD1 . LEU A 1 196 ? 7.642   -0.177  -1.900  1.00 26.43 ? 190 LEU A CD1 1 
ATOM   1399 C  CD2 . LEU A 1 196 ? 5.841   1.090   -0.696  1.00 25.97 ? 190 LEU A CD2 1 
ATOM   1400 N  N   . ARG A 1 197 ? 10.508  1.809   2.044   1.00 26.39 ? 191 ARG A N   1 
ATOM   1401 C  CA  . ARG A 1 197 ? 11.349  2.816   2.668   1.00 27.96 ? 191 ARG A CA  1 
ATOM   1402 C  C   . ARG A 1 197 ? 12.814  2.555   2.421   1.00 27.95 ? 191 ARG A C   1 
ATOM   1403 O  O   . ARG A 1 197 ? 13.569  3.485   2.159   1.00 30.80 ? 191 ARG A O   1 
ATOM   1404 C  CB  . ARG A 1 197 ? 11.119  2.871   4.165   1.00 29.76 ? 191 ARG A CB  1 
ATOM   1405 C  CG  . ARG A 1 197 ? 12.109  3.784   4.849   1.00 31.29 ? 191 ARG A CG  1 
ATOM   1406 C  CD  . ARG A 1 197 ? 11.930  3.805   6.343   1.00 33.52 ? 191 ARG A CD  1 
ATOM   1407 N  NE  . ARG A 1 197 ? 13.120  4.385   6.943   1.00 35.96 ? 191 ARG A NE  1 
ATOM   1408 C  CZ  . ARG A 1 197 ? 13.221  4.784   8.203   1.00 37.51 ? 191 ARG A CZ  1 
ATOM   1409 N  NH1 . ARG A 1 197 ? 12.191  4.678   9.045   1.00 36.94 ? 191 ARG A NH1 1 
ATOM   1410 N  NH2 . ARG A 1 197 ? 14.376  5.298   8.609   1.00 38.44 ? 191 ARG A NH2 1 
ATOM   1411 N  N   . GLN A 1 198 ? 13.207  1.292   2.531   1.00 27.15 ? 192 GLN A N   1 
ATOM   1412 C  CA  . GLN A 1 198 ? 14.576  0.875   2.305   1.00 26.56 ? 192 GLN A CA  1 
ATOM   1413 C  C   . GLN A 1 198 ? 15.016  1.056   0.859   1.00 26.64 ? 192 GLN A C   1 
ATOM   1414 O  O   . GLN A 1 198 ? 16.084  1.599   0.595   1.00 27.04 ? 192 GLN A O   1 
ATOM   1415 C  CB  . GLN A 1 198 ? 14.733  -0.597  2.682   1.00 26.37 ? 192 GLN A CB  1 
ATOM   1416 C  CG  . GLN A 1 198 ? 16.083  -1.167  2.301   1.00 26.28 ? 192 GLN A CG  1 
ATOM   1417 C  CD  . GLN A 1 198 ? 16.370  -2.474  2.990   1.00 25.71 ? 192 GLN A CD  1 
ATOM   1418 O  OE1 . GLN A 1 198 ? 15.805  -3.509  2.647   1.00 24.98 ? 192 GLN A OE1 1 
ATOM   1419 N  NE2 . GLN A 1 198 ? 17.255  -2.435  3.967   1.00 25.43 ? 192 GLN A NE2 1 
ATOM   1420 N  N   . ALA A 1 199 ? 14.195  0.565   -0.064  1.00 27.09 ? 193 ALA A N   1 
ATOM   1421 C  CA  . ALA A 1 199 ? 14.510  0.571   -1.494  1.00 27.46 ? 193 ALA A CA  1 
ATOM   1422 C  C   . ALA A 1 199 ? 14.588  1.989   -2.088  1.00 28.94 ? 193 ALA A C   1 
ATOM   1423 O  O   . ALA A 1 199 ? 15.386  2.264   -2.989  1.00 27.16 ? 193 ALA A O   1 
ATOM   1424 C  CB  . ALA A 1 199 ? 13.466  -0.243  -2.240  1.00 27.59 ? 193 ALA A CB  1 
ATOM   1425 N  N   . VAL A 1 200 ? 13.733  2.866   -1.569  1.00 30.32 ? 194 VAL A N   1 
ATOM   1426 C  CA  . VAL A 1 200 ? 13.618  4.257   -2.019  1.00 32.16 ? 194 VAL A CA  1 
ATOM   1427 C  C   . VAL A 1 200 ? 14.804  5.139   -1.580  1.00 33.74 ? 194 VAL A C   1 
ATOM   1428 O  O   . VAL A 1 200 ? 15.075  6.168   -2.202  1.00 34.43 ? 194 VAL A O   1 
ATOM   1429 C  CB  . VAL A 1 200 ? 12.246  4.835   -1.545  1.00 32.21 ? 194 VAL A CB  1 
ATOM   1430 C  CG1 . VAL A 1 200 ? 12.372  6.122   -0.747  1.00 32.85 ? 194 VAL A CG1 1 
ATOM   1431 C  CG2 . VAL A 1 200 ? 11.309  5.003   -2.720  1.00 32.33 ? 194 VAL A CG2 1 
ATOM   1432 N  N   . GLU A 1 201 ? 15.511  4.729   -0.525  1.00 35.46 ? 195 GLU A N   1 
ATOM   1433 C  CA  . GLU A 1 201 ? 16.591  5.540   0.051   1.00 37.19 ? 195 GLU A CA  1 
ATOM   1434 C  C   . GLU A 1 201 ? 17.795  5.706   -0.891  1.00 37.69 ? 195 GLU A C   1 
ATOM   1435 O  O   . GLU A 1 201 ? 18.085  4.819   -1.694  1.00 36.35 ? 195 GLU A O   1 
ATOM   1436 C  CB  . GLU A 1 201 ? 17.031  4.977   1.417   1.00 38.26 ? 195 GLU A CB  1 
ATOM   1437 C  CG  . GLU A 1 201 ? 16.134  5.462   2.561   1.00 39.24 ? 195 GLU A CG  1 
ATOM   1438 C  CD  . GLU A 1 201 ? 16.284  4.694   3.873   1.00 38.93 ? 195 GLU A CD  1 
ATOM   1439 O  OE1 . GLU A 1 201 ? 17.031  3.688   3.918   1.00 38.29 ? 195 GLU A OE1 1 
ATOM   1440 O  OE2 . GLU A 1 201 ? 15.638  5.114   4.867   1.00 37.60 ? 195 GLU A OE2 1 
ATOM   1441 N  N   . PRO A 1 202 ? 18.482  6.865   -0.811  1.00 40.23 ? 196 PRO A N   1 
ATOM   1442 C  CA  . PRO A 1 202 ? 19.674  7.082   -1.627  1.00 41.09 ? 196 PRO A CA  1 
ATOM   1443 C  C   . PRO A 1 202 ? 20.782  6.100   -1.270  1.00 41.66 ? 196 PRO A C   1 
ATOM   1444 O  O   . PRO A 1 202 ? 21.060  5.883   -0.091  1.00 43.11 ? 196 PRO A O   1 
ATOM   1445 C  CB  . PRO A 1 202 ? 20.099  8.513   -1.266  1.00 41.63 ? 196 PRO A CB  1 
ATOM   1446 C  CG  . PRO A 1 202 ? 18.888  9.152   -0.676  1.00 41.91 ? 196 PRO A CG  1 
ATOM   1447 C  CD  . PRO A 1 202 ? 18.181  8.039   0.031   1.00 41.58 ? 196 PRO A CD  1 
ATOM   1448 N  N   . ASP A 1 203 ? 21.396  5.513   -2.290  1.00 43.10 ? 197 ASP A N   1 
ATOM   1449 C  CA  . ASP A 1 203 ? 22.442  4.523   -2.107  1.00 44.47 ? 197 ASP A CA  1 
ATOM   1450 C  C   . ASP A 1 203 ? 23.785  5.216   -2.234  1.00 47.20 ? 197 ASP A C   1 
ATOM   1451 O  O   . ASP A 1 203 ? 24.124  5.711   -3.309  1.00 48.75 ? 197 ASP A O   1 
ATOM   1452 C  CB  . ASP A 1 203 ? 22.316  3.434   -3.170  1.00 44.82 ? 197 ASP A CB  1 
ATOM   1453 C  CG  . ASP A 1 203 ? 23.201  2.241   -2.894  1.00 44.67 ? 197 ASP A CG  1 
ATOM   1454 O  OD1 . ASP A 1 203 ? 24.341  2.419   -2.414  1.00 43.94 ? 197 ASP A OD1 1 
ATOM   1455 O  OD2 . ASP A 1 203 ? 22.755  1.110   -3.160  1.00 45.50 ? 197 ASP A OD2 1 
ATOM   1456 N  N   . PRO A 1 204 ? 24.571  5.236   -1.144  1.00 50.66 ? 198 PRO A N   1 
ATOM   1457 C  CA  . PRO A 1 204 ? 25.832  5.988   -1.132  1.00 51.89 ? 198 PRO A CA  1 
ATOM   1458 C  C   . PRO A 1 204 ? 26.973  5.436   -2.019  1.00 53.30 ? 198 PRO A C   1 
ATOM   1459 O  O   . PRO A 1 204 ? 28.077  5.984   -1.991  1.00 51.25 ? 198 PRO A O   1 
ATOM   1460 C  CB  . PRO A 1 204 ? 26.240  5.962   0.351   1.00 52.87 ? 198 PRO A CB  1 
ATOM   1461 C  CG  . PRO A 1 204 ? 25.568  4.761   0.924   1.00 52.16 ? 198 PRO A CG  1 
ATOM   1462 C  CD  . PRO A 1 204 ? 24.303  4.567   0.145   1.00 51.38 ? 198 PRO A CD  1 
ATOM   1463 N  N   . ARG A 1 205 ? 26.714  4.385   -2.799  1.00 55.74 ? 199 ARG A N   1 
ATOM   1464 C  CA  . ARG A 1 205 ? 27.747  3.768   -3.636  1.00 55.57 ? 199 ARG A CA  1 
ATOM   1465 C  C   . ARG A 1 205 ? 27.453  3.781   -5.139  1.00 58.74 ? 199 ARG A C   1 
ATOM   1466 O  O   . ARG A 1 205 ? 28.389  3.853   -5.937  1.00 59.52 ? 199 ARG A O   1 
ATOM   1467 C  CB  . ARG A 1 205 ? 28.014  2.332   -3.165  1.00 53.28 ? 199 ARG A CB  1 
ATOM   1468 C  CG  . ARG A 1 205 ? 28.573  2.267   -1.754  1.00 52.05 ? 199 ARG A CG  1 
ATOM   1469 C  CD  . ARG A 1 205 ? 28.965  0.862   -1.342  1.00 51.05 ? 199 ARG A CD  1 
ATOM   1470 N  NE  . ARG A 1 205 ? 30.176  0.395   -2.017  1.00 51.30 ? 199 ARG A NE  1 
ATOM   1471 C  CZ  . ARG A 1 205 ? 30.754  -0.789  -1.805  1.00 51.12 ? 199 ARG A CZ  1 
ATOM   1472 N  NH1 . ARG A 1 205 ? 30.237  -1.652  -0.921  1.00 51.52 ? 199 ARG A NH1 1 
ATOM   1473 N  NH2 . ARG A 1 205 ? 31.855  -1.117  -2.479  1.00 49.39 ? 199 ARG A NH2 1 
ATOM   1474 N  N   . VAL A 1 206 ? 26.179  3.717   -5.532  1.00 62.11 ? 200 VAL A N   1 
ATOM   1475 C  CA  . VAL A 1 206 ? 25.814  3.620   -6.966  1.00 64.10 ? 200 VAL A CA  1 
ATOM   1476 C  C   . VAL A 1 206 ? 25.787  4.976   -7.687  1.00 63.28 ? 200 VAL A C   1 
ATOM   1477 O  O   . VAL A 1 206 ? 25.799  6.032   -7.058  1.00 60.82 ? 200 VAL A O   1 
ATOM   1478 C  CB  . VAL A 1 206 ? 24.456  2.899   -7.184  1.00 64.29 ? 200 VAL A CB  1 
ATOM   1479 C  CG1 . VAL A 1 206 ? 24.462  1.528   -6.515  1.00 63.96 ? 200 VAL A CG1 1 
ATOM   1480 C  CG2 . VAL A 1 206 ? 23.285  3.750   -6.698  1.00 64.81 ? 200 VAL A CG2 1 
HETATM 1481 O  OP4 . IYP B 2 .   ? 1.951   0.845   17.172  1.00 60.24 ? 301 IYP A OP4 1 
HETATM 1482 P  P   . IYP B 2 .   ? 1.633   -0.171  16.100  1.00 59.37 ? 301 IYP A P   1 
HETATM 1483 O  OP5 . IYP B 2 .   ? 2.333   0.101   14.778  1.00 53.01 ? 301 IYP A OP5 1 
HETATM 1484 O  OP6 . IYP B 2 .   ? 1.655   -1.605  16.576  1.00 56.75 ? 301 IYP A OP6 1 
HETATM 1485 O  OP1 . IYP B 2 .   ? 0.062   0.043   15.793  1.00 57.91 ? 301 IYP A OP1 1 
HETATM 1486 C  C1  . IYP B 2 .   ? -0.898  0.160   16.843  1.00 53.60 ? 301 IYP A C1  1 
HETATM 1487 C  C2  . IYP B 2 .   ? -1.495  -1.203  17.172  1.00 50.67 ? 301 IYP A C2  1 
HETATM 1488 O  O2  . IYP B 2 .   ? -1.849  -1.200  18.559  1.00 52.28 ? 301 IYP A O2  1 
HETATM 1489 C  C3  . IYP B 2 .   ? -2.745  -1.492  16.337  1.00 47.12 ? 301 IYP A C3  1 
HETATM 1490 O  O3  . IYP B 2 .   ? -2.528  -1.056  14.983  1.00 43.16 ? 301 IYP A O3  1 
HETATM 1491 C  C4  . IYP B 2 .   ? -3.178  -2.925  16.307  1.00 44.27 ? 301 IYP A C4  1 
HETATM 1492 N  N2  . IYP B 2 .   ? -4.026  -3.551  15.467  1.00 42.49 ? 301 IYP A N2  1 
HETATM 1493 C  C6  . IYP B 2 .   ? -4.102  -4.838  15.866  1.00 41.79 ? 301 IYP A C6  1 
HETATM 1494 N  N1  . IYP B 2 .   ? -3.305  -5.015  16.948  1.00 41.61 ? 301 IYP A N1  1 
HETATM 1495 C  C5  . IYP B 2 .   ? -2.719  -3.833  17.254  1.00 43.38 ? 301 IYP A C5  1 
HETATM 1496 MN MN  . MN  C 3 .   ? -11.379 -4.880  -9.025  1.00 22.00 ? 302 MN  A MN  1 
HETATM 1497 MN MN  . MN  D 3 .   ? -4.486  -2.136  13.912  1.00 24.16 ? 303 MN  A MN  1 
HETATM 1498 MN MN  . MN  E 3 .   ? 12.459  -16.264 4.687   0.33 41.67 ? 304 MN  A MN  1 
HETATM 1499 O  O   . HOH F 4 .   ? -17.394 -0.957  -5.021  1.00 20.48 ? 401 HOH A O   1 
HETATM 1500 O  O   . HOH F 4 .   ? 0.204   -13.831 -6.183  1.00 24.78 ? 402 HOH A O   1 
HETATM 1501 O  O   . HOH F 4 .   ? -13.029 -11.143 2.289   1.00 18.59 ? 403 HOH A O   1 
HETATM 1502 O  O   . HOH F 4 .   ? -6.232  -10.894 0.118   1.00 22.76 ? 404 HOH A O   1 
HETATM 1503 O  O   . HOH F 4 .   ? 8.768   -1.649  -14.558 1.00 39.79 ? 405 HOH A O   1 
HETATM 1504 O  O   . HOH F 4 .   ? 8.867   -18.423 14.201  1.00 19.03 ? 406 HOH A O   1 
HETATM 1505 O  O   . HOH F 4 .   ? -18.388 -2.436  9.030   1.00 22.73 ? 407 HOH A O   1 
HETATM 1506 O  O   . HOH F 4 .   ? -16.400 1.953   -3.384  1.00 20.80 ? 408 HOH A O   1 
HETATM 1507 O  O   . HOH F 4 .   ? -0.540  -19.449 9.218   1.00 24.63 ? 409 HOH A O   1 
HETATM 1508 O  O   . HOH F 4 .   ? -16.441 -0.033  9.847   1.00 21.68 ? 410 HOH A O   1 
HETATM 1509 O  O   . HOH F 4 .   ? -16.680 -3.251  1.699   1.00 21.35 ? 411 HOH A O   1 
HETATM 1510 O  O   . HOH F 4 .   ? -15.644 6.642   -0.321  1.00 25.79 ? 412 HOH A O   1 
HETATM 1511 O  O   . HOH F 4 .   ? -1.334  -14.840 -0.185  1.00 31.61 ? 413 HOH A O   1 
HETATM 1512 O  O   . HOH F 4 .   ? 31.179  -4.152  -1.822  1.00 32.61 ? 414 HOH A O   1 
HETATM 1513 O  O   . HOH F 4 .   ? -4.292  -19.124 10.197  1.00 27.41 ? 415 HOH A O   1 
HETATM 1514 O  O   . HOH F 4 .   ? -13.288 -0.429  7.042   1.00 15.08 ? 416 HOH A O   1 
HETATM 1515 O  O   . HOH F 4 .   ? -6.398  -15.274 1.369   1.00 21.17 ? 417 HOH A O   1 
HETATM 1516 O  O   . HOH F 4 .   ? -5.165  -14.636 17.041  1.00 13.85 ? 418 HOH A O   1 
HETATM 1517 O  O   . HOH F 4 .   ? -9.435  -9.041  14.956  1.00 18.89 ? 419 HOH A O   1 
HETATM 1518 O  O   . HOH F 4 .   ? 3.574   -20.260 13.661  1.00 27.17 ? 420 HOH A O   1 
HETATM 1519 O  O   . HOH F 4 .   ? -10.411 -8.444  12.559  1.00 19.11 ? 421 HOH A O   1 
HETATM 1520 O  O   . HOH F 4 .   ? -9.114  -9.430  -4.205  1.00 18.11 ? 422 HOH A O   1 
HETATM 1521 O  O   . HOH F 4 .   ? -14.262 -1.883  9.091   1.00 22.74 ? 423 HOH A O   1 
HETATM 1522 O  O   . HOH F 4 .   ? -13.638 -5.354  -1.384  1.00 16.88 ? 424 HOH A O   1 
HETATM 1523 O  O   . HOH F 4 .   ? -13.905 -4.187  1.074   1.00 20.07 ? 425 HOH A O   1 
HETATM 1524 O  O   . HOH F 4 .   ? -17.842 6.053   4.127   1.00 23.19 ? 426 HOH A O   1 
HETATM 1525 O  O   . HOH F 4 .   ? -2.192  -19.547 -3.419  1.00 40.93 ? 427 HOH A O   1 
HETATM 1526 O  O   . HOH F 4 .   ? 4.553   -17.870 3.180   1.00 28.43 ? 428 HOH A O   1 
HETATM 1527 O  O   . HOH F 4 .   ? -15.313 -13.854 -0.494  1.00 29.91 ? 429 HOH A O   1 
HETATM 1528 O  O   . HOH F 4 .   ? 1.940   -17.916 14.954  1.00 21.89 ? 430 HOH A O   1 
HETATM 1529 O  O   . HOH F 4 .   ? 8.127   15.615  6.861   1.00 26.99 ? 431 HOH A O   1 
HETATM 1530 O  O   . HOH F 4 .   ? -0.377  -9.185  22.098  1.00 28.41 ? 432 HOH A O   1 
HETATM 1531 O  O   . HOH F 4 .   ? -8.982  4.836   10.327  1.00 22.38 ? 433 HOH A O   1 
HETATM 1532 O  O   . HOH F 4 .   ? 2.072   -9.537  -11.584 1.00 29.63 ? 434 HOH A O   1 
HETATM 1533 O  O   . HOH F 4 .   ? 3.463   -16.146 -9.720  1.00 23.19 ? 435 HOH A O   1 
HETATM 1534 O  O   . HOH F 4 .   ? -12.506 -9.668  11.287  1.00 17.19 ? 436 HOH A O   1 
HETATM 1535 O  O   . HOH F 4 .   ? -2.395  -17.585 17.751  1.00 31.66 ? 437 HOH A O   1 
HETATM 1536 O  O   . HOH F 4 .   ? 6.990   16.358  2.400   1.00 32.63 ? 438 HOH A O   1 
HETATM 1537 O  O   . HOH F 4 .   ? -15.326 -11.571 1.084   1.00 19.24 ? 439 HOH A O   1 
HETATM 1538 O  O   . HOH F 4 .   ? -17.595 -12.035 2.896   1.00 25.04 ? 440 HOH A O   1 
HETATM 1539 O  O   . HOH F 4 .   ? -4.043  -18.122 -4.239  1.00 36.71 ? 441 HOH A O   1 
HETATM 1540 O  O   . HOH F 4 .   ? 21.742  0.056   -5.534  1.00 33.43 ? 442 HOH A O   1 
HETATM 1541 O  O   . HOH F 4 .   ? -10.725 13.591  -3.351  1.00 25.43 ? 443 HOH A O   1 
HETATM 1542 O  O   . HOH F 4 .   ? -4.319  -1.807  -11.995 1.00 33.46 ? 444 HOH A O   1 
HETATM 1543 O  O   . HOH F 4 .   ? 13.157  -0.034  5.722   1.00 30.95 ? 445 HOH A O   1 
HETATM 1544 O  O   . HOH F 4 .   ? 13.027  -5.931  -18.963 1.00 37.25 ? 446 HOH A O   1 
HETATM 1545 O  O   . HOH F 4 .   ? -0.031  -20.354 11.423  1.00 24.20 ? 447 HOH A O   1 
HETATM 1546 O  O   . HOH F 4 .   ? 15.366  1.825   6.106   1.00 36.60 ? 448 HOH A O   1 
HETATM 1547 O  O   . HOH F 4 .   ? -3.208  13.480  -11.811 1.00 28.10 ? 449 HOH A O   1 
HETATM 1548 O  O   . HOH F 4 .   ? 2.676   16.670  4.627   1.00 41.53 ? 450 HOH A O   1 
HETATM 1549 O  O   . HOH F 4 .   ? 8.027   -19.767 8.293   1.00 25.21 ? 451 HOH A O   1 
HETATM 1550 O  O   . HOH F 4 .   ? 10.607  -0.660  -13.047 1.00 28.74 ? 452 HOH A O   1 
HETATM 1551 O  O   . HOH F 4 .   ? 8.453   -11.572 0.349   1.00 35.57 ? 453 HOH A O   1 
HETATM 1552 O  O   . HOH F 4 .   ? -12.802 7.715   5.716   1.00 21.54 ? 454 HOH A O   1 
HETATM 1553 O  O   . HOH F 4 .   ? 18.745  -2.964  0.332   1.00 28.62 ? 455 HOH A O   1 
HETATM 1554 O  O   . HOH F 4 .   ? -10.476 6.678   9.297   1.00 32.21 ? 456 HOH A O   1 
HETATM 1555 O  O   . HOH F 4 .   ? -0.746  -18.590 -1.374  1.00 23.64 ? 457 HOH A O   1 
HETATM 1556 O  O   . HOH F 4 .   ? -13.985 10.284  1.960   1.00 36.15 ? 458 HOH A O   1 
HETATM 1557 O  O   . HOH F 4 .   ? -4.262  9.019   8.285   1.00 24.54 ? 459 HOH A O   1 
HETATM 1558 O  O   . HOH F 4 .   ? -10.399 -4.715  -10.961 1.00 17.68 ? 460 HOH A O   1 
HETATM 1559 O  O   . HOH F 4 .   ? 12.786  -6.683  9.647   1.00 30.78 ? 461 HOH A O   1 
HETATM 1560 O  O   . HOH F 4 .   ? 20.590  3.147   1.182   1.00 39.22 ? 462 HOH A O   1 
HETATM 1561 O  O   . HOH F 4 .   ? -10.723 -19.597 0.183   1.00 34.22 ? 463 HOH A O   1 
HETATM 1562 O  O   . HOH F 4 .   ? -6.590  -2.573  -10.510 1.00 23.10 ? 464 HOH A O   1 
HETATM 1563 O  O   . HOH F 4 .   ? -2.752  -15.188 18.519  1.00 21.77 ? 465 HOH A O   1 
HETATM 1564 O  O   . HOH F 4 .   ? 10.106  -7.772  -11.784 1.00 34.79 ? 466 HOH A O   1 
HETATM 1565 O  O   . HOH F 4 .   ? -5.060  -21.503 4.857   1.00 36.53 ? 467 HOH A O   1 
HETATM 1566 O  O   . HOH F 4 .   ? -21.779 -2.666  11.428  1.00 24.88 ? 468 HOH A O   1 
HETATM 1567 O  O   . HOH F 4 .   ? -25.396 -0.701  9.765   0.25 48.96 ? 469 HOH A O   1 
HETATM 1568 O  O   . HOH F 4 .   ? 3.189   16.560  -3.141  1.00 39.75 ? 470 HOH A O   1 
HETATM 1569 O  O   . HOH F 4 .   ? -2.276  -11.381 21.745  1.00 39.28 ? 471 HOH A O   1 
HETATM 1570 O  O   . HOH F 4 .   ? 11.369  14.645  -2.233  1.00 35.12 ? 472 HOH A O   1 
HETATM 1571 O  O   . HOH F 4 .   ? -24.208 -3.191  9.269   0.25 17.80 ? 473 HOH A O   1 
# 
loop_
_pdbx_poly_seq_scheme.asym_id 
_pdbx_poly_seq_scheme.entity_id 
_pdbx_poly_seq_scheme.seq_id 
_pdbx_poly_seq_scheme.mon_id 
_pdbx_poly_seq_scheme.ndb_seq_num 
_pdbx_poly_seq_scheme.pdb_seq_num 
_pdbx_poly_seq_scheme.auth_seq_num 
_pdbx_poly_seq_scheme.pdb_mon_id 
_pdbx_poly_seq_scheme.auth_mon_id 
_pdbx_poly_seq_scheme.pdb_strand_id 
_pdbx_poly_seq_scheme.pdb_ins_code 
_pdbx_poly_seq_scheme.hetero 
A 1 1   MET 1   -5  ?   ?   ?   A . n 
A 1 2   HIS 2   -4  ?   ?   ?   A . n 
A 1 3   HIS 3   -3  ?   ?   ?   A . n 
A 1 4   HIS 4   -2  ?   ?   ?   A . n 
A 1 5   HIS 5   -1  ?   ?   ?   A . n 
A 1 6   HIS 6   0   ?   ?   ?   A . n 
A 1 7   HIS 7   1   ?   ?   ?   A . n 
A 1 8   THR 8   2   ?   ?   ?   A . n 
A 1 9   THR 9   3   ?   ?   ?   A . n 
A 1 10  THR 10  4   ?   ?   ?   A . n 
A 1 11  GLN 11  5   ?   ?   ?   A . n 
A 1 12  THR 12  6   ?   ?   ?   A . n 
A 1 13  ALA 13  7   ?   ?   ?   A . n 
A 1 14  LYS 14  8   ?   ?   ?   A . n 
A 1 15  ALA 15  9   ?   ?   ?   A . n 
A 1 16  SER 16  10  10  SER SER A . n 
A 1 17  ARG 17  11  11  ARG ARG A . n 
A 1 18  ARG 18  12  12  ARG ARG A . n 
A 1 19  ALA 19  13  13  ALA ALA A . n 
A 1 20  ARG 20  14  14  ARG ARG A . n 
A 1 21  ILE 21  15  15  ILE ILE A . n 
A 1 22  GLU 22  16  16  GLU GLU A . n 
A 1 23  ARG 23  17  17  ARG ARG A . n 
A 1 24  ARG 24  18  18  ARG ARG A . n 
A 1 25  THR 25  19  19  THR THR A . n 
A 1 26  ARG 26  20  20  ARG ARG A . n 
A 1 27  GLU 27  21  21  GLU GLU A . n 
A 1 28  SER 28  22  22  SER SER A . n 
A 1 29  ASP 29  23  23  ASP ASP A . n 
A 1 30  ILE 30  24  24  ILE ILE A . n 
A 1 31  VAL 31  25  25  VAL VAL A . n 
A 1 32  ILE 32  26  26  ILE ILE A . n 
A 1 33  GLU 33  27  27  GLU GLU A . n 
A 1 34  LEU 34  28  28  LEU LEU A . n 
A 1 35  ASP 35  29  29  ASP ASP A . n 
A 1 36  LEU 36  30  30  LEU LEU A . n 
A 1 37  ASP 37  31  31  ASP ASP A . n 
A 1 38  GLY 38  32  32  GLY GLY A . n 
A 1 39  THR 39  33  33  THR THR A . n 
A 1 40  GLY 40  34  34  GLY GLY A . n 
A 1 41  GLN 41  35  35  GLN GLN A . n 
A 1 42  VAL 42  36  36  VAL VAL A . n 
A 1 43  ALA 43  37  37  ALA ALA A . n 
A 1 44  VAL 44  38  38  VAL VAL A . n 
A 1 45  ASP 45  39  39  ASP ASP A . n 
A 1 46  THR 46  40  40  THR THR A . n 
A 1 47  GLY 47  41  41  GLY GLY A . n 
A 1 48  VAL 48  42  42  VAL VAL A . n 
A 1 49  PRO 49  43  43  PRO PRO A . n 
A 1 50  PHE 50  44  44  PHE PHE A . n 
A 1 51  TYR 51  45  45  TYR TYR A . n 
A 1 52  ASP 52  46  46  ASP ASP A . n 
A 1 53  HIS 53  47  47  HIS HIS A . n 
A 1 54  MET 54  48  48  MET MET A . n 
A 1 55  LEU 55  49  49  LEU LEU A . n 
A 1 56  THR 56  50  50  THR THR A . n 
A 1 57  ALA 57  51  51  ALA ALA A . n 
A 1 58  LEU 58  52  52  LEU LEU A . n 
A 1 59  GLY 59  53  53  GLY GLY A . n 
A 1 60  SER 60  54  54  SER SER A . n 
A 1 61  HIS 61  55  55  HIS HIS A . n 
A 1 62  ALA 62  56  56  ALA ALA A . n 
A 1 63  SER 63  57  57  SER SER A . n 
A 1 64  PHE 64  58  58  PHE PHE A . n 
A 1 65  ASP 65  59  59  ASP ASP A . n 
A 1 66  LEU 66  60  60  LEU LEU A . n 
A 1 67  THR 67  61  61  THR THR A . n 
A 1 68  VAL 68  62  62  VAL VAL A . n 
A 1 69  ARG 69  63  63  ARG ARG A . n 
A 1 70  ALA 70  64  64  ALA ALA A . n 
A 1 71  THR 71  65  65  THR THR A . n 
A 1 72  GLY 72  66  66  GLY GLY A . n 
A 1 73  ASP 73  67  67  ASP ASP A . n 
A 1 74  VAL 74  68  68  VAL VAL A . n 
A 1 75  GLU 75  69  69  GLU GLU A . n 
A 1 76  ILE 76  70  70  ILE ILE A . n 
A 1 77  GLU 77  71  71  GLU GLU A . n 
A 1 78  ALA 78  72  72  ALA ALA A . n 
A 1 79  HIS 79  73  73  HIS HIS A . n 
A 1 80  HIS 80  74  74  HIS HIS A . n 
A 1 81  THR 81  75  75  THR THR A . n 
A 1 82  ILE 82  76  76  ILE ILE A . n 
A 1 83  GLU 83  77  77  GLU GLU A . n 
A 1 84  ASP 84  78  78  ASP ASP A . n 
A 1 85  THR 85  79  79  THR THR A . n 
A 1 86  ALA 86  80  80  ALA ALA A . n 
A 1 87  ILE 87  81  81  ILE ILE A . n 
A 1 88  ALA 88  82  82  ALA ALA A . n 
A 1 89  LEU 89  83  83  LEU LEU A . n 
A 1 90  GLY 90  84  84  GLY GLY A . n 
A 1 91  THR 91  85  85  THR THR A . n 
A 1 92  ALA 92  86  86  ALA ALA A . n 
A 1 93  LEU 93  87  87  LEU LEU A . n 
A 1 94  GLY 94  88  88  GLY GLY A . n 
A 1 95  GLN 95  89  89  GLN GLN A . n 
A 1 96  ALA 96  90  90  ALA ALA A . n 
A 1 97  LEU 97  91  91  LEU LEU A . n 
A 1 98  GLY 98  92  92  GLY GLY A . n 
A 1 99  ASP 99  93  93  ASP ASP A . n 
A 1 100 LYS 100 94  94  LYS LYS A . n 
A 1 101 ARG 101 95  95  ARG ARG A . n 
A 1 102 GLY 102 96  96  GLY GLY A . n 
A 1 103 ILE 103 97  97  ILE ILE A . n 
A 1 104 ARG 104 98  98  ARG ARG A . n 
A 1 105 ARG 105 99  99  ARG ARG A . n 
A 1 106 PHE 106 100 100 PHE PHE A . n 
A 1 107 GLY 107 101 101 GLY GLY A . n 
A 1 108 ASP 108 102 102 ASP ASP A . n 
A 1 109 ALA 109 103 103 ALA ALA A . n 
A 1 110 PHE 110 104 104 PHE PHE A . n 
A 1 111 ILE 111 105 105 ILE ILE A . n 
A 1 112 PRO 112 106 106 PRO PRO A . n 
A 1 113 MET 113 107 107 MET MET A . n 
A 1 114 ASP 114 108 108 ASP ASP A . n 
A 1 115 GLU 115 109 109 GLU GLU A . n 
A 1 116 THR 116 110 110 THR THR A . n 
A 1 117 LEU 117 111 111 LEU LEU A . n 
A 1 118 ALA 118 112 112 ALA ALA A . n 
A 1 119 HIS 119 113 113 HIS HIS A . n 
A 1 120 ALA 120 114 114 ALA ALA A . n 
A 1 121 ALA 121 115 115 ALA ALA A . n 
A 1 122 VAL 122 116 116 VAL VAL A . n 
A 1 123 ASP 123 117 117 ASP ASP A . n 
A 1 124 LEU 124 118 118 LEU LEU A . n 
A 1 125 SER 125 119 119 SER SER A . n 
A 1 126 GLY 126 120 120 GLY GLY A . n 
A 1 127 ARG 127 121 121 ARG ARG A . n 
A 1 128 PRO 128 122 122 PRO PRO A . n 
A 1 129 TYR 129 123 123 TYR TYR A . n 
A 1 130 CYS 130 124 124 CYS CYS A . n 
A 1 131 VAL 131 125 125 VAL VAL A . n 
A 1 132 HIS 132 126 126 HIS HIS A . n 
A 1 133 THR 133 127 127 THR THR A . n 
A 1 134 GLY 134 128 128 GLY GLY A . n 
A 1 135 GLU 135 129 129 GLU GLU A . n 
A 1 136 PRO 136 130 130 PRO PRO A . n 
A 1 137 ASP 137 131 131 ASP ASP A . n 
A 1 138 HIS 138 132 132 HIS HIS A . n 
A 1 139 LEU 139 133 133 LEU LEU A . n 
A 1 140 GLN 140 134 134 GLN GLN A . n 
A 1 141 HIS 141 135 135 HIS HIS A . n 
A 1 142 THR 142 136 136 THR THR A . n 
A 1 143 THR 143 137 137 THR THR A . n 
A 1 144 ILE 144 138 138 ILE ILE A . n 
A 1 145 ALA 145 139 139 ALA ALA A . n 
A 1 146 GLY 146 140 140 GLY GLY A . n 
A 1 147 SER 147 141 141 SER SER A . n 
A 1 148 SER 148 142 142 SER SER A . n 
A 1 149 VAL 149 143 143 VAL VAL A . n 
A 1 150 PRO 150 144 144 PRO PRO A . n 
A 1 151 TYR 151 145 145 TYR TYR A . n 
A 1 152 HIS 152 146 146 HIS HIS A . n 
A 1 153 THR 153 147 147 THR THR A . n 
A 1 154 VAL 154 148 148 VAL VAL A . n 
A 1 155 ILE 155 149 149 ILE ILE A . n 
A 1 156 ASN 156 150 150 ASN ASN A . n 
A 1 157 ARG 157 151 151 ARG ARG A . n 
A 1 158 HIS 158 152 152 HIS HIS A . n 
A 1 159 VAL 159 153 153 VAL VAL A . n 
A 1 160 PHE 160 154 154 PHE PHE A . n 
A 1 161 GLU 161 155 155 GLU GLU A . n 
A 1 162 SER 162 156 156 SER SER A . n 
A 1 163 LEU 163 157 157 LEU LEU A . n 
A 1 164 ALA 164 158 158 ALA ALA A . n 
A 1 165 ALA 165 159 159 ALA ALA A . n 
A 1 166 ASN 166 160 160 ASN ASN A . n 
A 1 167 ALA 167 161 161 ALA ALA A . n 
A 1 168 ARG 168 162 162 ARG ARG A . n 
A 1 169 ILE 169 163 163 ILE ILE A . n 
A 1 170 ALA 170 164 164 ALA ALA A . n 
A 1 171 LEU 171 165 165 LEU LEU A . n 
A 1 172 HIS 172 166 166 HIS HIS A . n 
A 1 173 VAL 173 167 167 VAL VAL A . n 
A 1 174 ARG 174 168 168 ARG ARG A . n 
A 1 175 VAL 175 169 169 VAL VAL A . n 
A 1 176 LEU 176 170 170 LEU LEU A . n 
A 1 177 TYR 177 171 171 TYR TYR A . n 
A 1 178 GLY 178 172 172 GLY GLY A . n 
A 1 179 ARG 179 173 173 ARG ARG A . n 
A 1 180 ASP 180 174 174 ASP ASP A . n 
A 1 181 PRO 181 175 175 PRO PRO A . n 
A 1 182 HIS 182 176 176 HIS HIS A . n 
A 1 183 HIS 183 177 177 HIS HIS A . n 
A 1 184 ILE 184 178 178 ILE ILE A . n 
A 1 185 THR 185 179 179 THR THR A . n 
A 1 186 GLU 186 180 180 GLU GLU A . n 
A 1 187 ALA 187 181 181 ALA ALA A . n 
A 1 188 GLN 188 182 182 GLN GLN A . n 
A 1 189 TYR 189 183 183 TYR TYR A . n 
A 1 190 LYS 190 184 184 LYS LYS A . n 
A 1 191 ALA 191 185 185 ALA ALA A . n 
A 1 192 VAL 192 186 186 VAL VAL A . n 
A 1 193 ALA 193 187 187 ALA ALA A . n 
A 1 194 ARG 194 188 188 ARG ARG A . n 
A 1 195 ALA 195 189 189 ALA ALA A . n 
A 1 196 LEU 196 190 190 LEU LEU A . n 
A 1 197 ARG 197 191 191 ARG ARG A . n 
A 1 198 GLN 198 192 192 GLN GLN A . n 
A 1 199 ALA 199 193 193 ALA ALA A . n 
A 1 200 VAL 200 194 194 VAL VAL A . n 
A 1 201 GLU 201 195 195 GLU GLU A . n 
A 1 202 PRO 202 196 196 PRO PRO A . n 
A 1 203 ASP 203 197 197 ASP ASP A . n 
A 1 204 PRO 204 198 198 PRO PRO A . n 
A 1 205 ARG 205 199 199 ARG ARG A . n 
A 1 206 VAL 206 200 200 VAL VAL A . n 
A 1 207 SER 207 201 ?   ?   ?   A . n 
A 1 208 GLY 208 202 ?   ?   ?   A . n 
A 1 209 VAL 209 203 ?   ?   ?   A . n 
A 1 210 PRO 210 204 ?   ?   ?   A . n 
A 1 211 SER 211 205 ?   ?   ?   A . n 
A 1 212 THR 212 206 ?   ?   ?   A . n 
A 1 213 LYS 213 207 ?   ?   ?   A . n 
A 1 214 GLY 214 208 ?   ?   ?   A . n 
A 1 215 ALA 215 209 ?   ?   ?   A . n 
A 1 216 LEU 216 210 ?   ?   ?   A . n 
# 
loop_
_pdbx_nonpoly_scheme.asym_id 
_pdbx_nonpoly_scheme.entity_id 
_pdbx_nonpoly_scheme.mon_id 
_pdbx_nonpoly_scheme.ndb_seq_num 
_pdbx_nonpoly_scheme.pdb_seq_num 
_pdbx_nonpoly_scheme.auth_seq_num 
_pdbx_nonpoly_scheme.pdb_mon_id 
_pdbx_nonpoly_scheme.auth_mon_id 
_pdbx_nonpoly_scheme.pdb_strand_id 
_pdbx_nonpoly_scheme.pdb_ins_code 
B 2 IYP 1  301 301 IYP IYP A . 
C 3 MN  1  302 302 MN  MN  A . 
D 3 MN  1  303 303 MN  MN  A . 
E 3 MN  1  304 304 MN  MN  A . 
F 4 HOH 1  401 401 HOH HOH A . 
F 4 HOH 2  402 402 HOH HOH A . 
F 4 HOH 3  403 404 HOH HOH A . 
F 4 HOH 4  404 405 HOH HOH A . 
F 4 HOH 5  405 406 HOH HOH A . 
F 4 HOH 6  406 407 HOH HOH A . 
F 4 HOH 7  407 408 HOH HOH A . 
F 4 HOH 8  408 409 HOH HOH A . 
F 4 HOH 9  409 410 HOH HOH A . 
F 4 HOH 10 410 411 HOH HOH A . 
F 4 HOH 11 411 412 HOH HOH A . 
F 4 HOH 12 412 413 HOH HOH A . 
F 4 HOH 13 413 414 HOH HOH A . 
F 4 HOH 14 414 415 HOH HOH A . 
F 4 HOH 15 415 416 HOH HOH A . 
F 4 HOH 16 416 417 HOH HOH A . 
F 4 HOH 17 417 418 HOH HOH A . 
F 4 HOH 18 418 419 HOH HOH A . 
F 4 HOH 19 419 420 HOH HOH A . 
F 4 HOH 20 420 421 HOH HOH A . 
F 4 HOH 21 421 422 HOH HOH A . 
F 4 HOH 22 422 423 HOH HOH A . 
F 4 HOH 23 423 424 HOH HOH A . 
F 4 HOH 24 424 425 HOH HOH A . 
F 4 HOH 25 425 426 HOH HOH A . 
F 4 HOH 26 426 427 HOH HOH A . 
F 4 HOH 27 427 428 HOH HOH A . 
F 4 HOH 28 428 429 HOH HOH A . 
F 4 HOH 29 429 430 HOH HOH A . 
F 4 HOH 30 430 431 HOH HOH A . 
F 4 HOH 31 431 432 HOH HOH A . 
F 4 HOH 32 432 433 HOH HOH A . 
F 4 HOH 33 433 434 HOH HOH A . 
F 4 HOH 34 434 435 HOH HOH A . 
F 4 HOH 35 435 436 HOH HOH A . 
F 4 HOH 36 436 437 HOH HOH A . 
F 4 HOH 37 437 438 HOH HOH A . 
F 4 HOH 38 438 439 HOH HOH A . 
F 4 HOH 39 439 440 HOH HOH A . 
F 4 HOH 40 440 441 HOH HOH A . 
F 4 HOH 41 441 442 HOH HOH A . 
F 4 HOH 42 442 444 HOH HOH A . 
F 4 HOH 43 443 445 HOH HOH A . 
F 4 HOH 44 444 446 HOH HOH A . 
F 4 HOH 45 445 447 HOH HOH A . 
F 4 HOH 46 446 448 HOH HOH A . 
F 4 HOH 47 447 449 HOH HOH A . 
F 4 HOH 48 448 450 HOH HOH A . 
F 4 HOH 49 449 451 HOH HOH A . 
F 4 HOH 50 450 452 HOH HOH A . 
F 4 HOH 51 451 453 HOH HOH A . 
F 4 HOH 52 452 454 HOH HOH A . 
F 4 HOH 53 453 455 HOH HOH A . 
F 4 HOH 54 454 456 HOH HOH A . 
F 4 HOH 55 455 457 HOH HOH A . 
F 4 HOH 56 456 458 HOH HOH A . 
F 4 HOH 57 457 459 HOH HOH A . 
F 4 HOH 58 458 460 HOH HOH A . 
F 4 HOH 59 459 461 HOH HOH A . 
F 4 HOH 60 460 462 HOH HOH A . 
F 4 HOH 61 461 463 HOH HOH A . 
F 4 HOH 62 462 464 HOH HOH A . 
F 4 HOH 63 463 466 HOH HOH A . 
F 4 HOH 64 464 467 HOH HOH A . 
F 4 HOH 65 465 468 HOH HOH A . 
F 4 HOH 66 466 469 HOH HOH A . 
F 4 HOH 67 467 471 HOH HOH A . 
F 4 HOH 68 468 472 HOH HOH A . 
F 4 HOH 69 469 473 HOH HOH A . 
F 4 HOH 70 470 474 HOH HOH A . 
F 4 HOH 71 471 475 HOH HOH A . 
F 4 HOH 72 472 476 HOH HOH A . 
F 4 HOH 73 473 477 HOH HOH A . 
# 
_pdbx_struct_assembly.id                   1 
_pdbx_struct_assembly.details              author_and_software_defined_assembly 
_pdbx_struct_assembly.method_details       PISA 
_pdbx_struct_assembly.oligomeric_details   24-meric 
_pdbx_struct_assembly.oligomeric_count     24 
# 
_pdbx_struct_assembly_gen.assembly_id       1 
_pdbx_struct_assembly_gen.oper_expression   1,2,3,4,5,6,7,8,9,10,11,12,13,14,15,16,17,18,19,20,21,22,23,24 
_pdbx_struct_assembly_gen.asym_id_list      A,B,C,D,E,F 
# 
loop_
_pdbx_struct_assembly_prop.biol_id 
_pdbx_struct_assembly_prop.type 
_pdbx_struct_assembly_prop.value 
_pdbx_struct_assembly_prop.details 
1 'ABSA (A^2)' 82980  ? 
1 MORE         -125   ? 
1 'SSA (A^2)'  136050 ? 
# 
loop_
_pdbx_struct_oper_list.id 
_pdbx_struct_oper_list.type 
_pdbx_struct_oper_list.name 
_pdbx_struct_oper_list.symmetry_operation 
_pdbx_struct_oper_list.matrix[1][1] 
_pdbx_struct_oper_list.matrix[1][2] 
_pdbx_struct_oper_list.matrix[1][3] 
_pdbx_struct_oper_list.vector[1] 
_pdbx_struct_oper_list.matrix[2][1] 
_pdbx_struct_oper_list.matrix[2][2] 
_pdbx_struct_oper_list.matrix[2][3] 
_pdbx_struct_oper_list.vector[2] 
_pdbx_struct_oper_list.matrix[3][1] 
_pdbx_struct_oper_list.matrix[3][2] 
_pdbx_struct_oper_list.matrix[3][3] 
_pdbx_struct_oper_list.vector[3] 
1  'identity operation'         1_555  x,y,z    1.0000000000  0.0000000000  0.0000000000  0.0000000000   0.0000000000  1.0000000000  0.0000000000  0.0000000000   0.0000000000  0.0000000000  1.0000000000  0.0000000000   
2  'crystal symmetry operation' 2_555  -x,-y,z  -0.6410848688 -0.7526978174 -0.1498538842 -40.7405896323 -0.7526978174 0.5785180259  0.3142656350  -22.4794353327 -0.1498538842 0.3142656350  -0.9374331571 15.3336555232  
3  'crystal symmetry operation' 3_555  -x,y,-z  -0.0637699211 0.2543055941  0.9650192029  6.2605710079   0.2543055941  -0.9309236729 0.2621255045  -86.6271938527 0.9650192029  0.2621255045  -0.0053064060 16.7545319948  
4  'crystal symmetry operation' 4_555  x,-y,-z  -0.2951452101 0.4983922233  -0.8151653187 17.9392210672  0.4983922233  -0.6475943531 -0.5763911394 -72.0417730104 -0.8151653187 -0.5763911394 -0.0572604369 -28.5347192666 
5  'crystal symmetry operation' 5_555  z,x,y    -0.4445252102 -0.8933325446 0.0659871376  -46.4884613355 0.6753305926  -0.2858268087 0.6798761844  -56.0427209288 -0.5884946289 0.3467852365  0.7303520189  13.5109016307  
6  'crystal symmetry operation' 6_555  z,-x,-y  0.9474994137  -0.1614783350 -0.2759884207 -7.2848069625  -0.3196850963 -0.4600141034 -0.8283649340 -66.7058749945 0.0068044244  0.8731046741  -0.4874853103 40.8899497759  
7  'crystal symmetry operation' 7_555  -z,-x,y  -0.1351532710 0.7358760775  -0.6634907625 29.2210321410  0.5403404386  0.6160361779  0.5731767946  -15.6633841508 0.8305214048  -0.2810441709 -0.4808829070 -7.9777364230  
8  'crystal symmetry operation' 8_555  -z,x,-y  -0.3678209325 0.3189348020  0.8734920456  8.0114385999   -0.8959859348 0.1298047341  -0.4246880451 -42.7364221217 -0.2488312003 -0.9388457398 0.2380161984  -42.8696467321 
9  'crystal symmetry operation' 9_555  y,z,x    -0.4445252102 0.6753305926  -0.5884946289 25.1331639280  -0.8933325446 -0.2858268087 0.3467852365  -62.2335487484 0.0659871376  0.6798761844  0.7303520189  31.3020374811  
10 'crystal symmetry operation' 10_555 -y,z,-x  -0.1351532710 0.5403404386  0.8305214048  19.0385587980  0.7358760775  0.6160361779  -0.2810441709 -14.0959435258 -0.6634907625 0.5731767946  -0.4808829070 24.5294161342  
11 'crystal symmetry operation' 11_555 y,-z,-x  -0.3678209325 -0.8959859348 -0.2488312003 -46.0117639618 0.3189348020  0.1298047341  -0.9388457398 -37.2557218717 0.8734920456  -0.4246880451 0.2380161984  -14.9439051147 
12 'crystal symmetry operation' 12_555 -y,-z,x  0.9474994137  -0.3196850963 0.0068044244  -14.7007563213 -0.1614783350 -0.4600141034 0.8731046741  -67.5631880499 -0.2759884207 -0.8283649340 -0.4874853103 -37.3340802493 
13 'crystal symmetry operation' 13_555 y,x,-z   -0.9918037083 -0.0211776337 0.1260036191  -9.3075165686  -0.0211776337 -0.9452810875 -0.3255689994 -87.8944891690 0.1260036191  -0.3255689994 0.9370847958  -14.1671341291 
14 'crystal symmetry operation' 14_555 -y,-x,-z 0.6328885771  0.7738754511  0.0238502651  33.5073086437  0.7738754511  -0.6332369384 0.0113033645  -70.7744776942 0.0238502651  0.0113033645  -0.9996516387 2.3869468573   
15 'crystal symmetry operation' 15_555 y,-x,z   0.1794575656  -0.1994777085 -0.9633294483 -11.5710834652 -0.5532201089 0.7892590130  -0.2664915038 -11.5947814512 0.8134755640  0.5807571388  0.0312834214  30.5252664955  
16 'crystal symmetry operation' 16_555 -y,x,z   0.1794575656  -0.5532201089 0.8134755640  -29.1695061670 -0.1994777085 0.7892590130  0.5807571388  -10.8846538815 -0.9633294483 -0.2664915038 0.0312834214  -15.1916109723 
17 'crystal symmetry operation' 17_555 x,z,-y   0.3524273950  0.9357598607  0.0121825411  39.6891864939  -0.4373676374 0.1762028235  -0.8818515265 -38.3325801025 -0.8273478597 0.3054603870  0.4713697816  10.8817845706  
18 'crystal symmetry operation' 18_555 -x,z,y   -0.9321058762 0.2799111704  0.2298442348  4.4825362321   0.2799111704  0.1540065458  0.9475925921  -37.9969121717 0.2298442348  0.9475925921  -0.2219006696 44.9496690448  
19 'crystal symmetry operation' 19_555 -x,-z,-y 0.2272510862  -0.7783033937 0.5853210838  -38.9625548565 -0.7783033937 -0.5064121927 -0.3712014526 -71.1097170137 0.5853210838  -0.3712014526 -0.7208388935 -12.8614815268 
20 'crystal symmetry operation' 20_555 x,-z,y   0.3524273950  -0.4373676374 -0.8273478597 -21.7499654267 0.9357598607  0.1762028235  0.3054603870  -33.7091929079 0.0121825411  -0.8818515265 0.4713697816  -39.4165038371 
21 'crystal symmetry operation' 21_555 z,y,-x   0.4681150394  -0.5780753908 0.6683540621  -28.9725524484 0.8323809849  0.0345381636  -0.5531265779 -39.7895264889 0.2966651408  0.8152520824  0.4973467970  38.5937130848  
22 'crystal symmetry operation' 22_555 z,-y,x   0.0348591640  -0.4767354887 -0.8783553452 -24.8007158496 -0.4767354887 -0.7803790756 0.4046378283  -82.9590694345 -0.8783553452 0.4046378283  -0.2544800884 15.8071383218  
23 'crystal symmetry operation' 23_555 -z,y,x   0.4681150394  0.8323809849  0.2966651408  35.2331234563  -0.5780753908 0.0345381636  0.8152520824  -46.8376673638 0.6683540621  -0.5531265779 0.4973467970  -21.8391810900 
24 'crystal symmetry operation' 24_555 -z,-y,-x -0.9710892429 0.2224298946  -0.0866638577 1.9993472845   0.2224298946  0.7113027485  -0.6667633328 -11.5621389087 -0.0866638577 -0.6667633328 -0.7402135056 -29.0082020652 
# 
loop_
_pdbx_struct_special_symmetry.id 
_pdbx_struct_special_symmetry.PDB_model_num 
_pdbx_struct_special_symmetry.auth_asym_id 
_pdbx_struct_special_symmetry.auth_comp_id 
_pdbx_struct_special_symmetry.auth_seq_id 
_pdbx_struct_special_symmetry.PDB_ins_code 
_pdbx_struct_special_symmetry.label_asym_id 
_pdbx_struct_special_symmetry.label_comp_id 
_pdbx_struct_special_symmetry.label_seq_id 
1 1 A MN  304 ? E MN  . 
2 1 A HOH 469 ? F HOH . 
3 1 A HOH 473 ? F HOH . 
# 
loop_
_pdbx_struct_conn_angle.id 
_pdbx_struct_conn_angle.ptnr1_label_atom_id 
_pdbx_struct_conn_angle.ptnr1_label_alt_id 
_pdbx_struct_conn_angle.ptnr1_label_asym_id 
_pdbx_struct_conn_angle.ptnr1_label_comp_id 
_pdbx_struct_conn_angle.ptnr1_label_seq_id 
_pdbx_struct_conn_angle.ptnr1_auth_atom_id 
_pdbx_struct_conn_angle.ptnr1_auth_asym_id 
_pdbx_struct_conn_angle.ptnr1_auth_comp_id 
_pdbx_struct_conn_angle.ptnr1_auth_seq_id 
_pdbx_struct_conn_angle.ptnr1_PDB_ins_code 
_pdbx_struct_conn_angle.ptnr1_symmetry 
_pdbx_struct_conn_angle.ptnr2_label_atom_id 
_pdbx_struct_conn_angle.ptnr2_label_alt_id 
_pdbx_struct_conn_angle.ptnr2_label_asym_id 
_pdbx_struct_conn_angle.ptnr2_label_comp_id 
_pdbx_struct_conn_angle.ptnr2_label_seq_id 
_pdbx_struct_conn_angle.ptnr2_auth_atom_id 
_pdbx_struct_conn_angle.ptnr2_auth_asym_id 
_pdbx_struct_conn_angle.ptnr2_auth_comp_id 
_pdbx_struct_conn_angle.ptnr2_auth_seq_id 
_pdbx_struct_conn_angle.ptnr2_PDB_ins_code 
_pdbx_struct_conn_angle.ptnr2_symmetry 
_pdbx_struct_conn_angle.ptnr3_label_atom_id 
_pdbx_struct_conn_angle.ptnr3_label_alt_id 
_pdbx_struct_conn_angle.ptnr3_label_asym_id 
_pdbx_struct_conn_angle.ptnr3_label_comp_id 
_pdbx_struct_conn_angle.ptnr3_label_seq_id 
_pdbx_struct_conn_angle.ptnr3_auth_atom_id 
_pdbx_struct_conn_angle.ptnr3_auth_asym_id 
_pdbx_struct_conn_angle.ptnr3_auth_comp_id 
_pdbx_struct_conn_angle.ptnr3_auth_seq_id 
_pdbx_struct_conn_angle.ptnr3_PDB_ins_code 
_pdbx_struct_conn_angle.ptnr3_symmetry 
_pdbx_struct_conn_angle.value 
_pdbx_struct_conn_angle.value_esd 
1  NE2 ? A HIS 53  ? A HIS 47  ? 1_555 MN ? D MN . ? A MN 303 ? 1_555 NE2 ? A HIS 182 ? A HIS 176 ? 1_555 100.5 ? 
2  NE2 ? A HIS 53  ? A HIS 47  ? 1_555 MN ? D MN . ? A MN 303 ? 1_555 OE1 ? A GLU 186 ? A GLU 180 ? 1_555 90.2  ? 
3  NE2 ? A HIS 182 ? A HIS 176 ? 1_555 MN ? D MN . ? A MN 303 ? 1_555 OE1 ? A GLU 186 ? A GLU 180 ? 1_555 92.1  ? 
4  NE2 ? A HIS 53  ? A HIS 47  ? 1_555 MN ? D MN . ? A MN 303 ? 1_555 N2  ? B IYP .   ? A IYP 301 ? 1_555 165.4 ? 
5  NE2 ? A HIS 182 ? A HIS 176 ? 1_555 MN ? D MN . ? A MN 303 ? 1_555 N2  ? B IYP .   ? A IYP 301 ? 1_555 93.5  ? 
6  OE1 ? A GLU 186 ? A GLU 180 ? 1_555 MN ? D MN . ? A MN 303 ? 1_555 N2  ? B IYP .   ? A IYP 301 ? 1_555 93.2  ? 
7  NE2 ? A HIS 53  ? A HIS 47  ? 1_555 MN ? D MN . ? A MN 303 ? 1_555 O3  ? B IYP .   ? A IYP 301 ? 1_555 87.7  ? 
8  NE2 ? A HIS 182 ? A HIS 176 ? 1_555 MN ? D MN . ? A MN 303 ? 1_555 O3  ? B IYP .   ? A IYP 301 ? 1_555 169.9 ? 
9  OE1 ? A GLU 186 ? A GLU 180 ? 1_555 MN ? D MN . ? A MN 303 ? 1_555 O3  ? B IYP .   ? A IYP 301 ? 1_555 81.9  ? 
10 N2  ? B IYP .   ? A IYP 301 ? 1_555 MN ? D MN . ? A MN 303 ? 1_555 O3  ? B IYP .   ? A IYP 301 ? 1_555 78.8  ? 
11 NE2 ? A HIS 79  ? A HIS 73  ? 1_555 MN ? C MN . ? A MN 302 ? 1_555 OE1 ? A GLU 83  ? A GLU 77  ? 1_555 85.7  ? 
12 NE2 ? A HIS 79  ? A HIS 73  ? 1_555 MN ? C MN . ? A MN 302 ? 1_555 NE2 ? A HIS 158 ? A HIS 152 ? 1_555 93.5  ? 
13 OE1 ? A GLU 83  ? A GLU 77  ? 1_555 MN ? C MN . ? A MN 302 ? 1_555 NE2 ? A HIS 158 ? A HIS 152 ? 1_555 88.7  ? 
14 NE2 ? A HIS 79  ? A HIS 73  ? 1_555 MN ? C MN . ? A MN 302 ? 1_555 O   ? F HOH .   ? A HOH 460 ? 1_555 172.4 ? 
15 OE1 ? A GLU 83  ? A GLU 77  ? 1_555 MN ? C MN . ? A MN 302 ? 1_555 O   ? F HOH .   ? A HOH 460 ? 1_555 87.4  ? 
16 NE2 ? A HIS 158 ? A HIS 152 ? 1_555 MN ? C MN . ? A MN 302 ? 1_555 O   ? F HOH .   ? A HOH 460 ? 1_555 89.4  ? 
# 
loop_
_pdbx_audit_revision_history.ordinal 
_pdbx_audit_revision_history.data_content_type 
_pdbx_audit_revision_history.major_revision 
_pdbx_audit_revision_history.minor_revision 
_pdbx_audit_revision_history.revision_date 
1 'Structure model' 1 0 2013-08-28 
2 'Structure model' 1 1 2017-06-14 
3 'Structure model' 1 2 2023-11-08 
# 
_pdbx_audit_revision_details.ordinal             1 
_pdbx_audit_revision_details.revision_ordinal    1 
_pdbx_audit_revision_details.data_content_type   'Structure model' 
_pdbx_audit_revision_details.provider            repository 
_pdbx_audit_revision_details.type                'Initial release' 
_pdbx_audit_revision_details.description         ? 
_pdbx_audit_revision_details.details             ? 
# 
loop_
_pdbx_audit_revision_group.ordinal 
_pdbx_audit_revision_group.revision_ordinal 
_pdbx_audit_revision_group.data_content_type 
_pdbx_audit_revision_group.group 
1 2 'Structure model' Other                    
2 3 'Structure model' 'Data collection'        
3 3 'Structure model' 'Database references'    
4 3 'Structure model' 'Derived calculations'   
5 3 'Structure model' 'Refinement description' 
# 
loop_
_pdbx_audit_revision_category.ordinal 
_pdbx_audit_revision_category.revision_ordinal 
_pdbx_audit_revision_category.data_content_type 
_pdbx_audit_revision_category.category 
1 2 'Structure model' pdbx_database_status          
2 3 'Structure model' chem_comp_atom                
3 3 'Structure model' chem_comp_bond                
4 3 'Structure model' database_2                    
5 3 'Structure model' pdbx_initial_refinement_model 
6 3 'Structure model' pdbx_struct_conn_angle        
7 3 'Structure model' struct_conn                   
8 3 'Structure model' struct_ref_seq_dif            
9 3 'Structure model' struct_site                   
# 
loop_
_pdbx_audit_revision_item.ordinal 
_pdbx_audit_revision_item.revision_ordinal 
_pdbx_audit_revision_item.data_content_type 
_pdbx_audit_revision_item.item 
1  2 'Structure model' '_pdbx_database_status.process_site'          
2  3 'Structure model' '_database_2.pdbx_DOI'                        
3  3 'Structure model' '_database_2.pdbx_database_accession'         
4  3 'Structure model' '_pdbx_struct_conn_angle.ptnr1_auth_comp_id'  
5  3 'Structure model' '_pdbx_struct_conn_angle.ptnr1_auth_seq_id'   
6  3 'Structure model' '_pdbx_struct_conn_angle.ptnr1_label_asym_id' 
7  3 'Structure model' '_pdbx_struct_conn_angle.ptnr1_label_atom_id' 
8  3 'Structure model' '_pdbx_struct_conn_angle.ptnr1_label_comp_id' 
9  3 'Structure model' '_pdbx_struct_conn_angle.ptnr1_label_seq_id'  
10 3 'Structure model' '_pdbx_struct_conn_angle.ptnr3_auth_comp_id'  
11 3 'Structure model' '_pdbx_struct_conn_angle.ptnr3_auth_seq_id'   
12 3 'Structure model' '_pdbx_struct_conn_angle.ptnr3_label_asym_id' 
13 3 'Structure model' '_pdbx_struct_conn_angle.ptnr3_label_atom_id' 
14 3 'Structure model' '_pdbx_struct_conn_angle.ptnr3_label_comp_id' 
15 3 'Structure model' '_pdbx_struct_conn_angle.ptnr3_label_seq_id'  
16 3 'Structure model' '_pdbx_struct_conn_angle.value'               
17 3 'Structure model' '_struct_conn.pdbx_dist_value'                
18 3 'Structure model' '_struct_conn.ptnr1_auth_comp_id'             
19 3 'Structure model' '_struct_conn.ptnr1_auth_seq_id'              
20 3 'Structure model' '_struct_conn.ptnr1_label_asym_id'            
21 3 'Structure model' '_struct_conn.ptnr1_label_atom_id'            
22 3 'Structure model' '_struct_conn.ptnr1_label_comp_id'            
23 3 'Structure model' '_struct_conn.ptnr1_label_seq_id'             
24 3 'Structure model' '_struct_conn.ptnr2_auth_comp_id'             
25 3 'Structure model' '_struct_conn.ptnr2_auth_seq_id'              
26 3 'Structure model' '_struct_conn.ptnr2_label_asym_id'            
27 3 'Structure model' '_struct_conn.ptnr2_label_atom_id'            
28 3 'Structure model' '_struct_conn.ptnr2_label_comp_id'            
29 3 'Structure model' '_struct_ref_seq_dif.details'                 
30 3 'Structure model' '_struct_site.pdbx_auth_asym_id'              
31 3 'Structure model' '_struct_site.pdbx_auth_comp_id'              
32 3 'Structure model' '_struct_site.pdbx_auth_seq_id'               
# 
loop_
_software.name 
_software.classification 
_software.version 
_software.citation_id 
_software.pdbx_ordinal 
MxCuBE    'data collection' .        ? 1 
PHASER    phasing           .        ? 2 
REFMAC    refinement        5.7.0029 ? 3 
HKL-2000  'data reduction'  .        ? 4 
SCALEPACK 'data scaling'    .        ? 5 
# 
loop_
_pdbx_validate_torsion.id 
_pdbx_validate_torsion.PDB_model_num 
_pdbx_validate_torsion.auth_comp_id 
_pdbx_validate_torsion.auth_asym_id 
_pdbx_validate_torsion.auth_seq_id 
_pdbx_validate_torsion.PDB_ins_code 
_pdbx_validate_torsion.label_alt_id 
_pdbx_validate_torsion.phi 
_pdbx_validate_torsion.psi 
1 1 ARG A 11  ? ? -114.55 73.39   
2 1 ASP A 31  ? ? -99.74  59.34   
3 1 GLU A 71  ? ? 166.04  179.48  
4 1 ARG A 99  ? ? 78.09   -53.41  
5 1 ASP A 108 ? ? 50.64   -118.27 
6 1 HIS A 135 ? ? -140.70 25.33   
7 1 SER A 142 ? ? -128.82 -151.45 
8 1 ARG A 173 ? ? -128.55 -52.22  
9 1 PRO A 198 ? ? -69.41  4.67    
# 
loop_
_pdbx_unobs_or_zero_occ_residues.id 
_pdbx_unobs_or_zero_occ_residues.PDB_model_num 
_pdbx_unobs_or_zero_occ_residues.polymer_flag 
_pdbx_unobs_or_zero_occ_residues.occupancy_flag 
_pdbx_unobs_or_zero_occ_residues.auth_asym_id 
_pdbx_unobs_or_zero_occ_residues.auth_comp_id 
_pdbx_unobs_or_zero_occ_residues.auth_seq_id 
_pdbx_unobs_or_zero_occ_residues.PDB_ins_code 
_pdbx_unobs_or_zero_occ_residues.label_asym_id 
_pdbx_unobs_or_zero_occ_residues.label_comp_id 
_pdbx_unobs_or_zero_occ_residues.label_seq_id 
1  1 Y 1 A MET -5  ? A MET 1   
2  1 Y 1 A HIS -4  ? A HIS 2   
3  1 Y 1 A HIS -3  ? A HIS 3   
4  1 Y 1 A HIS -2  ? A HIS 4   
5  1 Y 1 A HIS -1  ? A HIS 5   
6  1 Y 1 A HIS 0   ? A HIS 6   
7  1 Y 1 A HIS 1   ? A HIS 7   
8  1 Y 1 A THR 2   ? A THR 8   
9  1 Y 1 A THR 3   ? A THR 9   
10 1 Y 1 A THR 4   ? A THR 10  
11 1 Y 1 A GLN 5   ? A GLN 11  
12 1 Y 1 A THR 6   ? A THR 12  
13 1 Y 1 A ALA 7   ? A ALA 13  
14 1 Y 1 A LYS 8   ? A LYS 14  
15 1 Y 1 A ALA 9   ? A ALA 15  
16 1 Y 1 A SER 201 ? A SER 207 
17 1 Y 1 A GLY 202 ? A GLY 208 
18 1 Y 1 A VAL 203 ? A VAL 209 
19 1 Y 1 A PRO 204 ? A PRO 210 
20 1 Y 1 A SER 205 ? A SER 211 
21 1 Y 1 A THR 206 ? A THR 212 
22 1 Y 1 A LYS 207 ? A LYS 213 
23 1 Y 1 A GLY 208 ? A GLY 214 
24 1 Y 1 A ALA 209 ? A ALA 215 
25 1 Y 1 A LEU 210 ? A LEU 216 
# 
loop_
_chem_comp_atom.comp_id 
_chem_comp_atom.atom_id 
_chem_comp_atom.type_symbol 
_chem_comp_atom.pdbx_aromatic_flag 
_chem_comp_atom.pdbx_stereo_config 
_chem_comp_atom.pdbx_ordinal 
ALA N    N  N N 1   
ALA CA   C  N S 2   
ALA C    C  N N 3   
ALA O    O  N N 4   
ALA CB   C  N N 5   
ALA OXT  O  N N 6   
ALA H    H  N N 7   
ALA H2   H  N N 8   
ALA HA   H  N N 9   
ALA HB1  H  N N 10  
ALA HB2  H  N N 11  
ALA HB3  H  N N 12  
ALA HXT  H  N N 13  
ARG N    N  N N 14  
ARG CA   C  N S 15  
ARG C    C  N N 16  
ARG O    O  N N 17  
ARG CB   C  N N 18  
ARG CG   C  N N 19  
ARG CD   C  N N 20  
ARG NE   N  N N 21  
ARG CZ   C  N N 22  
ARG NH1  N  N N 23  
ARG NH2  N  N N 24  
ARG OXT  O  N N 25  
ARG H    H  N N 26  
ARG H2   H  N N 27  
ARG HA   H  N N 28  
ARG HB2  H  N N 29  
ARG HB3  H  N N 30  
ARG HG2  H  N N 31  
ARG HG3  H  N N 32  
ARG HD2  H  N N 33  
ARG HD3  H  N N 34  
ARG HE   H  N N 35  
ARG HH11 H  N N 36  
ARG HH12 H  N N 37  
ARG HH21 H  N N 38  
ARG HH22 H  N N 39  
ARG HXT  H  N N 40  
ASN N    N  N N 41  
ASN CA   C  N S 42  
ASN C    C  N N 43  
ASN O    O  N N 44  
ASN CB   C  N N 45  
ASN CG   C  N N 46  
ASN OD1  O  N N 47  
ASN ND2  N  N N 48  
ASN OXT  O  N N 49  
ASN H    H  N N 50  
ASN H2   H  N N 51  
ASN HA   H  N N 52  
ASN HB2  H  N N 53  
ASN HB3  H  N N 54  
ASN HD21 H  N N 55  
ASN HD22 H  N N 56  
ASN HXT  H  N N 57  
ASP N    N  N N 58  
ASP CA   C  N S 59  
ASP C    C  N N 60  
ASP O    O  N N 61  
ASP CB   C  N N 62  
ASP CG   C  N N 63  
ASP OD1  O  N N 64  
ASP OD2  O  N N 65  
ASP OXT  O  N N 66  
ASP H    H  N N 67  
ASP H2   H  N N 68  
ASP HA   H  N N 69  
ASP HB2  H  N N 70  
ASP HB3  H  N N 71  
ASP HD2  H  N N 72  
ASP HXT  H  N N 73  
CYS N    N  N N 74  
CYS CA   C  N R 75  
CYS C    C  N N 76  
CYS O    O  N N 77  
CYS CB   C  N N 78  
CYS SG   S  N N 79  
CYS OXT  O  N N 80  
CYS H    H  N N 81  
CYS H2   H  N N 82  
CYS HA   H  N N 83  
CYS HB2  H  N N 84  
CYS HB3  H  N N 85  
CYS HG   H  N N 86  
CYS HXT  H  N N 87  
GLN N    N  N N 88  
GLN CA   C  N S 89  
GLN C    C  N N 90  
GLN O    O  N N 91  
GLN CB   C  N N 92  
GLN CG   C  N N 93  
GLN CD   C  N N 94  
GLN OE1  O  N N 95  
GLN NE2  N  N N 96  
GLN OXT  O  N N 97  
GLN H    H  N N 98  
GLN H2   H  N N 99  
GLN HA   H  N N 100 
GLN HB2  H  N N 101 
GLN HB3  H  N N 102 
GLN HG2  H  N N 103 
GLN HG3  H  N N 104 
GLN HE21 H  N N 105 
GLN HE22 H  N N 106 
GLN HXT  H  N N 107 
GLU N    N  N N 108 
GLU CA   C  N S 109 
GLU C    C  N N 110 
GLU O    O  N N 111 
GLU CB   C  N N 112 
GLU CG   C  N N 113 
GLU CD   C  N N 114 
GLU OE1  O  N N 115 
GLU OE2  O  N N 116 
GLU OXT  O  N N 117 
GLU H    H  N N 118 
GLU H2   H  N N 119 
GLU HA   H  N N 120 
GLU HB2  H  N N 121 
GLU HB3  H  N N 122 
GLU HG2  H  N N 123 
GLU HG3  H  N N 124 
GLU HE2  H  N N 125 
GLU HXT  H  N N 126 
GLY N    N  N N 127 
GLY CA   C  N N 128 
GLY C    C  N N 129 
GLY O    O  N N 130 
GLY OXT  O  N N 131 
GLY H    H  N N 132 
GLY H2   H  N N 133 
GLY HA2  H  N N 134 
GLY HA3  H  N N 135 
GLY HXT  H  N N 136 
HIS N    N  N N 137 
HIS CA   C  N S 138 
HIS C    C  N N 139 
HIS O    O  N N 140 
HIS CB   C  N N 141 
HIS CG   C  Y N 142 
HIS ND1  N  Y N 143 
HIS CD2  C  Y N 144 
HIS CE1  C  Y N 145 
HIS NE2  N  Y N 146 
HIS OXT  O  N N 147 
HIS H    H  N N 148 
HIS H2   H  N N 149 
HIS HA   H  N N 150 
HIS HB2  H  N N 151 
HIS HB3  H  N N 152 
HIS HD1  H  N N 153 
HIS HD2  H  N N 154 
HIS HE1  H  N N 155 
HIS HE2  H  N N 156 
HIS HXT  H  N N 157 
HOH O    O  N N 158 
HOH H1   H  N N 159 
HOH H2   H  N N 160 
ILE N    N  N N 161 
ILE CA   C  N S 162 
ILE C    C  N N 163 
ILE O    O  N N 164 
ILE CB   C  N S 165 
ILE CG1  C  N N 166 
ILE CG2  C  N N 167 
ILE CD1  C  N N 168 
ILE OXT  O  N N 169 
ILE H    H  N N 170 
ILE H2   H  N N 171 
ILE HA   H  N N 172 
ILE HB   H  N N 173 
ILE HG12 H  N N 174 
ILE HG13 H  N N 175 
ILE HG21 H  N N 176 
ILE HG22 H  N N 177 
ILE HG23 H  N N 178 
ILE HD11 H  N N 179 
ILE HD12 H  N N 180 
ILE HD13 H  N N 181 
ILE HXT  H  N N 182 
IYP OP4  O  N N 183 
IYP P    P  N N 184 
IYP OP5  O  N N 185 
IYP OP6  O  N N 186 
IYP OP1  O  N N 187 
IYP C1   C  N N 188 
IYP C2   C  N R 189 
IYP O2   O  N N 190 
IYP C3   C  N S 191 
IYP O3   O  N N 192 
IYP C4   C  Y N 193 
IYP N2   N  Y N 194 
IYP C6   C  Y N 195 
IYP N1   N  Y N 196 
IYP C5   C  Y N 197 
IYP H1   H  N N 198 
IYP H2   H  N N 199 
IYP H3   H  N N 200 
IYP H4   H  N N 201 
IYP H5   H  N N 202 
IYP H6   H  N N 203 
IYP H7   H  N N 204 
IYP H8   H  N N 205 
IYP H9   H  N N 206 
IYP H10  H  N N 207 
IYP H12  H  N N 208 
LEU N    N  N N 209 
LEU CA   C  N S 210 
LEU C    C  N N 211 
LEU O    O  N N 212 
LEU CB   C  N N 213 
LEU CG   C  N N 214 
LEU CD1  C  N N 215 
LEU CD2  C  N N 216 
LEU OXT  O  N N 217 
LEU H    H  N N 218 
LEU H2   H  N N 219 
LEU HA   H  N N 220 
LEU HB2  H  N N 221 
LEU HB3  H  N N 222 
LEU HG   H  N N 223 
LEU HD11 H  N N 224 
LEU HD12 H  N N 225 
LEU HD13 H  N N 226 
LEU HD21 H  N N 227 
LEU HD22 H  N N 228 
LEU HD23 H  N N 229 
LEU HXT  H  N N 230 
LYS N    N  N N 231 
LYS CA   C  N S 232 
LYS C    C  N N 233 
LYS O    O  N N 234 
LYS CB   C  N N 235 
LYS CG   C  N N 236 
LYS CD   C  N N 237 
LYS CE   C  N N 238 
LYS NZ   N  N N 239 
LYS OXT  O  N N 240 
LYS H    H  N N 241 
LYS H2   H  N N 242 
LYS HA   H  N N 243 
LYS HB2  H  N N 244 
LYS HB3  H  N N 245 
LYS HG2  H  N N 246 
LYS HG3  H  N N 247 
LYS HD2  H  N N 248 
LYS HD3  H  N N 249 
LYS HE2  H  N N 250 
LYS HE3  H  N N 251 
LYS HZ1  H  N N 252 
LYS HZ2  H  N N 253 
LYS HZ3  H  N N 254 
LYS HXT  H  N N 255 
MET N    N  N N 256 
MET CA   C  N S 257 
MET C    C  N N 258 
MET O    O  N N 259 
MET CB   C  N N 260 
MET CG   C  N N 261 
MET SD   S  N N 262 
MET CE   C  N N 263 
MET OXT  O  N N 264 
MET H    H  N N 265 
MET H2   H  N N 266 
MET HA   H  N N 267 
MET HB2  H  N N 268 
MET HB3  H  N N 269 
MET HG2  H  N N 270 
MET HG3  H  N N 271 
MET HE1  H  N N 272 
MET HE2  H  N N 273 
MET HE3  H  N N 274 
MET HXT  H  N N 275 
MN  MN   MN N N 276 
PHE N    N  N N 277 
PHE CA   C  N S 278 
PHE C    C  N N 279 
PHE O    O  N N 280 
PHE CB   C  N N 281 
PHE CG   C  Y N 282 
PHE CD1  C  Y N 283 
PHE CD2  C  Y N 284 
PHE CE1  C  Y N 285 
PHE CE2  C  Y N 286 
PHE CZ   C  Y N 287 
PHE OXT  O  N N 288 
PHE H    H  N N 289 
PHE H2   H  N N 290 
PHE HA   H  N N 291 
PHE HB2  H  N N 292 
PHE HB3  H  N N 293 
PHE HD1  H  N N 294 
PHE HD2  H  N N 295 
PHE HE1  H  N N 296 
PHE HE2  H  N N 297 
PHE HZ   H  N N 298 
PHE HXT  H  N N 299 
PRO N    N  N N 300 
PRO CA   C  N S 301 
PRO C    C  N N 302 
PRO O    O  N N 303 
PRO CB   C  N N 304 
PRO CG   C  N N 305 
PRO CD   C  N N 306 
PRO OXT  O  N N 307 
PRO H    H  N N 308 
PRO HA   H  N N 309 
PRO HB2  H  N N 310 
PRO HB3  H  N N 311 
PRO HG2  H  N N 312 
PRO HG3  H  N N 313 
PRO HD2  H  N N 314 
PRO HD3  H  N N 315 
PRO HXT  H  N N 316 
SER N    N  N N 317 
SER CA   C  N S 318 
SER C    C  N N 319 
SER O    O  N N 320 
SER CB   C  N N 321 
SER OG   O  N N 322 
SER OXT  O  N N 323 
SER H    H  N N 324 
SER H2   H  N N 325 
SER HA   H  N N 326 
SER HB2  H  N N 327 
SER HB3  H  N N 328 
SER HG   H  N N 329 
SER HXT  H  N N 330 
THR N    N  N N 331 
THR CA   C  N S 332 
THR C    C  N N 333 
THR O    O  N N 334 
THR CB   C  N R 335 
THR OG1  O  N N 336 
THR CG2  C  N N 337 
THR OXT  O  N N 338 
THR H    H  N N 339 
THR H2   H  N N 340 
THR HA   H  N N 341 
THR HB   H  N N 342 
THR HG1  H  N N 343 
THR HG21 H  N N 344 
THR HG22 H  N N 345 
THR HG23 H  N N 346 
THR HXT  H  N N 347 
TYR N    N  N N 348 
TYR CA   C  N S 349 
TYR C    C  N N 350 
TYR O    O  N N 351 
TYR CB   C  N N 352 
TYR CG   C  Y N 353 
TYR CD1  C  Y N 354 
TYR CD2  C  Y N 355 
TYR CE1  C  Y N 356 
TYR CE2  C  Y N 357 
TYR CZ   C  Y N 358 
TYR OH   O  N N 359 
TYR OXT  O  N N 360 
TYR H    H  N N 361 
TYR H2   H  N N 362 
TYR HA   H  N N 363 
TYR HB2  H  N N 364 
TYR HB3  H  N N 365 
TYR HD1  H  N N 366 
TYR HD2  H  N N 367 
TYR HE1  H  N N 368 
TYR HE2  H  N N 369 
TYR HH   H  N N 370 
TYR HXT  H  N N 371 
VAL N    N  N N 372 
VAL CA   C  N S 373 
VAL C    C  N N 374 
VAL O    O  N N 375 
VAL CB   C  N N 376 
VAL CG1  C  N N 377 
VAL CG2  C  N N 378 
VAL OXT  O  N N 379 
VAL H    H  N N 380 
VAL H2   H  N N 381 
VAL HA   H  N N 382 
VAL HB   H  N N 383 
VAL HG11 H  N N 384 
VAL HG12 H  N N 385 
VAL HG13 H  N N 386 
VAL HG21 H  N N 387 
VAL HG22 H  N N 388 
VAL HG23 H  N N 389 
VAL HXT  H  N N 390 
# 
loop_
_chem_comp_bond.comp_id 
_chem_comp_bond.atom_id_1 
_chem_comp_bond.atom_id_2 
_chem_comp_bond.value_order 
_chem_comp_bond.pdbx_aromatic_flag 
_chem_comp_bond.pdbx_stereo_config 
_chem_comp_bond.pdbx_ordinal 
ALA N   CA   sing N N 1   
ALA N   H    sing N N 2   
ALA N   H2   sing N N 3   
ALA CA  C    sing N N 4   
ALA CA  CB   sing N N 5   
ALA CA  HA   sing N N 6   
ALA C   O    doub N N 7   
ALA C   OXT  sing N N 8   
ALA CB  HB1  sing N N 9   
ALA CB  HB2  sing N N 10  
ALA CB  HB3  sing N N 11  
ALA OXT HXT  sing N N 12  
ARG N   CA   sing N N 13  
ARG N   H    sing N N 14  
ARG N   H2   sing N N 15  
ARG CA  C    sing N N 16  
ARG CA  CB   sing N N 17  
ARG CA  HA   sing N N 18  
ARG C   O    doub N N 19  
ARG C   OXT  sing N N 20  
ARG CB  CG   sing N N 21  
ARG CB  HB2  sing N N 22  
ARG CB  HB3  sing N N 23  
ARG CG  CD   sing N N 24  
ARG CG  HG2  sing N N 25  
ARG CG  HG3  sing N N 26  
ARG CD  NE   sing N N 27  
ARG CD  HD2  sing N N 28  
ARG CD  HD3  sing N N 29  
ARG NE  CZ   sing N N 30  
ARG NE  HE   sing N N 31  
ARG CZ  NH1  sing N N 32  
ARG CZ  NH2  doub N N 33  
ARG NH1 HH11 sing N N 34  
ARG NH1 HH12 sing N N 35  
ARG NH2 HH21 sing N N 36  
ARG NH2 HH22 sing N N 37  
ARG OXT HXT  sing N N 38  
ASN N   CA   sing N N 39  
ASN N   H    sing N N 40  
ASN N   H2   sing N N 41  
ASN CA  C    sing N N 42  
ASN CA  CB   sing N N 43  
ASN CA  HA   sing N N 44  
ASN C   O    doub N N 45  
ASN C   OXT  sing N N 46  
ASN CB  CG   sing N N 47  
ASN CB  HB2  sing N N 48  
ASN CB  HB3  sing N N 49  
ASN CG  OD1  doub N N 50  
ASN CG  ND2  sing N N 51  
ASN ND2 HD21 sing N N 52  
ASN ND2 HD22 sing N N 53  
ASN OXT HXT  sing N N 54  
ASP N   CA   sing N N 55  
ASP N   H    sing N N 56  
ASP N   H2   sing N N 57  
ASP CA  C    sing N N 58  
ASP CA  CB   sing N N 59  
ASP CA  HA   sing N N 60  
ASP C   O    doub N N 61  
ASP C   OXT  sing N N 62  
ASP CB  CG   sing N N 63  
ASP CB  HB2  sing N N 64  
ASP CB  HB3  sing N N 65  
ASP CG  OD1  doub N N 66  
ASP CG  OD2  sing N N 67  
ASP OD2 HD2  sing N N 68  
ASP OXT HXT  sing N N 69  
CYS N   CA   sing N N 70  
CYS N   H    sing N N 71  
CYS N   H2   sing N N 72  
CYS CA  C    sing N N 73  
CYS CA  CB   sing N N 74  
CYS CA  HA   sing N N 75  
CYS C   O    doub N N 76  
CYS C   OXT  sing N N 77  
CYS CB  SG   sing N N 78  
CYS CB  HB2  sing N N 79  
CYS CB  HB3  sing N N 80  
CYS SG  HG   sing N N 81  
CYS OXT HXT  sing N N 82  
GLN N   CA   sing N N 83  
GLN N   H    sing N N 84  
GLN N   H2   sing N N 85  
GLN CA  C    sing N N 86  
GLN CA  CB   sing N N 87  
GLN CA  HA   sing N N 88  
GLN C   O    doub N N 89  
GLN C   OXT  sing N N 90  
GLN CB  CG   sing N N 91  
GLN CB  HB2  sing N N 92  
GLN CB  HB3  sing N N 93  
GLN CG  CD   sing N N 94  
GLN CG  HG2  sing N N 95  
GLN CG  HG3  sing N N 96  
GLN CD  OE1  doub N N 97  
GLN CD  NE2  sing N N 98  
GLN NE2 HE21 sing N N 99  
GLN NE2 HE22 sing N N 100 
GLN OXT HXT  sing N N 101 
GLU N   CA   sing N N 102 
GLU N   H    sing N N 103 
GLU N   H2   sing N N 104 
GLU CA  C    sing N N 105 
GLU CA  CB   sing N N 106 
GLU CA  HA   sing N N 107 
GLU C   O    doub N N 108 
GLU C   OXT  sing N N 109 
GLU CB  CG   sing N N 110 
GLU CB  HB2  sing N N 111 
GLU CB  HB3  sing N N 112 
GLU CG  CD   sing N N 113 
GLU CG  HG2  sing N N 114 
GLU CG  HG3  sing N N 115 
GLU CD  OE1  doub N N 116 
GLU CD  OE2  sing N N 117 
GLU OE2 HE2  sing N N 118 
GLU OXT HXT  sing N N 119 
GLY N   CA   sing N N 120 
GLY N   H    sing N N 121 
GLY N   H2   sing N N 122 
GLY CA  C    sing N N 123 
GLY CA  HA2  sing N N 124 
GLY CA  HA3  sing N N 125 
GLY C   O    doub N N 126 
GLY C   OXT  sing N N 127 
GLY OXT HXT  sing N N 128 
HIS N   CA   sing N N 129 
HIS N   H    sing N N 130 
HIS N   H2   sing N N 131 
HIS CA  C    sing N N 132 
HIS CA  CB   sing N N 133 
HIS CA  HA   sing N N 134 
HIS C   O    doub N N 135 
HIS C   OXT  sing N N 136 
HIS CB  CG   sing N N 137 
HIS CB  HB2  sing N N 138 
HIS CB  HB3  sing N N 139 
HIS CG  ND1  sing Y N 140 
HIS CG  CD2  doub Y N 141 
HIS ND1 CE1  doub Y N 142 
HIS ND1 HD1  sing N N 143 
HIS CD2 NE2  sing Y N 144 
HIS CD2 HD2  sing N N 145 
HIS CE1 NE2  sing Y N 146 
HIS CE1 HE1  sing N N 147 
HIS NE2 HE2  sing N N 148 
HIS OXT HXT  sing N N 149 
HOH O   H1   sing N N 150 
HOH O   H2   sing N N 151 
ILE N   CA   sing N N 152 
ILE N   H    sing N N 153 
ILE N   H2   sing N N 154 
ILE CA  C    sing N N 155 
ILE CA  CB   sing N N 156 
ILE CA  HA   sing N N 157 
ILE C   O    doub N N 158 
ILE C   OXT  sing N N 159 
ILE CB  CG1  sing N N 160 
ILE CB  CG2  sing N N 161 
ILE CB  HB   sing N N 162 
ILE CG1 CD1  sing N N 163 
ILE CG1 HG12 sing N N 164 
ILE CG1 HG13 sing N N 165 
ILE CG2 HG21 sing N N 166 
ILE CG2 HG22 sing N N 167 
ILE CG2 HG23 sing N N 168 
ILE CD1 HD11 sing N N 169 
ILE CD1 HD12 sing N N 170 
ILE CD1 HD13 sing N N 171 
ILE OXT HXT  sing N N 172 
IYP N1  C6   doub Y N 173 
IYP N1  C5   sing Y N 174 
IYP C6  N2   sing Y N 175 
IYP C5  C4   doub Y N 176 
IYP N2  C4   sing Y N 177 
IYP OP6 P    doub N N 178 
IYP C4  C3   sing N N 179 
IYP OP4 P    sing N N 180 
IYP P   OP1  sing N N 181 
IYP P   OP5  sing N N 182 
IYP OP1 C1   sing N N 183 
IYP C2  C3   sing N N 184 
IYP C2  O2   sing N N 185 
IYP C2  C1   sing N N 186 
IYP C3  O3   sing N N 187 
IYP OP4 H1   sing N N 188 
IYP OP5 H2   sing N N 189 
IYP C1  H3   sing N N 190 
IYP C1  H4   sing N N 191 
IYP C2  H5   sing N N 192 
IYP O2  H6   sing N N 193 
IYP C3  H7   sing N N 194 
IYP O3  H8   sing N N 195 
IYP N2  H9   sing N N 196 
IYP C6  H10  sing N N 197 
IYP C5  H12  sing N N 198 
LEU N   CA   sing N N 199 
LEU N   H    sing N N 200 
LEU N   H2   sing N N 201 
LEU CA  C    sing N N 202 
LEU CA  CB   sing N N 203 
LEU CA  HA   sing N N 204 
LEU C   O    doub N N 205 
LEU C   OXT  sing N N 206 
LEU CB  CG   sing N N 207 
LEU CB  HB2  sing N N 208 
LEU CB  HB3  sing N N 209 
LEU CG  CD1  sing N N 210 
LEU CG  CD2  sing N N 211 
LEU CG  HG   sing N N 212 
LEU CD1 HD11 sing N N 213 
LEU CD1 HD12 sing N N 214 
LEU CD1 HD13 sing N N 215 
LEU CD2 HD21 sing N N 216 
LEU CD2 HD22 sing N N 217 
LEU CD2 HD23 sing N N 218 
LEU OXT HXT  sing N N 219 
LYS N   CA   sing N N 220 
LYS N   H    sing N N 221 
LYS N   H2   sing N N 222 
LYS CA  C    sing N N 223 
LYS CA  CB   sing N N 224 
LYS CA  HA   sing N N 225 
LYS C   O    doub N N 226 
LYS C   OXT  sing N N 227 
LYS CB  CG   sing N N 228 
LYS CB  HB2  sing N N 229 
LYS CB  HB3  sing N N 230 
LYS CG  CD   sing N N 231 
LYS CG  HG2  sing N N 232 
LYS CG  HG3  sing N N 233 
LYS CD  CE   sing N N 234 
LYS CD  HD2  sing N N 235 
LYS CD  HD3  sing N N 236 
LYS CE  NZ   sing N N 237 
LYS CE  HE2  sing N N 238 
LYS CE  HE3  sing N N 239 
LYS NZ  HZ1  sing N N 240 
LYS NZ  HZ2  sing N N 241 
LYS NZ  HZ3  sing N N 242 
LYS OXT HXT  sing N N 243 
MET N   CA   sing N N 244 
MET N   H    sing N N 245 
MET N   H2   sing N N 246 
MET CA  C    sing N N 247 
MET CA  CB   sing N N 248 
MET CA  HA   sing N N 249 
MET C   O    doub N N 250 
MET C   OXT  sing N N 251 
MET CB  CG   sing N N 252 
MET CB  HB2  sing N N 253 
MET CB  HB3  sing N N 254 
MET CG  SD   sing N N 255 
MET CG  HG2  sing N N 256 
MET CG  HG3  sing N N 257 
MET SD  CE   sing N N 258 
MET CE  HE1  sing N N 259 
MET CE  HE2  sing N N 260 
MET CE  HE3  sing N N 261 
MET OXT HXT  sing N N 262 
PHE N   CA   sing N N 263 
PHE N   H    sing N N 264 
PHE N   H2   sing N N 265 
PHE CA  C    sing N N 266 
PHE CA  CB   sing N N 267 
PHE CA  HA   sing N N 268 
PHE C   O    doub N N 269 
PHE C   OXT  sing N N 270 
PHE CB  CG   sing N N 271 
PHE CB  HB2  sing N N 272 
PHE CB  HB3  sing N N 273 
PHE CG  CD1  doub Y N 274 
PHE CG  CD2  sing Y N 275 
PHE CD1 CE1  sing Y N 276 
PHE CD1 HD1  sing N N 277 
PHE CD2 CE2  doub Y N 278 
PHE CD2 HD2  sing N N 279 
PHE CE1 CZ   doub Y N 280 
PHE CE1 HE1  sing N N 281 
PHE CE2 CZ   sing Y N 282 
PHE CE2 HE2  sing N N 283 
PHE CZ  HZ   sing N N 284 
PHE OXT HXT  sing N N 285 
PRO N   CA   sing N N 286 
PRO N   CD   sing N N 287 
PRO N   H    sing N N 288 
PRO CA  C    sing N N 289 
PRO CA  CB   sing N N 290 
PRO CA  HA   sing N N 291 
PRO C   O    doub N N 292 
PRO C   OXT  sing N N 293 
PRO CB  CG   sing N N 294 
PRO CB  HB2  sing N N 295 
PRO CB  HB3  sing N N 296 
PRO CG  CD   sing N N 297 
PRO CG  HG2  sing N N 298 
PRO CG  HG3  sing N N 299 
PRO CD  HD2  sing N N 300 
PRO CD  HD3  sing N N 301 
PRO OXT HXT  sing N N 302 
SER N   CA   sing N N 303 
SER N   H    sing N N 304 
SER N   H2   sing N N 305 
SER CA  C    sing N N 306 
SER CA  CB   sing N N 307 
SER CA  HA   sing N N 308 
SER C   O    doub N N 309 
SER C   OXT  sing N N 310 
SER CB  OG   sing N N 311 
SER CB  HB2  sing N N 312 
SER CB  HB3  sing N N 313 
SER OG  HG   sing N N 314 
SER OXT HXT  sing N N 315 
THR N   CA   sing N N 316 
THR N   H    sing N N 317 
THR N   H2   sing N N 318 
THR CA  C    sing N N 319 
THR CA  CB   sing N N 320 
THR CA  HA   sing N N 321 
THR C   O    doub N N 322 
THR C   OXT  sing N N 323 
THR CB  OG1  sing N N 324 
THR CB  CG2  sing N N 325 
THR CB  HB   sing N N 326 
THR OG1 HG1  sing N N 327 
THR CG2 HG21 sing N N 328 
THR CG2 HG22 sing N N 329 
THR CG2 HG23 sing N N 330 
THR OXT HXT  sing N N 331 
TYR N   CA   sing N N 332 
TYR N   H    sing N N 333 
TYR N   H2   sing N N 334 
TYR CA  C    sing N N 335 
TYR CA  CB   sing N N 336 
TYR CA  HA   sing N N 337 
TYR C   O    doub N N 338 
TYR C   OXT  sing N N 339 
TYR CB  CG   sing N N 340 
TYR CB  HB2  sing N N 341 
TYR CB  HB3  sing N N 342 
TYR CG  CD1  doub Y N 343 
TYR CG  CD2  sing Y N 344 
TYR CD1 CE1  sing Y N 345 
TYR CD1 HD1  sing N N 346 
TYR CD2 CE2  doub Y N 347 
TYR CD2 HD2  sing N N 348 
TYR CE1 CZ   doub Y N 349 
TYR CE1 HE1  sing N N 350 
TYR CE2 CZ   sing Y N 351 
TYR CE2 HE2  sing N N 352 
TYR CZ  OH   sing N N 353 
TYR OH  HH   sing N N 354 
TYR OXT HXT  sing N N 355 
VAL N   CA   sing N N 356 
VAL N   H    sing N N 357 
VAL N   H2   sing N N 358 
VAL CA  C    sing N N 359 
VAL CA  CB   sing N N 360 
VAL CA  HA   sing N N 361 
VAL C   O    doub N N 362 
VAL C   OXT  sing N N 363 
VAL CB  CG1  sing N N 364 
VAL CB  CG2  sing N N 365 
VAL CB  HB   sing N N 366 
VAL CG1 HG11 sing N N 367 
VAL CG1 HG12 sing N N 368 
VAL CG1 HG13 sing N N 369 
VAL CG2 HG21 sing N N 370 
VAL CG2 HG22 sing N N 371 
VAL CG2 HG23 sing N N 372 
VAL OXT HXT  sing N N 373 
# 
loop_
_pdbx_entity_nonpoly.entity_id 
_pdbx_entity_nonpoly.name 
_pdbx_entity_nonpoly.comp_id 
2 '(2R,3S)-2,3-dihydroxy-3-(1H-imidazol-5-yl)propyl dihydrogen phosphate' IYP 
3 'MANGANESE (II) ION'                                                    MN  
4 water                                                                   HOH 
# 
_pdbx_initial_refinement_model.id               1 
_pdbx_initial_refinement_model.entity_id_list   ? 
_pdbx_initial_refinement_model.type             'experimental model' 
_pdbx_initial_refinement_model.source_name      PDB 
_pdbx_initial_refinement_model.accession_code   4GQU 
_pdbx_initial_refinement_model.details          ? 
# 
